data_4OJI
# 
_entry.id   4OJI 
# 
_audit_conform.dict_name       mmcif_pdbx.dic 
_audit_conform.dict_version    5.387 
_audit_conform.dict_location   http://mmcif.pdb.org/dictionaries/ascii/mmcif_pdbx.dic 
# 
loop_
_database_2.database_id 
_database_2.database_code 
_database_2.pdbx_database_accession 
_database_2.pdbx_DOI 
PDB   4OJI         pdb_00004oji 10.2210/pdb4oji/pdb 
NDB   NA2902       ?            ?                   
RCSB  RCSB084571   ?            ?                   
WWPDB D_1000084571 ?            ?                   
# 
loop_
_pdbx_audit_revision_history.ordinal 
_pdbx_audit_revision_history.data_content_type 
_pdbx_audit_revision_history.major_revision 
_pdbx_audit_revision_history.minor_revision 
_pdbx_audit_revision_history.revision_date 
1 'Structure model' 1 0 2014-07-23 
2 'Structure model' 1 1 2014-08-27 
3 'Structure model' 1 2 2014-09-03 
4 'Structure model' 1 3 2024-02-28 
# 
_pdbx_audit_revision_details.ordinal             1 
_pdbx_audit_revision_details.revision_ordinal    1 
_pdbx_audit_revision_details.data_content_type   'Structure model' 
_pdbx_audit_revision_details.provider            repository 
_pdbx_audit_revision_details.type                'Initial release' 
_pdbx_audit_revision_details.description         ? 
_pdbx_audit_revision_details.details             ? 
# 
loop_
_pdbx_audit_revision_group.ordinal 
_pdbx_audit_revision_group.revision_ordinal 
_pdbx_audit_revision_group.data_content_type 
_pdbx_audit_revision_group.group 
1 2 'Structure model' 'Database references'  
2 3 'Structure model' 'Database references'  
3 4 'Structure model' 'Data collection'      
4 4 'Structure model' 'Database references'  
5 4 'Structure model' 'Derived calculations' 
# 
loop_
_pdbx_audit_revision_category.ordinal 
_pdbx_audit_revision_category.revision_ordinal 
_pdbx_audit_revision_category.data_content_type 
_pdbx_audit_revision_category.category 
1 4 'Structure model' chem_comp_atom         
2 4 'Structure model' chem_comp_bond         
3 4 'Structure model' database_2             
4 4 'Structure model' pdbx_struct_conn_angle 
5 4 'Structure model' struct_conn            
6 4 'Structure model' struct_site            
# 
loop_
_pdbx_audit_revision_item.ordinal 
_pdbx_audit_revision_item.revision_ordinal 
_pdbx_audit_revision_item.data_content_type 
_pdbx_audit_revision_item.item 
1  4 'Structure model' '_database_2.pdbx_DOI'                        
2  4 'Structure model' '_database_2.pdbx_database_accession'         
3  4 'Structure model' '_pdbx_struct_conn_angle.ptnr1_auth_comp_id'  
4  4 'Structure model' '_pdbx_struct_conn_angle.ptnr1_auth_seq_id'   
5  4 'Structure model' '_pdbx_struct_conn_angle.ptnr1_label_asym_id' 
6  4 'Structure model' '_pdbx_struct_conn_angle.ptnr1_label_atom_id' 
7  4 'Structure model' '_pdbx_struct_conn_angle.ptnr1_label_comp_id' 
8  4 'Structure model' '_pdbx_struct_conn_angle.ptnr1_label_seq_id'  
9  4 'Structure model' '_pdbx_struct_conn_angle.ptnr2_auth_seq_id'   
10 4 'Structure model' '_pdbx_struct_conn_angle.ptnr2_label_asym_id' 
11 4 'Structure model' '_pdbx_struct_conn_angle.ptnr3_auth_comp_id'  
12 4 'Structure model' '_pdbx_struct_conn_angle.ptnr3_auth_seq_id'   
13 4 'Structure model' '_pdbx_struct_conn_angle.ptnr3_label_asym_id' 
14 4 'Structure model' '_pdbx_struct_conn_angle.ptnr3_label_atom_id' 
15 4 'Structure model' '_pdbx_struct_conn_angle.ptnr3_label_comp_id' 
16 4 'Structure model' '_pdbx_struct_conn_angle.ptnr3_label_seq_id'  
17 4 'Structure model' '_pdbx_struct_conn_angle.value'               
18 4 'Structure model' '_struct_conn.pdbx_dist_value'                
19 4 'Structure model' '_struct_conn.ptnr1_auth_comp_id'             
20 4 'Structure model' '_struct_conn.ptnr1_auth_seq_id'              
21 4 'Structure model' '_struct_conn.ptnr1_label_asym_id'            
22 4 'Structure model' '_struct_conn.ptnr1_label_atom_id'            
23 4 'Structure model' '_struct_conn.ptnr1_label_comp_id'            
24 4 'Structure model' '_struct_conn.ptnr1_label_seq_id'             
25 4 'Structure model' '_struct_conn.ptnr2_auth_comp_id'             
26 4 'Structure model' '_struct_conn.ptnr2_auth_seq_id'              
27 4 'Structure model' '_struct_conn.ptnr2_label_asym_id'            
28 4 'Structure model' '_struct_conn.ptnr2_label_atom_id'            
29 4 'Structure model' '_struct_conn.ptnr2_label_comp_id'            
30 4 'Structure model' '_struct_site.pdbx_auth_asym_id'              
31 4 'Structure model' '_struct_site.pdbx_auth_comp_id'              
32 4 'Structure model' '_struct_site.pdbx_auth_seq_id'               
# 
_database_PDB_caveat.id     1 
_database_PDB_caveat.text   'The calculated R_free(0.1680) is smaller than R_work(0.1753)' 
# 
_pdbx_database_status.entry_id                        4OJI 
_pdbx_database_status.deposit_site                    RCSB 
_pdbx_database_status.process_site                    RCSB 
_pdbx_database_status.recvd_initial_deposition_date   2014-01-21 
_pdbx_database_status.status_code                     REL 
_pdbx_database_status.status_code_sf                  REL 
_pdbx_database_status.status_code_mr                  ? 
_pdbx_database_status.SG_entry                        ? 
_pdbx_database_status.status_code_cs                  ? 
_pdbx_database_status.methods_development_category    ? 
_pdbx_database_status.pdb_format_compatible           Y 
_pdbx_database_status.status_code_nmr_data            ? 
# 
loop_
_audit_author.name 
_audit_author.pdbx_ordinal 
'Liu, Y.'        1 
'Wilson, T.J.'   2 
'McPhee, S.A.'   3 
'Lilley, D.M.J.' 4 
# 
_citation.id                        primary 
_citation.title                     'Crystal structure and mechanistic investigation of the twister ribozyme.' 
_citation.journal_abbrev            Nat.Chem.Biol. 
_citation.journal_volume            10 
_citation.page_first                739 
_citation.page_last                 744 
_citation.year                      2014 
_citation.journal_id_ASTM           ? 
_citation.country                   US 
_citation.journal_id_ISSN           1552-4450 
_citation.journal_id_CSD            ? 
_citation.book_publisher            ? 
_citation.pdbx_database_id_PubMed   25038788 
_citation.pdbx_database_id_DOI      10.1038/nchembio.1587 
# 
loop_
_citation_author.citation_id 
_citation_author.name 
_citation_author.ordinal 
_citation_author.identifier_ORCID 
primary 'Liu, Y.'      1 ? 
primary 'Wilson, T.J.' 2 ? 
primary 'McPhee, S.A.' 3 ? 
primary 'Lilley, D.M.' 4 ? 
# 
loop_
_entity.id 
_entity.type 
_entity.src_method 
_entity.pdbx_description 
_entity.formula_weight 
_entity.pdbx_number_of_molecules 
_entity.pdbx_ec 
_entity.pdbx_mutation 
_entity.pdbx_fragment 
_entity.details 
1 polymer     syn 'RNA (52-MER)'  17457.506 1  ? ? ? ? 
2 non-polymer syn 'MAGNESIUM ION' 24.305    5  ? ? ? ? 
3 water       nat water           18.015    50 ? ? ? ? 
# 
_entity_poly.entity_id                      1 
_entity_poly.type                           polyribonucleotide 
_entity_poly.nstd_linkage                   no 
_entity_poly.nstd_monomer                   no 
_entity_poly.pdbx_seq_one_letter_code       'CCGCC(DU)AACACUGCCAAUGCCGGUCCCAAGCCCGGAUAAAAGUGGAGGGGGCGG' 
_entity_poly.pdbx_seq_one_letter_code_can   CCGCCUAACACUGCCAAUGCCGGUCCCAAGCCCGGAUAAAAGUGGAGGGGGCGG 
_entity_poly.pdbx_strand_id                 A 
_entity_poly.pdbx_target_identifier         ? 
# 
loop_
_pdbx_entity_nonpoly.entity_id 
_pdbx_entity_nonpoly.name 
_pdbx_entity_nonpoly.comp_id 
2 'MAGNESIUM ION' MG  
3 water           HOH 
# 
loop_
_entity_poly_seq.entity_id 
_entity_poly_seq.num 
_entity_poly_seq.mon_id 
_entity_poly_seq.hetero 
1 1  C  n 
1 2  C  n 
1 3  G  n 
1 4  C  n 
1 5  C  n 
1 6  DU n 
1 7  A  n 
1 8  A  n 
1 9  C  n 
1 10 A  n 
1 11 C  n 
1 12 U  n 
1 13 G  n 
1 14 C  n 
1 15 C  n 
1 16 A  n 
1 17 A  n 
1 18 U  n 
1 19 G  n 
1 20 C  n 
1 21 C  n 
1 22 G  n 
1 23 G  n 
1 24 U  n 
1 25 C  n 
1 26 C  n 
1 27 C  n 
1 28 A  n 
1 29 A  n 
1 30 G  n 
1 31 C  n 
1 32 C  n 
1 33 C  n 
1 34 G  n 
1 35 G  n 
1 36 A  n 
1 37 U  n 
1 38 A  n 
1 39 A  n 
1 40 A  n 
1 41 A  n 
1 42 G  n 
1 43 U  n 
1 44 G  n 
1 45 G  n 
1 46 A  n 
1 47 G  n 
1 48 G  n 
1 49 G  n 
1 50 G  n 
1 51 G  n 
1 52 C  n 
1 53 G  n 
1 54 G  n 
# 
_pdbx_entity_src_syn.entity_id              1 
_pdbx_entity_src_syn.pdbx_src_id            1 
_pdbx_entity_src_syn.pdbx_alt_source_flag   sample 
_pdbx_entity_src_syn.pdbx_beg_seq_num       ? 
_pdbx_entity_src_syn.pdbx_end_seq_num       ? 
_pdbx_entity_src_syn.organism_scientific    ? 
_pdbx_entity_src_syn.organism_common_name   ? 
_pdbx_entity_src_syn.ncbi_taxonomy_id       ? 
_pdbx_entity_src_syn.details                'synthetic RNA sample according to O.sativa sequence.' 
# 
loop_
_chem_comp.id 
_chem_comp.type 
_chem_comp.mon_nstd_flag 
_chem_comp.name 
_chem_comp.pdbx_synonyms 
_chem_comp.formula 
_chem_comp.formula_weight 
A   'RNA linking' y "ADENOSINE-5'-MONOPHOSPHATE"       ? 'C10 H14 N5 O7 P' 347.221 
C   'RNA linking' y "CYTIDINE-5'-MONOPHOSPHATE"        ? 'C9 H14 N3 O8 P'  323.197 
DU  'DNA linking' y "2'-DEOXYURIDINE-5'-MONOPHOSPHATE" ? 'C9 H13 N2 O8 P'  308.182 
G   'RNA linking' y "GUANOSINE-5'-MONOPHOSPHATE"       ? 'C10 H14 N5 O8 P' 363.221 
HOH non-polymer   . WATER                              ? 'H2 O'            18.015  
MG  non-polymer   . 'MAGNESIUM ION'                    ? 'Mg 2'            24.305  
U   'RNA linking' y "URIDINE-5'-MONOPHOSPHATE"         ? 'C9 H13 N2 O9 P'  324.181 
# 
loop_
_pdbx_poly_seq_scheme.asym_id 
_pdbx_poly_seq_scheme.entity_id 
_pdbx_poly_seq_scheme.seq_id 
_pdbx_poly_seq_scheme.mon_id 
_pdbx_poly_seq_scheme.ndb_seq_num 
_pdbx_poly_seq_scheme.pdb_seq_num 
_pdbx_poly_seq_scheme.auth_seq_num 
_pdbx_poly_seq_scheme.pdb_mon_id 
_pdbx_poly_seq_scheme.auth_mon_id 
_pdbx_poly_seq_scheme.pdb_strand_id 
_pdbx_poly_seq_scheme.pdb_ins_code 
_pdbx_poly_seq_scheme.hetero 
A 1 1  C  1  1  1  C  C  A . n 
A 1 2  C  2  2  2  C  C  A . n 
A 1 3  G  3  3  3  G  G  A . n 
A 1 4  C  4  4  4  C  C  A . n 
A 1 5  C  5  5  5  C  C  A . n 
A 1 6  DU 6  6  6  DU DU A . n 
A 1 7  A  7  7  7  A  A  A . n 
A 1 8  A  8  8  8  A  A  A . n 
A 1 9  C  9  9  9  C  C  A . n 
A 1 10 A  10 10 10 A  A  A . n 
A 1 11 C  11 11 11 C  C  A . n 
A 1 12 U  12 12 12 U  U  A . n 
A 1 13 G  13 13 13 G  G  A . n 
A 1 14 C  14 14 14 C  C  A . n 
A 1 15 C  15 15 15 C  C  A . n 
A 1 16 A  16 16 16 A  A  A . n 
A 1 17 A  17 17 ?  ?  ?  A . n 
A 1 18 U  18 18 ?  ?  ?  A . n 
A 1 19 G  19 19 19 G  G  A . n 
A 1 20 C  20 20 20 C  C  A . n 
A 1 21 C  21 21 21 C  C  A . n 
A 1 22 G  22 22 22 G  G  A . n 
A 1 23 G  23 23 23 G  G  A . n 
A 1 24 U  24 24 24 U  U  A . n 
A 1 25 C  25 25 25 C  C  A . n 
A 1 26 C  26 26 26 C  C  A . n 
A 1 27 C  27 27 27 C  C  A . n 
A 1 28 A  28 28 28 A  A  A . n 
A 1 29 A  29 29 29 A  A  A . n 
A 1 30 G  30 30 30 G  G  A . n 
A 1 31 C  31 31 31 C  C  A . n 
A 1 32 C  32 32 32 C  C  A . n 
A 1 33 C  33 33 33 C  C  A . n 
A 1 34 G  34 34 34 G  G  A . n 
A 1 35 G  35 35 35 G  G  A . n 
A 1 36 A  36 36 36 A  A  A . n 
A 1 37 U  37 37 37 U  U  A . n 
A 1 38 A  38 38 38 A  A  A . n 
A 1 39 A  39 39 39 A  A  A . n 
A 1 40 A  40 40 40 A  A  A . n 
A 1 41 A  41 41 41 A  A  A . n 
A 1 42 G  42 42 42 G  G  A . n 
A 1 43 U  43 43 43 U  U  A . n 
A 1 44 G  44 44 44 G  G  A . n 
A 1 45 G  45 45 45 G  G  A . n 
A 1 46 A  46 46 46 A  A  A . n 
A 1 47 G  47 47 47 G  G  A . n 
A 1 48 G  48 48 48 G  G  A . n 
A 1 49 G  49 49 49 G  G  A . n 
A 1 50 G  50 50 50 G  G  A . n 
A 1 51 G  51 51 51 G  G  A . n 
A 1 52 C  52 52 52 C  C  A . n 
A 1 53 G  53 53 53 G  G  A . n 
A 1 54 G  54 54 54 G  G  A . n 
# 
loop_
_pdbx_nonpoly_scheme.asym_id 
_pdbx_nonpoly_scheme.entity_id 
_pdbx_nonpoly_scheme.mon_id 
_pdbx_nonpoly_scheme.ndb_seq_num 
_pdbx_nonpoly_scheme.pdb_seq_num 
_pdbx_nonpoly_scheme.auth_seq_num 
_pdbx_nonpoly_scheme.pdb_mon_id 
_pdbx_nonpoly_scheme.auth_mon_id 
_pdbx_nonpoly_scheme.pdb_strand_id 
_pdbx_nonpoly_scheme.pdb_ins_code 
B 2 MG  1  101 55  MG  MG  A . 
C 2 MG  1  102 56  MG  MG  A . 
D 2 MG  1  103 57  MG  MG  A . 
E 2 MG  1  104 58  MG  MG  A . 
F 2 MG  1  105 59  MG  MG  A . 
G 3 HOH 1  201 102 HOH HOH A . 
G 3 HOH 2  202 103 HOH HOH A . 
G 3 HOH 3  203 104 HOH HOH A . 
G 3 HOH 4  204 105 HOH HOH A . 
G 3 HOH 5  205 106 HOH HOH A . 
G 3 HOH 6  206 107 HOH HOH A . 
G 3 HOH 7  207 108 HOH HOH A . 
G 3 HOH 8  208 109 HOH HOH A . 
G 3 HOH 9  209 110 HOH HOH A . 
G 3 HOH 10 210 111 HOH HOH A . 
G 3 HOH 11 211 112 HOH HOH A . 
G 3 HOH 12 212 113 HOH HOH A . 
G 3 HOH 13 213 114 HOH HOH A . 
G 3 HOH 14 214 115 HOH HOH A . 
G 3 HOH 15 215 116 HOH HOH A . 
G 3 HOH 16 216 117 HOH HOH A . 
G 3 HOH 17 217 118 HOH HOH A . 
G 3 HOH 18 218 119 HOH HOH A . 
G 3 HOH 19 219 120 HOH HOH A . 
G 3 HOH 20 220 121 HOH HOH A . 
G 3 HOH 21 221 122 HOH HOH A . 
G 3 HOH 22 222 123 HOH HOH A . 
G 3 HOH 23 223 124 HOH HOH A . 
G 3 HOH 24 224 125 HOH HOH A . 
G 3 HOH 25 225 126 HOH HOH A . 
G 3 HOH 26 226 127 HOH HOH A . 
G 3 HOH 27 227 128 HOH HOH A . 
G 3 HOH 28 228 129 HOH HOH A . 
G 3 HOH 29 229 130 HOH HOH A . 
G 3 HOH 30 230 131 HOH HOH A . 
G 3 HOH 31 231 132 HOH HOH A . 
G 3 HOH 32 232 133 HOH HOH A . 
G 3 HOH 33 233 134 HOH HOH A . 
G 3 HOH 34 234 135 HOH HOH A . 
G 3 HOH 35 235 136 HOH HOH A . 
G 3 HOH 36 236 137 HOH HOH A . 
G 3 HOH 37 237 138 HOH HOH A . 
G 3 HOH 38 238 139 HOH HOH A . 
G 3 HOH 39 239 140 HOH HOH A . 
G 3 HOH 40 240 141 HOH HOH A . 
G 3 HOH 41 241 142 HOH HOH A . 
G 3 HOH 42 242 143 HOH HOH A . 
G 3 HOH 43 243 144 HOH HOH A . 
G 3 HOH 44 244 145 HOH HOH A . 
G 3 HOH 45 245 146 HOH HOH A . 
G 3 HOH 46 246 147 HOH HOH A . 
G 3 HOH 47 247 148 HOH HOH A . 
G 3 HOH 48 248 149 HOH HOH A . 
G 3 HOH 49 249 150 HOH HOH A . 
G 3 HOH 50 250 151 HOH HOH A . 
# 
loop_
_software.pdbx_ordinal 
_software.name 
_software.version 
_software.date 
_software.type 
_software.contact_author 
_software.contact_author_email 
_software.classification 
_software.location 
_software.language 
_software.citation_id 
1 MOSFLM      0.2.8      04/10/13        package 'Andrew G.W. Leslie' andrew@mrc-lmb.cam.ac.uk    'data reduction'  
http://www.mrc-lmb.cam.ac.uk/harry/mosflm/  ?          ? 
2 SCALA       0.2.8      04/10/13        other   'Phil R. Evans'      pre@mrc-lmb.cam.ac.uk       'data scaling'    
http://www.ccp4.ac.uk/dist/html/scala.html  Fortran_77 ? 
3 PHASER      .          ?               program 'Randy J. Read'      cimr-phaser@lists.cam.ac.uk phasing           
http://www-structmed.cimr.cam.ac.uk/phaser/ ?          ? 
4 PHENIX      1.8.4_1496 ?               package 'Paul D. Adams'      PDAdams@lbl.gov             refinement        
http://www.phenix-online.org/               C++        ? 
5 PDB_EXTRACT 3.14       'Dec. 10, 2013' package PDB                  deposit@deposit.rcsb.org    'data extraction' 
http://sw-tools.pdb.org/apps/PDB_EXTRACT/   C++        ? 
6 ADSC        Quantum    ?               ?       ?                    ?                           'data collection' ? ?          ? 
# 
_cell.length_a           55.380 
_cell.length_b           55.380 
_cell.length_c           175.471 
_cell.angle_alpha        90.000 
_cell.angle_beta         90.000 
_cell.angle_gamma        120.000 
_cell.entry_id           4OJI 
_cell.pdbx_unique_axis   ? 
_cell.Z_PDB              12 
_cell.length_a_esd       ? 
_cell.length_b_esd       ? 
_cell.length_c_esd       ? 
_cell.angle_alpha_esd    ? 
_cell.angle_beta_esd     ? 
_cell.angle_gamma_esd    ? 
# 
_symmetry.space_group_name_H-M             'P 65 2 2' 
_symmetry.entry_id                         4OJI 
_symmetry.pdbx_full_space_group_name_H-M   ? 
_symmetry.Int_Tables_number                179 
_symmetry.cell_setting                     ? 
_symmetry.space_group_name_Hall            ? 
# 
_exptl.crystals_number   1 
_exptl.entry_id          4OJI 
_exptl.method            'X-RAY DIFFRACTION' 
# 
_exptl_crystal.id                    1 
_exptl_crystal.density_Matthews      2.22 
_exptl_crystal.density_meas          ? 
_exptl_crystal.density_percent_sol   44.67 
_exptl_crystal.description           ? 
_exptl_crystal.F_000                 ? 
_exptl_crystal.preparation           ? 
# 
_exptl_crystal_grow.crystal_id      1 
_exptl_crystal_grow.method          EVAPORATION 
_exptl_crystal_grow.pH              ? 
_exptl_crystal_grow.temp            280 
_exptl_crystal_grow.temp_details    ? 
_exptl_crystal_grow.pdbx_details    'PEG8000, ammonium acetate, magnesium chloride, , pH pH8, EVAPORATION, temperature 280K' 
_exptl_crystal_grow.pdbx_pH_range   pH8 
# 
_diffrn.id                     1 
_diffrn.ambient_temp           100 
_diffrn.ambient_temp_details   ? 
_diffrn.crystal_id             1 
# 
_diffrn_detector.diffrn_id              1 
_diffrn_detector.detector               CCD 
_diffrn_detector.type                   'ADSC QUANTUM 315' 
_diffrn_detector.pdbx_collection_date   2013-08-31 
_diffrn_detector.details                ? 
# 
_diffrn_radiation.diffrn_id                        1 
_diffrn_radiation.wavelength_id                    1 
_diffrn_radiation.pdbx_diffrn_protocol             'SINGLE WAVELENGTH' 
_diffrn_radiation.monochromator                    ? 
_diffrn_radiation.pdbx_monochromatic_or_laue_m_l   M 
_diffrn_radiation.pdbx_scattering_type             x-ray 
# 
_diffrn_radiation_wavelength.id           1 
_diffrn_radiation_wavelength.wavelength   0.9393 
_diffrn_radiation_wavelength.wt           1.0 
# 
_diffrn_source.diffrn_id                   1 
_diffrn_source.source                      SYNCHROTRON 
_diffrn_source.type                        'ESRF BEAMLINE ID14-4' 
_diffrn_source.pdbx_wavelength             ? 
_diffrn_source.pdbx_wavelength_list        0.9393 
_diffrn_source.pdbx_synchrotron_site       ESRF 
_diffrn_source.pdbx_synchrotron_beamline   ID14-4 
# 
_reflns.entry_id                     4OJI 
_reflns.d_resolution_high            2.300 
_reflns.d_resolution_low             47.960 
_reflns.number_obs                   7704 
_reflns.pdbx_redundancy              4.700 
_reflns.percent_possible_obs         99.500 
_reflns.B_iso_Wilson_estimate        45.700 
_reflns.observed_criterion_sigma_F   ? 
_reflns.observed_criterion_sigma_I   ? 
_reflns.number_all                   ? 
_reflns.pdbx_Rmerge_I_obs            0.079 
_reflns.pdbx_Rsym_value              ? 
_reflns.pdbx_netI_over_sigmaI        10.2 
_reflns.R_free_details               ? 
_reflns.limit_h_max                  ? 
_reflns.limit_h_min                  ? 
_reflns.limit_k_max                  ? 
_reflns.limit_k_min                  ? 
_reflns.limit_l_max                  ? 
_reflns.limit_l_min                  ? 
_reflns.observed_criterion_F_max     ? 
_reflns.observed_criterion_F_min     ? 
_reflns.pdbx_chi_squared             ? 
_reflns.pdbx_scaling_rejects         ? 
_reflns.pdbx_ordinal                 1 
_reflns.pdbx_diffrn_id               1 
# 
_refine.entry_id                                 4OJI 
_refine.pdbx_refine_id                           'X-RAY DIFFRACTION' 
_refine.ls_d_res_high                            2.3000 
_refine.ls_d_res_low                             47.9600 
_refine.pdbx_ls_sigma_F                          1.350 
_refine.pdbx_data_cutoff_high_absF               ? 
_refine.pdbx_data_cutoff_low_absF                ? 
_refine.ls_percent_reflns_obs                    99.2900 
_refine.ls_number_reflns_obs                     7646 
_refine.ls_number_reflns_all                     ? 
_refine.pdbx_ls_cross_valid_method               ? 
_refine.ls_matrix_type                           ? 
_refine.pdbx_R_Free_selection_details            ? 
_refine.details                                  ? 
_refine.ls_R_factor_all                          ? 
_refine.ls_R_factor_obs                          0.1809 
_refine.ls_R_factor_R_work                       0.1797 
_refine.ls_wR_factor_R_work                      ? 
_refine.ls_R_factor_R_free                       0.2028 
_refine.ls_wR_factor_R_free                      ? 
_refine.ls_percent_reflns_R_free                 4.6200 
_refine.ls_number_reflns_R_free                  353 
_refine.ls_number_reflns_R_work                  7293 
_refine.ls_R_factor_R_free_error                 ? 
_refine.B_iso_mean                               41.8900 
_refine.solvent_model_param_bsol                 ? 
_refine.solvent_model_param_ksol                 ? 
_refine.pdbx_isotropic_thermal_model             ? 
_refine.aniso_B[1][1]                            ? 
_refine.aniso_B[2][2]                            ? 
_refine.aniso_B[3][3]                            ? 
_refine.aniso_B[1][2]                            ? 
_refine.aniso_B[1][3]                            ? 
_refine.aniso_B[2][3]                            ? 
_refine.correlation_coeff_Fo_to_Fc               ? 
_refine.correlation_coeff_Fo_to_Fc_free          ? 
_refine.overall_SU_R_Cruickshank_DPI             ? 
_refine.pdbx_overall_SU_R_free_Cruickshank_DPI   ? 
_refine.pdbx_overall_SU_R_Blow_DPI               ? 
_refine.pdbx_overall_SU_R_free_Blow_DPI          ? 
_refine.overall_SU_R_free                        ? 
_refine.pdbx_overall_ESU_R                       ? 
_refine.pdbx_overall_ESU_R_Free                  ? 
_refine.overall_SU_ML                            0.2800 
_refine.overall_SU_B                             ? 
_refine.solvent_model_details                    'FLAT BULK SOLVENT MODEL' 
_refine.pdbx_solvent_vdw_probe_radii             1.1100 
_refine.pdbx_solvent_ion_probe_radii             ? 
_refine.pdbx_solvent_shrinkage_radii             0.9000 
_refine.ls_number_parameters                     ? 
_refine.ls_number_restraints                     ? 
_refine.pdbx_starting_model                      ? 
_refine.pdbx_method_to_determine_struct          ? 
_refine.pdbx_stereochemistry_target_values       ML 
_refine.pdbx_stereochem_target_val_spec_case     ? 
_refine.overall_FOM_work_R_set                   0.8123 
_refine.B_iso_max                                148.600 
_refine.B_iso_min                                12.450 
_refine.pdbx_overall_phase_error                 23.4400 
_refine.occupancy_max                            ? 
_refine.occupancy_min                            ? 
_refine.pdbx_diffrn_id                           1 
_refine.pdbx_ls_sigma_I                          ? 
_refine.ls_redundancy_reflns_obs                 ? 
_refine.ls_R_factor_R_free_error_details         ? 
_refine.pdbx_data_cutoff_high_rms_absF           ? 
_refine.overall_FOM_free_R_set                   ? 
_refine.pdbx_TLS_residual_ADP_flag               ? 
# 
_refine_hist.pdbx_refine_id                   'X-RAY DIFFRACTION' 
_refine_hist.cycle_id                         LAST 
_refine_hist.pdbx_number_atoms_protein        0 
_refine_hist.pdbx_number_atoms_nucleic_acid   1114 
_refine_hist.pdbx_number_atoms_ligand         5 
_refine_hist.number_atoms_solvent             50 
_refine_hist.number_atoms_total               1169 
_refine_hist.d_res_high                       2.3000 
_refine_hist.d_res_low                        47.9600 
# 
loop_
_refine_ls_restr.pdbx_refine_id 
_refine_ls_restr.type 
_refine_ls_restr.number 
_refine_ls_restr.dev_ideal 
_refine_ls_restr.dev_ideal_target 
_refine_ls_restr.weight 
_refine_ls_restr.pdbx_restraint_function 
'X-RAY DIFFRACTION' f_bond_d           1291 0.003  ? ? ? 
'X-RAY DIFFRACTION' f_angle_d          2013 0.633  ? ? ? 
'X-RAY DIFFRACTION' f_chiral_restr     266  0.030  ? ? ? 
'X-RAY DIFFRACTION' f_plane_restr      54   0.003  ? ? ? 
'X-RAY DIFFRACTION' f_dihedral_angle_d 643  14.234 ? ? ? 
# 
loop_
_refine_ls_shell.d_res_high 
_refine_ls_shell.d_res_low 
_refine_ls_shell.pdbx_total_number_of_bins_used 
_refine_ls_shell.percent_reflns_obs 
_refine_ls_shell.number_reflns_R_work 
_refine_ls_shell.R_factor_all 
_refine_ls_shell.R_factor_R_work 
_refine_ls_shell.R_factor_R_free 
_refine_ls_shell.percent_reflns_R_free 
_refine_ls_shell.number_reflns_R_free 
_refine_ls_shell.R_factor_R_free_error 
_refine_ls_shell.number_reflns_all 
_refine_ls_shell.number_reflns_obs 
_refine_ls_shell.pdbx_refine_id 
_refine_ls_shell.redundancy_reflns_obs 
2.3003 2.6331  3 100.0000 2350 . 0.2653 0.3570 . 116 . 2466 . 'X-RAY DIFFRACTION' . 
2.6331 3.3173  3 99.0000  2381 . 0.2059 0.2306 . 121 . 2502 . 'X-RAY DIFFRACTION' . 
3.3173 47.9708 3 98.0000  2562 . 0.1506 0.1603 . 116 . 2678 . 'X-RAY DIFFRACTION' . 
# 
_struct.entry_id                  4OJI 
_struct.title                     'Crystal Structure of Twister Ribozyme' 
_struct.pdbx_model_details        ? 
_struct.pdbx_CASP_flag            ? 
_struct.pdbx_model_type_details   ? 
# 
_struct_keywords.entry_id        4OJI 
_struct_keywords.pdbx_keywords   RNA 
_struct_keywords.text            'pseudoknot, self-cleavage, RNA' 
# 
loop_
_struct_asym.id 
_struct_asym.pdbx_blank_PDB_chainid_flag 
_struct_asym.pdbx_modified 
_struct_asym.entity_id 
_struct_asym.details 
A N N 1 ? 
B N N 2 ? 
C N N 2 ? 
D N N 2 ? 
E N N 2 ? 
F N N 2 ? 
G N N 3 ? 
# 
_struct_ref.id                         1 
_struct_ref.db_name                    PDB 
_struct_ref.db_code                    4OJI 
_struct_ref.pdbx_db_accession          4OJI 
_struct_ref.entity_id                  1 
_struct_ref.pdbx_align_begin           ? 
_struct_ref.pdbx_seq_one_letter_code   ? 
_struct_ref.pdbx_db_isoform            ? 
# 
_struct_ref_seq.align_id                      1 
_struct_ref_seq.ref_id                        1 
_struct_ref_seq.pdbx_PDB_id_code              4OJI 
_struct_ref_seq.pdbx_strand_id                A 
_struct_ref_seq.seq_align_beg                 1 
_struct_ref_seq.pdbx_seq_align_beg_ins_code   ? 
_struct_ref_seq.seq_align_end                 54 
_struct_ref_seq.pdbx_seq_align_end_ins_code   ? 
_struct_ref_seq.pdbx_db_accession             4OJI 
_struct_ref_seq.db_align_beg                  1 
_struct_ref_seq.pdbx_db_align_beg_ins_code    ? 
_struct_ref_seq.db_align_end                  54 
_struct_ref_seq.pdbx_db_align_end_ins_code    ? 
_struct_ref_seq.pdbx_auth_seq_align_beg       1 
_struct_ref_seq.pdbx_auth_seq_align_end       54 
# 
_pdbx_struct_assembly.id                   1 
_pdbx_struct_assembly.details              author_defined_assembly 
_pdbx_struct_assembly.method_details       ? 
_pdbx_struct_assembly.oligomeric_details   monomeric 
_pdbx_struct_assembly.oligomeric_count     1 
# 
_pdbx_struct_assembly_gen.assembly_id       1 
_pdbx_struct_assembly_gen.oper_expression   1 
_pdbx_struct_assembly_gen.asym_id_list      A,B,C,D,E,F,G 
# 
_pdbx_struct_oper_list.id                   1 
_pdbx_struct_oper_list.type                 'identity operation' 
_pdbx_struct_oper_list.name                 1_555 
_pdbx_struct_oper_list.symmetry_operation   x,y,z 
_pdbx_struct_oper_list.matrix[1][1]         1.0000000000 
_pdbx_struct_oper_list.matrix[1][2]         0.0000000000 
_pdbx_struct_oper_list.matrix[1][3]         0.0000000000 
_pdbx_struct_oper_list.vector[1]            0.0000000000 
_pdbx_struct_oper_list.matrix[2][1]         0.0000000000 
_pdbx_struct_oper_list.matrix[2][2]         1.0000000000 
_pdbx_struct_oper_list.matrix[2][3]         0.0000000000 
_pdbx_struct_oper_list.vector[2]            0.0000000000 
_pdbx_struct_oper_list.matrix[3][1]         0.0000000000 
_pdbx_struct_oper_list.matrix[3][2]         0.0000000000 
_pdbx_struct_oper_list.matrix[3][3]         1.0000000000 
_pdbx_struct_oper_list.vector[3]            0.0000000000 
# 
_struct_biol.id        1 
_struct_biol.details   'biological unit is the same as asym.' 
# 
loop_
_struct_conn.id 
_struct_conn.conn_type_id 
_struct_conn.pdbx_leaving_atom_flag 
_struct_conn.pdbx_PDB_id 
_struct_conn.ptnr1_label_asym_id 
_struct_conn.ptnr1_label_comp_id 
_struct_conn.ptnr1_label_seq_id 
_struct_conn.ptnr1_label_atom_id 
_struct_conn.pdbx_ptnr1_label_alt_id 
_struct_conn.pdbx_ptnr1_PDB_ins_code 
_struct_conn.pdbx_ptnr1_standard_comp_id 
_struct_conn.ptnr1_symmetry 
_struct_conn.ptnr2_label_asym_id 
_struct_conn.ptnr2_label_comp_id 
_struct_conn.ptnr2_label_seq_id 
_struct_conn.ptnr2_label_atom_id 
_struct_conn.pdbx_ptnr2_label_alt_id 
_struct_conn.pdbx_ptnr2_PDB_ins_code 
_struct_conn.ptnr1_auth_asym_id 
_struct_conn.ptnr1_auth_comp_id 
_struct_conn.ptnr1_auth_seq_id 
_struct_conn.ptnr2_auth_asym_id 
_struct_conn.ptnr2_auth_comp_id 
_struct_conn.ptnr2_auth_seq_id 
_struct_conn.ptnr2_symmetry 
_struct_conn.pdbx_ptnr3_label_atom_id 
_struct_conn.pdbx_ptnr3_label_seq_id 
_struct_conn.pdbx_ptnr3_label_comp_id 
_struct_conn.pdbx_ptnr3_label_asym_id 
_struct_conn.pdbx_ptnr3_label_alt_id 
_struct_conn.pdbx_ptnr3_PDB_ins_code 
_struct_conn.details 
_struct_conn.pdbx_dist_value 
_struct_conn.pdbx_value_order 
_struct_conn.pdbx_role 
metalc1  metalc ? ? A DU 6  OP1 ? ? ? 1_555 F MG  .  MG ? ? A DU 6   A MG  105 1_555 ? ? ? ? ? ? ?                    2.057 ? ? 
metalc2  metalc ? ? A U  24 OP2 ? ? ? 1_555 E MG  .  MG ? ? A U  24  A MG  104 1_555 ? ? ? ? ? ? ?                    2.129 ? ? 
metalc3  metalc ? ? A C  26 OP1 ? ? ? 1_555 E MG  .  MG ? ? A C  26  A MG  104 1_555 ? ? ? ? ? ? ?                    2.041 ? ? 
metalc4  metalc ? ? B MG .  MG  ? ? ? 1_555 G HOH .  O  ? ? A MG 101 A HOH 245 1_555 ? ? ? ? ? ? ?                    1.938 ? ? 
metalc5  metalc ? ? B MG .  MG  ? ? ? 1_555 G HOH .  O  ? ? A MG 101 A HOH 246 1_555 ? ? ? ? ? ? ?                    1.974 ? ? 
metalc6  metalc ? ? B MG .  MG  ? ? ? 1_555 G HOH .  O  ? ? A MG 101 A HOH 247 1_555 ? ? ? ? ? ? ?                    2.193 ? ? 
metalc7  metalc ? ? B MG .  MG  ? ? ? 1_555 G HOH .  O  ? ? A MG 101 A HOH 248 1_555 ? ? ? ? ? ? ?                    2.045 ? ? 
metalc8  metalc ? ? B MG .  MG  ? ? ? 1_555 G HOH .  O  ? ? A MG 101 A HOH 249 1_555 ? ? ? ? ? ? ?                    2.013 ? ? 
metalc9  metalc ? ? B MG .  MG  ? ? ? 1_555 G HOH .  O  ? ? A MG 101 A HOH 250 1_555 ? ? ? ? ? ? ?                    2.164 ? ? 
metalc10 metalc ? ? C MG .  MG  ? ? ? 1_555 G HOH .  O  ? ? A MG 102 A HOH 223 1_555 ? ? ? ? ? ? ?                    2.191 ? ? 
metalc11 metalc ? ? C MG .  MG  ? ? ? 1_555 G HOH .  O  ? ? A MG 102 A HOH 224 1_555 ? ? ? ? ? ? ?                    2.387 ? ? 
metalc12 metalc ? ? C MG .  MG  ? ? ? 1_555 G HOH .  O  ? ? A MG 102 A HOH 225 1_555 ? ? ? ? ? ? ?                    1.979 ? ? 
metalc13 metalc ? ? C MG .  MG  ? ? ? 1_555 G HOH .  O  ? ? A MG 102 A HOH 226 1_555 ? ? ? ? ? ? ?                    2.282 ? ? 
metalc14 metalc ? ? C MG .  MG  ? ? ? 1_555 G HOH .  O  ? ? A MG 102 A HOH 227 1_555 ? ? ? ? ? ? ?                    2.474 ? ? 
metalc15 metalc ? ? C MG .  MG  ? ? ? 1_555 G HOH .  O  ? ? A MG 102 A HOH 228 1_555 ? ? ? ? ? ? ?                    2.110 ? ? 
metalc16 metalc ? ? D MG .  MG  ? ? ? 1_555 G HOH .  O  ? ? A MG 103 A HOH 222 1_555 ? ? ? ? ? ? ?                    2.839 ? ? 
metalc17 metalc ? ? D MG .  MG  ? ? ? 1_555 G HOH .  O  ? ? A MG 103 A HOH 229 1_555 ? ? ? ? ? ? ?                    2.321 ? ? 
metalc18 metalc ? ? D MG .  MG  ? ? ? 1_555 G HOH .  O  ? ? A MG 103 A HOH 230 1_555 ? ? ? ? ? ? ?                    2.242 ? ? 
metalc19 metalc ? ? D MG .  MG  ? ? ? 1_555 G HOH .  O  ? ? A MG 103 A HOH 244 1_555 ? ? ? ? ? ? ?                    2.650 ? ? 
metalc20 metalc ? ? E MG .  MG  ? ? ? 1_555 G HOH .  O  ? ? A MG 104 A HOH 205 1_555 ? ? ? ? ? ? ?                    2.169 ? ? 
metalc21 metalc ? ? E MG .  MG  ? ? ? 1_555 G HOH .  O  ? ? A MG 104 A HOH 206 1_555 ? ? ? ? ? ? ?                    2.311 ? ? 
metalc22 metalc ? ? E MG .  MG  ? ? ? 1_555 G HOH .  O  ? ? A MG 104 A HOH 207 1_555 ? ? ? ? ? ? ?                    1.973 ? ? 
metalc23 metalc ? ? E MG .  MG  ? ? ? 1_555 G HOH .  O  ? ? A MG 104 A HOH 208 1_555 ? ? ? ? ? ? ?                    1.997 ? ? 
metalc24 metalc ? ? F MG .  MG  ? ? ? 1_555 G HOH .  O  ? ? A MG 105 A HOH 209 1_555 ? ? ? ? ? ? ?                    1.959 ? ? 
metalc25 metalc ? ? F MG .  MG  ? ? ? 1_555 G HOH .  O  ? ? A MG 105 A HOH 210 1_555 ? ? ? ? ? ? ?                    2.044 ? ? 
metalc26 metalc ? ? F MG .  MG  ? ? ? 1_555 G HOH .  O  ? ? A MG 105 A HOH 211 1_555 ? ? ? ? ? ? ?                    2.202 ? ? 
metalc27 metalc ? ? F MG .  MG  ? ? ? 1_555 G HOH .  O  ? ? A MG 105 A HOH 212 1_555 ? ? ? ? ? ? ?                    1.978 ? ? 
metalc28 metalc ? ? F MG .  MG  ? ? ? 1_555 G HOH .  O  ? ? A MG 105 A HOH 213 1_555 ? ? ? ? ? ? ?                    2.043 ? ? 
hydrog1  hydrog ? ? A C  1  N3  A ? ? 1_555 A G   54 N1 ? ? A C  1   A G   54  1_555 ? ? ? ? ? ? WATSON-CRICK         ?     ? ? 
hydrog2  hydrog ? ? A C  1  N4  A ? ? 1_555 A G   54 O6 ? ? A C  1   A G   54  1_555 ? ? ? ? ? ? WATSON-CRICK         ?     ? ? 
hydrog3  hydrog ? ? A C  1  O2  A ? ? 1_555 A G   54 N2 ? ? A C  1   A G   54  1_555 ? ? ? ? ? ? WATSON-CRICK         ?     ? ? 
hydrog4  hydrog ? ? A C  2  N3  ? ? ? 1_555 A G   53 N1 ? ? A C  2   A G   53  1_555 ? ? ? ? ? ? WATSON-CRICK         ?     ? ? 
hydrog5  hydrog ? ? A C  2  N4  ? ? ? 1_555 A G   53 O6 ? ? A C  2   A G   53  1_555 ? ? ? ? ? ? WATSON-CRICK         ?     ? ? 
hydrog6  hydrog ? ? A C  2  O2  ? ? ? 1_555 A G   53 N2 ? ? A C  2   A G   53  1_555 ? ? ? ? ? ? WATSON-CRICK         ?     ? ? 
hydrog7  hydrog ? ? A G  3  N1  ? ? ? 1_555 A C   52 N3 ? ? A G  3   A C   52  1_555 ? ? ? ? ? ? WATSON-CRICK         ?     ? ? 
hydrog8  hydrog ? ? A G  3  N2  ? ? ? 1_555 A C   52 O2 ? ? A G  3   A C   52  1_555 ? ? ? ? ? ? WATSON-CRICK         ?     ? ? 
hydrog9  hydrog ? ? A G  3  O6  ? ? ? 1_555 A C   52 N4 ? ? A G  3   A C   52  1_555 ? ? ? ? ? ? WATSON-CRICK         ?     ? ? 
hydrog10 hydrog ? ? A C  4  N3  ? ? ? 1_555 A G   51 N1 ? ? A C  4   A G   51  1_555 ? ? ? ? ? ? WATSON-CRICK         ?     ? ? 
hydrog11 hydrog ? ? A C  4  N4  ? ? ? 1_555 A G   51 O6 ? ? A C  4   A G   51  1_555 ? ? ? ? ? ? WATSON-CRICK         ?     ? ? 
hydrog12 hydrog ? ? A C  4  O2  ? ? ? 1_555 A G   51 N2 ? ? A C  4   A G   51  1_555 ? ? ? ? ? ? WATSON-CRICK         ?     ? ? 
hydrog13 hydrog ? ? A C  5  N3  ? ? ? 1_555 A G   50 N1 ? ? A C  5   A G   50  1_555 ? ? ? ? ? ? WATSON-CRICK         ?     ? ? 
hydrog14 hydrog ? ? A C  5  N4  ? ? ? 1_555 A G   50 O6 ? ? A C  5   A G   50  1_555 ? ? ? ? ? ? WATSON-CRICK         ?     ? ? 
hydrog15 hydrog ? ? A C  5  O2  ? ? ? 1_555 A G   50 N2 ? ? A C  5   A G   50  1_555 ? ? ? ? ? ? WATSON-CRICK         ?     ? ? 
hydrog16 hydrog ? ? A A  8  N6  ? ? ? 1_555 A G   45 N3 ? ? A A  8   A G   45  1_555 ? ? ? ? ? ? TYPE_11_PAIR         ?     ? ? 
hydrog17 hydrog ? ? A A  8  N7  ? ? ? 1_555 A G   45 N2 ? ? A A  8   A G   45  1_555 ? ? ? ? ? ? TYPE_11_PAIR         ?     ? ? 
hydrog18 hydrog ? ? A C  9  N3  ? ? ? 1_555 A G   44 N1 ? ? A C  9   A G   44  1_555 ? ? ? ? ? ? WATSON-CRICK         ?     ? ? 
hydrog19 hydrog ? ? A C  9  N4  ? ? ? 1_555 A G   44 O6 ? ? A C  9   A G   44  1_555 ? ? ? ? ? ? WATSON-CRICK         ?     ? ? 
hydrog20 hydrog ? ? A C  9  O2  ? ? ? 1_555 A G   44 N2 ? ? A C  9   A G   44  1_555 ? ? ? ? ? ? WATSON-CRICK         ?     ? ? 
hydrog21 hydrog ? ? A A  10 N1  ? ? ? 1_555 A U   43 N3 ? ? A A  10  A U   43  1_555 ? ? ? ? ? ? WATSON-CRICK         ?     ? ? 
hydrog22 hydrog ? ? A A  10 N6  ? ? ? 1_555 A U   43 O4 ? ? A A  10  A U   43  1_555 ? ? ? ? ? ? WATSON-CRICK         ?     ? ? 
hydrog23 hydrog ? ? A C  11 N3  ? ? ? 1_555 A G   42 N1 ? ? A C  11  A G   42  1_555 ? ? ? ? ? ? WATSON-CRICK         ?     ? ? 
hydrog24 hydrog ? ? A C  11 N4  ? ? ? 1_555 A G   42 O6 ? ? A C  11  A G   42  1_555 ? ? ? ? ? ? WATSON-CRICK         ?     ? ? 
hydrog25 hydrog ? ? A C  11 O2  ? ? ? 1_555 A G   42 N2 ? ? A C  11  A G   42  1_555 ? ? ? ? ? ? WATSON-CRICK         ?     ? ? 
hydrog26 hydrog ? ? A U  12 N3  ? ? ? 1_555 A A   41 N1 ? ? A U  12  A A   41  1_555 ? ? ? ? ? ? WATSON-CRICK         ?     ? ? 
hydrog27 hydrog ? ? A U  12 O4  ? ? ? 1_555 A A   41 N6 ? ? A U  12  A A   41  1_555 ? ? ? ? ? ? WATSON-CRICK         ?     ? ? 
hydrog28 hydrog ? ? A G  13 N1  ? ? ? 1_555 A C   31 N3 ? ? A G  13  A C   31  1_555 ? ? ? ? ? ? WATSON-CRICK         ?     ? ? 
hydrog29 hydrog ? ? A G  13 N2  ? ? ? 1_555 A C   31 O2 ? ? A G  13  A C   31  1_555 ? ? ? ? ? ? WATSON-CRICK         ?     ? ? 
hydrog30 hydrog ? ? A G  13 O6  ? ? ? 1_555 A C   31 N4 ? ? A G  13  A C   31  1_555 ? ? ? ? ? ? WATSON-CRICK         ?     ? ? 
hydrog31 hydrog ? ? A C  14 N3  ? ? ? 1_555 A G   30 N1 ? ? A C  14  A G   30  1_555 ? ? ? ? ? ? WATSON-CRICK         ?     ? ? 
hydrog32 hydrog ? ? A C  14 N4  ? ? ? 1_555 A G   30 O6 ? ? A C  14  A G   30  1_555 ? ? ? ? ? ? WATSON-CRICK         ?     ? ? 
hydrog33 hydrog ? ? A C  14 O2  ? ? ? 1_555 A G   30 N2 ? ? A C  14  A G   30  1_555 ? ? ? ? ? ? WATSON-CRICK         ?     ? ? 
hydrog34 hydrog ? ? A C  15 N3  ? ? ? 1_555 A G   19 N1 ? ? A C  15  A G   19  1_555 ? ? ? ? ? ? WATSON-CRICK         ?     ? ? 
hydrog35 hydrog ? ? A C  15 N4  ? ? ? 1_555 A G   19 O6 ? ? A C  15  A G   19  1_555 ? ? ? ? ? ? WATSON-CRICK         ?     ? ? 
hydrog36 hydrog ? ? A C  15 O2  ? ? ? 1_555 A G   19 N2 ? ? A C  15  A G   19  1_555 ? ? ? ? ? ? WATSON-CRICK         ?     ? ? 
hydrog37 hydrog ? ? A C  20 N3  ? ? ? 1_555 A G   35 N1 ? ? A C  20  A G   35  1_555 ? ? ? ? ? ? WATSON-CRICK         ?     ? ? 
hydrog38 hydrog ? ? A C  20 N4  ? ? ? 1_555 A G   35 O6 ? ? A C  20  A G   35  1_555 ? ? ? ? ? ? WATSON-CRICK         ?     ? ? 
hydrog39 hydrog ? ? A C  20 O2  ? ? ? 1_555 A G   35 N2 ? ? A C  20  A G   35  1_555 ? ? ? ? ? ? WATSON-CRICK         ?     ? ? 
hydrog40 hydrog ? ? A C  21 N3  ? ? ? 1_555 A G   34 N1 ? ? A C  21  A G   34  1_555 ? ? ? ? ? ? WATSON-CRICK         ?     ? ? 
hydrog41 hydrog ? ? A C  21 N4  ? ? ? 1_555 A G   34 O6 ? ? A C  21  A G   34  1_555 ? ? ? ? ? ? WATSON-CRICK         ?     ? ? 
hydrog42 hydrog ? ? A C  21 O2  ? ? ? 1_555 A G   34 N2 ? ? A C  21  A G   34  1_555 ? ? ? ? ? ? WATSON-CRICK         ?     ? ? 
hydrog43 hydrog ? ? A G  22 N1  ? ? ? 1_555 A C   33 N3 ? ? A G  22  A C   33  1_555 ? ? ? ? ? ? WATSON-CRICK         ?     ? ? 
hydrog44 hydrog ? ? A G  22 N2  ? ? ? 1_555 A C   33 O2 ? ? A G  22  A C   33  1_555 ? ? ? ? ? ? WATSON-CRICK         ?     ? ? 
hydrog45 hydrog ? ? A G  22 O6  ? ? ? 1_555 A C   33 N4 ? ? A G  22  A C   33  1_555 ? ? ? ? ? ? WATSON-CRICK         ?     ? ? 
hydrog46 hydrog ? ? A G  23 N1  ? ? ? 1_555 A C   32 N3 ? ? A G  23  A C   32  1_555 ? ? ? ? ? ? WATSON-CRICK         ?     ? ? 
hydrog47 hydrog ? ? A G  23 N2  ? ? ? 1_555 A C   32 O2 ? ? A G  23  A C   32  1_555 ? ? ? ? ? ? WATSON-CRICK         ?     ? ? 
hydrog48 hydrog ? ? A G  23 O6  ? ? ? 1_555 A C   32 N4 ? ? A G  23  A C   32  1_555 ? ? ? ? ? ? WATSON-CRICK         ?     ? ? 
hydrog49 hydrog ? ? A U  24 N3  ? ? ? 1_555 A A   29 N7 ? ? A U  24  A A   29  1_555 ? ? ? ? ? ? 'REVERSED HOOGSTEEN' ?     ? ? 
hydrog50 hydrog ? ? A U  24 O2  ? ? ? 1_555 A A   29 N6 ? ? A U  24  A A   29  1_555 ? ? ? ? ? ? 'REVERSED HOOGSTEEN' ?     ? ? 
hydrog51 hydrog ? ? A C  25 N3  ? ? ? 1_555 A G   49 N1 ? ? A C  25  A G   49  1_555 ? ? ? ? ? ? WATSON-CRICK         ?     ? ? 
hydrog52 hydrog ? ? A C  25 N4  ? ? ? 1_555 A G   49 O6 ? ? A C  25  A G   49  1_555 ? ? ? ? ? ? WATSON-CRICK         ?     ? ? 
hydrog53 hydrog ? ? A C  25 O2  ? ? ? 1_555 A G   49 N2 ? ? A C  25  A G   49  1_555 ? ? ? ? ? ? WATSON-CRICK         ?     ? ? 
hydrog54 hydrog ? ? A C  26 N3  ? ? ? 1_555 A G   48 N1 ? ? A C  26  A G   48  1_555 ? ? ? ? ? ? WATSON-CRICK         ?     ? ? 
hydrog55 hydrog ? ? A C  26 N4  ? ? ? 1_555 A G   48 O6 ? ? A C  26  A G   48  1_555 ? ? ? ? ? ? WATSON-CRICK         ?     ? ? 
hydrog56 hydrog ? ? A C  26 O2  ? ? ? 1_555 A G   48 N2 ? ? A C  26  A G   48  1_555 ? ? ? ? ? ? WATSON-CRICK         ?     ? ? 
hydrog57 hydrog ? ? A C  27 N3  ? ? ? 1_555 A G   47 N1 ? ? A C  27  A G   47  1_555 ? ? ? ? ? ? WATSON-CRICK         ?     ? ? 
hydrog58 hydrog ? ? A C  27 N4  ? ? ? 1_555 A G   47 O6 ? ? A C  27  A G   47  1_555 ? ? ? ? ? ? WATSON-CRICK         ?     ? ? 
hydrog59 hydrog ? ? A C  27 O2  ? ? ? 1_555 A G   47 N2 ? ? A C  27  A G   47  1_555 ? ? ? ? ? ? WATSON-CRICK         ?     ? ? 
hydrog60 hydrog ? ? A A  28 N1  ? ? ? 1_555 A A   46 N6 ? ? A A  28  A A   46  1_555 ? ? ? ? ? ? TYPE_1_PAIR          ?     ? ? 
hydrog61 hydrog ? ? A A  28 N6  ? ? ? 1_555 A A   46 N1 ? ? A A  28  A A   46  1_555 ? ? ? ? ? ? TYPE_1_PAIR          ?     ? ? 
hydrog62 hydrog ? ? A G  30 N2  ? ? ? 1_555 A A   40 N3 ? ? A G  30  A A   40  1_555 ? ? ? ? ? ? 'G-A MISPAIR'        ?     ? ? 
# 
loop_
_struct_conn_type.id 
_struct_conn_type.criteria 
_struct_conn_type.reference 
metalc ? ? 
hydrog ? ? 
# 
loop_
_pdbx_struct_conn_angle.id 
_pdbx_struct_conn_angle.ptnr1_label_atom_id 
_pdbx_struct_conn_angle.ptnr1_label_alt_id 
_pdbx_struct_conn_angle.ptnr1_label_asym_id 
_pdbx_struct_conn_angle.ptnr1_label_comp_id 
_pdbx_struct_conn_angle.ptnr1_label_seq_id 
_pdbx_struct_conn_angle.ptnr1_auth_atom_id 
_pdbx_struct_conn_angle.ptnr1_auth_asym_id 
_pdbx_struct_conn_angle.ptnr1_auth_comp_id 
_pdbx_struct_conn_angle.ptnr1_auth_seq_id 
_pdbx_struct_conn_angle.ptnr1_PDB_ins_code 
_pdbx_struct_conn_angle.ptnr1_symmetry 
_pdbx_struct_conn_angle.ptnr2_label_atom_id 
_pdbx_struct_conn_angle.ptnr2_label_alt_id 
_pdbx_struct_conn_angle.ptnr2_label_asym_id 
_pdbx_struct_conn_angle.ptnr2_label_comp_id 
_pdbx_struct_conn_angle.ptnr2_label_seq_id 
_pdbx_struct_conn_angle.ptnr2_auth_atom_id 
_pdbx_struct_conn_angle.ptnr2_auth_asym_id 
_pdbx_struct_conn_angle.ptnr2_auth_comp_id 
_pdbx_struct_conn_angle.ptnr2_auth_seq_id 
_pdbx_struct_conn_angle.ptnr2_PDB_ins_code 
_pdbx_struct_conn_angle.ptnr2_symmetry 
_pdbx_struct_conn_angle.ptnr3_label_atom_id 
_pdbx_struct_conn_angle.ptnr3_label_alt_id 
_pdbx_struct_conn_angle.ptnr3_label_asym_id 
_pdbx_struct_conn_angle.ptnr3_label_comp_id 
_pdbx_struct_conn_angle.ptnr3_label_seq_id 
_pdbx_struct_conn_angle.ptnr3_auth_atom_id 
_pdbx_struct_conn_angle.ptnr3_auth_asym_id 
_pdbx_struct_conn_angle.ptnr3_auth_comp_id 
_pdbx_struct_conn_angle.ptnr3_auth_seq_id 
_pdbx_struct_conn_angle.ptnr3_PDB_ins_code 
_pdbx_struct_conn_angle.ptnr3_symmetry 
_pdbx_struct_conn_angle.value 
_pdbx_struct_conn_angle.value_esd 
1  OP1 ? A DU  6  ? A DU  6   ? 1_555 MG ? F MG . ? A MG 105 ? 1_555 O   ? G HOH .  ? A HOH 209 ? 1_555 90.2  ? 
2  OP1 ? A DU  6  ? A DU  6   ? 1_555 MG ? F MG . ? A MG 105 ? 1_555 O   ? G HOH .  ? A HOH 210 ? 1_555 96.9  ? 
3  O   ? G HOH .  ? A HOH 209 ? 1_555 MG ? F MG . ? A MG 105 ? 1_555 O   ? G HOH .  ? A HOH 210 ? 1_555 97.4  ? 
4  OP1 ? A DU  6  ? A DU  6   ? 1_555 MG ? F MG . ? A MG 105 ? 1_555 O   ? G HOH .  ? A HOH 211 ? 1_555 87.8  ? 
5  O   ? G HOH .  ? A HOH 209 ? 1_555 MG ? F MG . ? A MG 105 ? 1_555 O   ? G HOH .  ? A HOH 211 ? 1_555 176.1 ? 
6  O   ? G HOH .  ? A HOH 210 ? 1_555 MG ? F MG . ? A MG 105 ? 1_555 O   ? G HOH .  ? A HOH 211 ? 1_555 86.1  ? 
7  OP1 ? A DU  6  ? A DU  6   ? 1_555 MG ? F MG . ? A MG 105 ? 1_555 O   ? G HOH .  ? A HOH 212 ? 1_555 90.6  ? 
8  O   ? G HOH .  ? A HOH 209 ? 1_555 MG ? F MG . ? A MG 105 ? 1_555 O   ? G HOH .  ? A HOH 212 ? 1_555 85.7  ? 
9  O   ? G HOH .  ? A HOH 210 ? 1_555 MG ? F MG . ? A MG 105 ? 1_555 O   ? G HOH .  ? A HOH 212 ? 1_555 171.9 ? 
10 O   ? G HOH .  ? A HOH 211 ? 1_555 MG ? F MG . ? A MG 105 ? 1_555 O   ? G HOH .  ? A HOH 212 ? 1_555 91.0  ? 
11 OP1 ? A DU  6  ? A DU  6   ? 1_555 MG ? F MG . ? A MG 105 ? 1_555 O   ? G HOH .  ? A HOH 213 ? 1_555 179.3 ? 
12 O   ? G HOH .  ? A HOH 209 ? 1_555 MG ? F MG . ? A MG 105 ? 1_555 O   ? G HOH .  ? A HOH 213 ? 1_555 90.4  ? 
13 O   ? G HOH .  ? A HOH 210 ? 1_555 MG ? F MG . ? A MG 105 ? 1_555 O   ? G HOH .  ? A HOH 213 ? 1_555 82.8  ? 
14 O   ? G HOH .  ? A HOH 211 ? 1_555 MG ? F MG . ? A MG 105 ? 1_555 O   ? G HOH .  ? A HOH 213 ? 1_555 91.5  ? 
15 O   ? G HOH .  ? A HOH 212 ? 1_555 MG ? F MG . ? A MG 105 ? 1_555 O   ? G HOH .  ? A HOH 213 ? 1_555 89.7  ? 
16 OP2 ? A U   24 ? A U   24  ? 1_555 MG ? E MG . ? A MG 104 ? 1_555 OP1 ? A C   26 ? A C   26  ? 1_555 103.8 ? 
17 OP2 ? A U   24 ? A U   24  ? 1_555 MG ? E MG . ? A MG 104 ? 1_555 O   ? G HOH .  ? A HOH 205 ? 1_555 90.7  ? 
18 OP1 ? A C   26 ? A C   26  ? 1_555 MG ? E MG . ? A MG 104 ? 1_555 O   ? G HOH .  ? A HOH 205 ? 1_555 91.6  ? 
19 OP2 ? A U   24 ? A U   24  ? 1_555 MG ? E MG . ? A MG 104 ? 1_555 O   ? G HOH .  ? A HOH 206 ? 1_555 75.4  ? 
20 OP1 ? A C   26 ? A C   26  ? 1_555 MG ? E MG . ? A MG 104 ? 1_555 O   ? G HOH .  ? A HOH 206 ? 1_555 178.0 ? 
21 O   ? G HOH .  ? A HOH 205 ? 1_555 MG ? E MG . ? A MG 104 ? 1_555 O   ? G HOH .  ? A HOH 206 ? 1_555 86.5  ? 
22 OP2 ? A U   24 ? A U   24  ? 1_555 MG ? E MG . ? A MG 104 ? 1_555 O   ? G HOH .  ? A HOH 207 ? 1_555 82.7  ? 
23 OP1 ? A C   26 ? A C   26  ? 1_555 MG ? E MG . ? A MG 104 ? 1_555 O   ? G HOH .  ? A HOH 207 ? 1_555 100.0 ? 
24 O   ? G HOH .  ? A HOH 205 ? 1_555 MG ? E MG . ? A MG 104 ? 1_555 O   ? G HOH .  ? A HOH 207 ? 1_555 167.7 ? 
25 O   ? G HOH .  ? A HOH 206 ? 1_555 MG ? E MG . ? A MG 104 ? 1_555 O   ? G HOH .  ? A HOH 207 ? 1_555 81.8  ? 
26 OP2 ? A U   24 ? A U   24  ? 1_555 MG ? E MG . ? A MG 104 ? 1_555 O   ? G HOH .  ? A HOH 208 ? 1_555 159.4 ? 
27 OP1 ? A C   26 ? A C   26  ? 1_555 MG ? E MG . ? A MG 104 ? 1_555 O   ? G HOH .  ? A HOH 208 ? 1_555 96.2  ? 
28 O   ? G HOH .  ? A HOH 205 ? 1_555 MG ? E MG . ? A MG 104 ? 1_555 O   ? G HOH .  ? A HOH 208 ? 1_555 83.7  ? 
29 O   ? G HOH .  ? A HOH 206 ? 1_555 MG ? E MG . ? A MG 104 ? 1_555 O   ? G HOH .  ? A HOH 208 ? 1_555 84.4  ? 
30 O   ? G HOH .  ? A HOH 207 ? 1_555 MG ? E MG . ? A MG 104 ? 1_555 O   ? G HOH .  ? A HOH 208 ? 1_555 98.8  ? 
31 O   ? G HOH .  ? A HOH 245 ? 1_555 MG ? B MG . ? A MG 101 ? 1_555 O   ? G HOH .  ? A HOH 246 ? 1_555 177.1 ? 
32 O   ? G HOH .  ? A HOH 245 ? 1_555 MG ? B MG . ? A MG 101 ? 1_555 O   ? G HOH .  ? A HOH 247 ? 1_555 85.9  ? 
33 O   ? G HOH .  ? A HOH 246 ? 1_555 MG ? B MG . ? A MG 101 ? 1_555 O   ? G HOH .  ? A HOH 247 ? 1_555 92.1  ? 
34 O   ? G HOH .  ? A HOH 245 ? 1_555 MG ? B MG . ? A MG 101 ? 1_555 O   ? G HOH .  ? A HOH 248 ? 1_555 92.2  ? 
35 O   ? G HOH .  ? A HOH 246 ? 1_555 MG ? B MG . ? A MG 101 ? 1_555 O   ? G HOH .  ? A HOH 248 ? 1_555 89.9  ? 
36 O   ? G HOH .  ? A HOH 247 ? 1_555 MG ? B MG . ? A MG 101 ? 1_555 O   ? G HOH .  ? A HOH 248 ? 1_555 87.6  ? 
37 O   ? G HOH .  ? A HOH 245 ? 1_555 MG ? B MG . ? A MG 101 ? 1_555 O   ? G HOH .  ? A HOH 249 ? 1_555 92.0  ? 
38 O   ? G HOH .  ? A HOH 246 ? 1_555 MG ? B MG . ? A MG 101 ? 1_555 O   ? G HOH .  ? A HOH 249 ? 1_555 89.8  ? 
39 O   ? G HOH .  ? A HOH 247 ? 1_555 MG ? B MG . ? A MG 101 ? 1_555 O   ? G HOH .  ? A HOH 249 ? 1_555 175.3 ? 
40 O   ? G HOH .  ? A HOH 248 ? 1_555 MG ? B MG . ? A MG 101 ? 1_555 O   ? G HOH .  ? A HOH 249 ? 1_555 96.6  ? 
41 O   ? G HOH .  ? A HOH 245 ? 1_555 MG ? B MG . ? A MG 101 ? 1_555 O   ? G HOH .  ? A HOH 250 ? 1_555 89.9  ? 
42 O   ? G HOH .  ? A HOH 246 ? 1_555 MG ? B MG . ? A MG 101 ? 1_555 O   ? G HOH .  ? A HOH 250 ? 1_555 87.9  ? 
43 O   ? G HOH .  ? A HOH 247 ? 1_555 MG ? B MG . ? A MG 101 ? 1_555 O   ? G HOH .  ? A HOH 250 ? 1_555 89.4  ? 
44 O   ? G HOH .  ? A HOH 248 ? 1_555 MG ? B MG . ? A MG 101 ? 1_555 O   ? G HOH .  ? A HOH 250 ? 1_555 176.3 ? 
45 O   ? G HOH .  ? A HOH 249 ? 1_555 MG ? B MG . ? A MG 101 ? 1_555 O   ? G HOH .  ? A HOH 250 ? 1_555 86.4  ? 
46 O   ? G HOH .  ? A HOH 223 ? 1_555 MG ? C MG . ? A MG 102 ? 1_555 O   ? G HOH .  ? A HOH 224 ? 1_555 85.1  ? 
47 O   ? G HOH .  ? A HOH 223 ? 1_555 MG ? C MG . ? A MG 102 ? 1_555 O   ? G HOH .  ? A HOH 225 ? 1_555 93.2  ? 
48 O   ? G HOH .  ? A HOH 224 ? 1_555 MG ? C MG . ? A MG 102 ? 1_555 O   ? G HOH .  ? A HOH 225 ? 1_555 175.4 ? 
49 O   ? G HOH .  ? A HOH 223 ? 1_555 MG ? C MG . ? A MG 102 ? 1_555 O   ? G HOH .  ? A HOH 226 ? 1_555 85.2  ? 
50 O   ? G HOH .  ? A HOH 224 ? 1_555 MG ? C MG . ? A MG 102 ? 1_555 O   ? G HOH .  ? A HOH 226 ? 1_555 72.3  ? 
51 O   ? G HOH .  ? A HOH 225 ? 1_555 MG ? C MG . ? A MG 102 ? 1_555 O   ? G HOH .  ? A HOH 226 ? 1_555 111.9 ? 
52 O   ? G HOH .  ? A HOH 223 ? 1_555 MG ? C MG . ? A MG 102 ? 1_555 O   ? G HOH .  ? A HOH 227 ? 1_555 159.2 ? 
53 O   ? G HOH .  ? A HOH 224 ? 1_555 MG ? C MG . ? A MG 102 ? 1_555 O   ? G HOH .  ? A HOH 227 ? 1_555 74.2  ? 
54 O   ? G HOH .  ? A HOH 225 ? 1_555 MG ? C MG . ? A MG 102 ? 1_555 O   ? G HOH .  ? A HOH 227 ? 1_555 107.3 ? 
55 O   ? G HOH .  ? A HOH 226 ? 1_555 MG ? C MG . ? A MG 102 ? 1_555 O   ? G HOH .  ? A HOH 227 ? 1_555 90.2  ? 
56 O   ? G HOH .  ? A HOH 223 ? 1_555 MG ? C MG . ? A MG 102 ? 1_555 O   ? G HOH .  ? A HOH 228 ? 1_555 76.8  ? 
57 O   ? G HOH .  ? A HOH 224 ? 1_555 MG ? C MG . ? A MG 102 ? 1_555 O   ? G HOH .  ? A HOH 228 ? 1_555 70.0  ? 
58 O   ? G HOH .  ? A HOH 225 ? 1_555 MG ? C MG . ? A MG 102 ? 1_555 O   ? G HOH .  ? A HOH 228 ? 1_555 105.4 ? 
59 O   ? G HOH .  ? A HOH 226 ? 1_555 MG ? C MG . ? A MG 102 ? 1_555 O   ? G HOH .  ? A HOH 228 ? 1_555 139.2 ? 
60 O   ? G HOH .  ? A HOH 227 ? 1_555 MG ? C MG . ? A MG 102 ? 1_555 O   ? G HOH .  ? A HOH 228 ? 1_555 93.9  ? 
61 O   ? G HOH .  ? A HOH 222 ? 1_555 MG ? D MG . ? A MG 103 ? 1_555 O   ? G HOH .  ? A HOH 229 ? 1_555 74.1  ? 
62 O   ? G HOH .  ? A HOH 222 ? 1_555 MG ? D MG . ? A MG 103 ? 1_555 O   ? G HOH .  ? A HOH 230 ? 1_555 73.2  ? 
63 O   ? G HOH .  ? A HOH 229 ? 1_555 MG ? D MG . ? A MG 103 ? 1_555 O   ? G HOH .  ? A HOH 230 ? 1_555 130.3 ? 
64 O   ? G HOH .  ? A HOH 222 ? 1_555 MG ? D MG . ? A MG 103 ? 1_555 O   ? G HOH .  ? A HOH 244 ? 1_555 59.5  ? 
65 O   ? G HOH .  ? A HOH 229 ? 1_555 MG ? D MG . ? A MG 103 ? 1_555 O   ? G HOH .  ? A HOH 244 ? 1_555 67.5  ? 
66 O   ? G HOH .  ? A HOH 230 ? 1_555 MG ? D MG . ? A MG 103 ? 1_555 O   ? G HOH .  ? A HOH 244 ? 1_555 63.9  ? 
# 
loop_
_struct_site.id 
_struct_site.pdbx_evidence_code 
_struct_site.pdbx_auth_asym_id 
_struct_site.pdbx_auth_comp_id 
_struct_site.pdbx_auth_seq_id 
_struct_site.pdbx_auth_ins_code 
_struct_site.pdbx_num_residues 
_struct_site.details 
AC1 Software A MG 101 ? 6 'BINDING SITE FOR RESIDUE MG A 101' 
AC2 Software A MG 102 ? 6 'BINDING SITE FOR RESIDUE MG A 102' 
AC3 Software A MG 103 ? 4 'BINDING SITE FOR RESIDUE MG A 103' 
AC4 Software A MG 104 ? 7 'BINDING SITE FOR RESIDUE MG A 104' 
AC5 Software A MG 105 ? 6 'BINDING SITE FOR RESIDUE MG A 105' 
# 
loop_
_struct_site_gen.id 
_struct_site_gen.site_id 
_struct_site_gen.pdbx_num_res 
_struct_site_gen.label_comp_id 
_struct_site_gen.label_asym_id 
_struct_site_gen.label_seq_id 
_struct_site_gen.pdbx_auth_ins_code 
_struct_site_gen.auth_comp_id 
_struct_site_gen.auth_asym_id 
_struct_site_gen.auth_seq_id 
_struct_site_gen.label_atom_id 
_struct_site_gen.label_alt_id 
_struct_site_gen.symmetry 
_struct_site_gen.details 
1  AC1 6 HOH G .  ? HOH A 245 . ? 1_555 ? 
2  AC1 6 HOH G .  ? HOH A 246 . ? 1_555 ? 
3  AC1 6 HOH G .  ? HOH A 247 . ? 1_555 ? 
4  AC1 6 HOH G .  ? HOH A 248 . ? 1_555 ? 
5  AC1 6 HOH G .  ? HOH A 249 . ? 1_555 ? 
6  AC1 6 HOH G .  ? HOH A 250 . ? 1_555 ? 
7  AC2 6 HOH G .  ? HOH A 223 . ? 1_555 ? 
8  AC2 6 HOH G .  ? HOH A 224 . ? 1_555 ? 
9  AC2 6 HOH G .  ? HOH A 225 . ? 1_555 ? 
10 AC2 6 HOH G .  ? HOH A 226 . ? 1_555 ? 
11 AC2 6 HOH G .  ? HOH A 227 . ? 1_555 ? 
12 AC2 6 HOH G .  ? HOH A 228 . ? 1_555 ? 
13 AC3 4 HOH G .  ? HOH A 222 . ? 1_555 ? 
14 AC3 4 HOH G .  ? HOH A 229 . ? 1_555 ? 
15 AC3 4 HOH G .  ? HOH A 230 . ? 1_555 ? 
16 AC3 4 HOH G .  ? HOH A 244 . ? 1_555 ? 
17 AC4 7 U   A 24 ? U   A 24  . ? 1_555 ? 
18 AC4 7 C   A 25 ? C   A 25  . ? 1_555 ? 
19 AC4 7 C   A 26 ? C   A 26  . ? 1_555 ? 
20 AC4 7 HOH G .  ? HOH A 205 . ? 1_555 ? 
21 AC4 7 HOH G .  ? HOH A 206 . ? 1_555 ? 
22 AC4 7 HOH G .  ? HOH A 207 . ? 1_555 ? 
23 AC4 7 HOH G .  ? HOH A 208 . ? 1_555 ? 
24 AC5 6 DU  A 6  ? DU  A 6   . ? 1_555 ? 
25 AC5 6 HOH G .  ? HOH A 209 . ? 1_555 ? 
26 AC5 6 HOH G .  ? HOH A 210 . ? 1_555 ? 
27 AC5 6 HOH G .  ? HOH A 211 . ? 1_555 ? 
28 AC5 6 HOH G .  ? HOH A 212 . ? 1_555 ? 
29 AC5 6 HOH G .  ? HOH A 213 . ? 1_555 ? 
# 
_phasing.method   MR 
# 
loop_
_pdbx_unobs_or_zero_occ_residues.id 
_pdbx_unobs_or_zero_occ_residues.PDB_model_num 
_pdbx_unobs_or_zero_occ_residues.polymer_flag 
_pdbx_unobs_or_zero_occ_residues.occupancy_flag 
_pdbx_unobs_or_zero_occ_residues.auth_asym_id 
_pdbx_unobs_or_zero_occ_residues.auth_comp_id 
_pdbx_unobs_or_zero_occ_residues.auth_seq_id 
_pdbx_unobs_or_zero_occ_residues.PDB_ins_code 
_pdbx_unobs_or_zero_occ_residues.label_asym_id 
_pdbx_unobs_or_zero_occ_residues.label_comp_id 
_pdbx_unobs_or_zero_occ_residues.label_seq_id 
1 1 Y 1 A A 17 ? A A 17 
2 1 Y 1 A U 18 ? A U 18 
# 
loop_
_chem_comp_atom.comp_id 
_chem_comp_atom.atom_id 
_chem_comp_atom.type_symbol 
_chem_comp_atom.pdbx_aromatic_flag 
_chem_comp_atom.pdbx_stereo_config 
_chem_comp_atom.pdbx_ordinal 
A   OP3    O  N N 1   
A   P      P  N N 2   
A   OP1    O  N N 3   
A   OP2    O  N N 4   
A   "O5'"  O  N N 5   
A   "C5'"  C  N N 6   
A   "C4'"  C  N R 7   
A   "O4'"  O  N N 8   
A   "C3'"  C  N S 9   
A   "O3'"  O  N N 10  
A   "C2'"  C  N R 11  
A   "O2'"  O  N N 12  
A   "C1'"  C  N R 13  
A   N9     N  Y N 14  
A   C8     C  Y N 15  
A   N7     N  Y N 16  
A   C5     C  Y N 17  
A   C6     C  Y N 18  
A   N6     N  N N 19  
A   N1     N  Y N 20  
A   C2     C  Y N 21  
A   N3     N  Y N 22  
A   C4     C  Y N 23  
A   HOP3   H  N N 24  
A   HOP2   H  N N 25  
A   "H5'"  H  N N 26  
A   "H5''" H  N N 27  
A   "H4'"  H  N N 28  
A   "H3'"  H  N N 29  
A   "HO3'" H  N N 30  
A   "H2'"  H  N N 31  
A   "HO2'" H  N N 32  
A   "H1'"  H  N N 33  
A   H8     H  N N 34  
A   H61    H  N N 35  
A   H62    H  N N 36  
A   H2     H  N N 37  
C   OP3    O  N N 38  
C   P      P  N N 39  
C   OP1    O  N N 40  
C   OP2    O  N N 41  
C   "O5'"  O  N N 42  
C   "C5'"  C  N N 43  
C   "C4'"  C  N R 44  
C   "O4'"  O  N N 45  
C   "C3'"  C  N S 46  
C   "O3'"  O  N N 47  
C   "C2'"  C  N R 48  
C   "O2'"  O  N N 49  
C   "C1'"  C  N R 50  
C   N1     N  N N 51  
C   C2     C  N N 52  
C   O2     O  N N 53  
C   N3     N  N N 54  
C   C4     C  N N 55  
C   N4     N  N N 56  
C   C5     C  N N 57  
C   C6     C  N N 58  
C   HOP3   H  N N 59  
C   HOP2   H  N N 60  
C   "H5'"  H  N N 61  
C   "H5''" H  N N 62  
C   "H4'"  H  N N 63  
C   "H3'"  H  N N 64  
C   "HO3'" H  N N 65  
C   "H2'"  H  N N 66  
C   "HO2'" H  N N 67  
C   "H1'"  H  N N 68  
C   H41    H  N N 69  
C   H42    H  N N 70  
C   H5     H  N N 71  
C   H6     H  N N 72  
DU  OP3    O  N N 73  
DU  P      P  N N 74  
DU  OP1    O  N N 75  
DU  OP2    O  N N 76  
DU  "O5'"  O  N N 77  
DU  "C5'"  C  N N 78  
DU  "C4'"  C  N R 79  
DU  "O4'"  O  N N 80  
DU  "C3'"  C  N S 81  
DU  "O3'"  O  N N 82  
DU  "C2'"  C  N N 83  
DU  "C1'"  C  N R 84  
DU  N1     N  N N 85  
DU  C2     C  N N 86  
DU  O2     O  N N 87  
DU  N3     N  N N 88  
DU  C4     C  N N 89  
DU  O4     O  N N 90  
DU  C5     C  N N 91  
DU  C6     C  N N 92  
DU  HOP3   H  N N 93  
DU  HOP2   H  N N 94  
DU  "H5'"  H  N N 95  
DU  "H5''" H  N N 96  
DU  "H4'"  H  N N 97  
DU  "H3'"  H  N N 98  
DU  "HO3'" H  N N 99  
DU  "H2'"  H  N N 100 
DU  "H2''" H  N N 101 
DU  "H1'"  H  N N 102 
DU  H3     H  N N 103 
DU  H5     H  N N 104 
DU  H6     H  N N 105 
G   OP3    O  N N 106 
G   P      P  N N 107 
G   OP1    O  N N 108 
G   OP2    O  N N 109 
G   "O5'"  O  N N 110 
G   "C5'"  C  N N 111 
G   "C4'"  C  N R 112 
G   "O4'"  O  N N 113 
G   "C3'"  C  N S 114 
G   "O3'"  O  N N 115 
G   "C2'"  C  N R 116 
G   "O2'"  O  N N 117 
G   "C1'"  C  N R 118 
G   N9     N  Y N 119 
G   C8     C  Y N 120 
G   N7     N  Y N 121 
G   C5     C  Y N 122 
G   C6     C  N N 123 
G   O6     O  N N 124 
G   N1     N  N N 125 
G   C2     C  N N 126 
G   N2     N  N N 127 
G   N3     N  N N 128 
G   C4     C  Y N 129 
G   HOP3   H  N N 130 
G   HOP2   H  N N 131 
G   "H5'"  H  N N 132 
G   "H5''" H  N N 133 
G   "H4'"  H  N N 134 
G   "H3'"  H  N N 135 
G   "HO3'" H  N N 136 
G   "H2'"  H  N N 137 
G   "HO2'" H  N N 138 
G   "H1'"  H  N N 139 
G   H8     H  N N 140 
G   H1     H  N N 141 
G   H21    H  N N 142 
G   H22    H  N N 143 
HOH O      O  N N 144 
HOH H1     H  N N 145 
HOH H2     H  N N 146 
MG  MG     MG N N 147 
U   OP3    O  N N 148 
U   P      P  N N 149 
U   OP1    O  N N 150 
U   OP2    O  N N 151 
U   "O5'"  O  N N 152 
U   "C5'"  C  N N 153 
U   "C4'"  C  N R 154 
U   "O4'"  O  N N 155 
U   "C3'"  C  N S 156 
U   "O3'"  O  N N 157 
U   "C2'"  C  N R 158 
U   "O2'"  O  N N 159 
U   "C1'"  C  N R 160 
U   N1     N  N N 161 
U   C2     C  N N 162 
U   O2     O  N N 163 
U   N3     N  N N 164 
U   C4     C  N N 165 
U   O4     O  N N 166 
U   C5     C  N N 167 
U   C6     C  N N 168 
U   HOP3   H  N N 169 
U   HOP2   H  N N 170 
U   "H5'"  H  N N 171 
U   "H5''" H  N N 172 
U   "H4'"  H  N N 173 
U   "H3'"  H  N N 174 
U   "HO3'" H  N N 175 
U   "H2'"  H  N N 176 
U   "HO2'" H  N N 177 
U   "H1'"  H  N N 178 
U   H3     H  N N 179 
U   H5     H  N N 180 
U   H6     H  N N 181 
# 
loop_
_chem_comp_bond.comp_id 
_chem_comp_bond.atom_id_1 
_chem_comp_bond.atom_id_2 
_chem_comp_bond.value_order 
_chem_comp_bond.pdbx_aromatic_flag 
_chem_comp_bond.pdbx_stereo_config 
_chem_comp_bond.pdbx_ordinal 
A   OP3   P      sing N N 1   
A   OP3   HOP3   sing N N 2   
A   P     OP1    doub N N 3   
A   P     OP2    sing N N 4   
A   P     "O5'"  sing N N 5   
A   OP2   HOP2   sing N N 6   
A   "O5'" "C5'"  sing N N 7   
A   "C5'" "C4'"  sing N N 8   
A   "C5'" "H5'"  sing N N 9   
A   "C5'" "H5''" sing N N 10  
A   "C4'" "O4'"  sing N N 11  
A   "C4'" "C3'"  sing N N 12  
A   "C4'" "H4'"  sing N N 13  
A   "O4'" "C1'"  sing N N 14  
A   "C3'" "O3'"  sing N N 15  
A   "C3'" "C2'"  sing N N 16  
A   "C3'" "H3'"  sing N N 17  
A   "O3'" "HO3'" sing N N 18  
A   "C2'" "O2'"  sing N N 19  
A   "C2'" "C1'"  sing N N 20  
A   "C2'" "H2'"  sing N N 21  
A   "O2'" "HO2'" sing N N 22  
A   "C1'" N9     sing N N 23  
A   "C1'" "H1'"  sing N N 24  
A   N9    C8     sing Y N 25  
A   N9    C4     sing Y N 26  
A   C8    N7     doub Y N 27  
A   C8    H8     sing N N 28  
A   N7    C5     sing Y N 29  
A   C5    C6     sing Y N 30  
A   C5    C4     doub Y N 31  
A   C6    N6     sing N N 32  
A   C6    N1     doub Y N 33  
A   N6    H61    sing N N 34  
A   N6    H62    sing N N 35  
A   N1    C2     sing Y N 36  
A   C2    N3     doub Y N 37  
A   C2    H2     sing N N 38  
A   N3    C4     sing Y N 39  
C   OP3   P      sing N N 40  
C   OP3   HOP3   sing N N 41  
C   P     OP1    doub N N 42  
C   P     OP2    sing N N 43  
C   P     "O5'"  sing N N 44  
C   OP2   HOP2   sing N N 45  
C   "O5'" "C5'"  sing N N 46  
C   "C5'" "C4'"  sing N N 47  
C   "C5'" "H5'"  sing N N 48  
C   "C5'" "H5''" sing N N 49  
C   "C4'" "O4'"  sing N N 50  
C   "C4'" "C3'"  sing N N 51  
C   "C4'" "H4'"  sing N N 52  
C   "O4'" "C1'"  sing N N 53  
C   "C3'" "O3'"  sing N N 54  
C   "C3'" "C2'"  sing N N 55  
C   "C3'" "H3'"  sing N N 56  
C   "O3'" "HO3'" sing N N 57  
C   "C2'" "O2'"  sing N N 58  
C   "C2'" "C1'"  sing N N 59  
C   "C2'" "H2'"  sing N N 60  
C   "O2'" "HO2'" sing N N 61  
C   "C1'" N1     sing N N 62  
C   "C1'" "H1'"  sing N N 63  
C   N1    C2     sing N N 64  
C   N1    C6     sing N N 65  
C   C2    O2     doub N N 66  
C   C2    N3     sing N N 67  
C   N3    C4     doub N N 68  
C   C4    N4     sing N N 69  
C   C4    C5     sing N N 70  
C   N4    H41    sing N N 71  
C   N4    H42    sing N N 72  
C   C5    C6     doub N N 73  
C   C5    H5     sing N N 74  
C   C6    H6     sing N N 75  
DU  OP3   P      sing N N 76  
DU  OP3   HOP3   sing N N 77  
DU  P     OP1    doub N N 78  
DU  P     OP2    sing N N 79  
DU  P     "O5'"  sing N N 80  
DU  OP2   HOP2   sing N N 81  
DU  "O5'" "C5'"  sing N N 82  
DU  "C5'" "C4'"  sing N N 83  
DU  "C5'" "H5'"  sing N N 84  
DU  "C5'" "H5''" sing N N 85  
DU  "C4'" "O4'"  sing N N 86  
DU  "C4'" "C3'"  sing N N 87  
DU  "C4'" "H4'"  sing N N 88  
DU  "O4'" "C1'"  sing N N 89  
DU  "C3'" "O3'"  sing N N 90  
DU  "C3'" "C2'"  sing N N 91  
DU  "C3'" "H3'"  sing N N 92  
DU  "O3'" "HO3'" sing N N 93  
DU  "C2'" "C1'"  sing N N 94  
DU  "C2'" "H2'"  sing N N 95  
DU  "C2'" "H2''" sing N N 96  
DU  "C1'" N1     sing N N 97  
DU  "C1'" "H1'"  sing N N 98  
DU  N1    C2     sing N N 99  
DU  N1    C6     sing N N 100 
DU  C2    O2     doub N N 101 
DU  C2    N3     sing N N 102 
DU  N3    C4     sing N N 103 
DU  N3    H3     sing N N 104 
DU  C4    O4     doub N N 105 
DU  C4    C5     sing N N 106 
DU  C5    C6     doub N N 107 
DU  C5    H5     sing N N 108 
DU  C6    H6     sing N N 109 
G   OP3   P      sing N N 110 
G   OP3   HOP3   sing N N 111 
G   P     OP1    doub N N 112 
G   P     OP2    sing N N 113 
G   P     "O5'"  sing N N 114 
G   OP2   HOP2   sing N N 115 
G   "O5'" "C5'"  sing N N 116 
G   "C5'" "C4'"  sing N N 117 
G   "C5'" "H5'"  sing N N 118 
G   "C5'" "H5''" sing N N 119 
G   "C4'" "O4'"  sing N N 120 
G   "C4'" "C3'"  sing N N 121 
G   "C4'" "H4'"  sing N N 122 
G   "O4'" "C1'"  sing N N 123 
G   "C3'" "O3'"  sing N N 124 
G   "C3'" "C2'"  sing N N 125 
G   "C3'" "H3'"  sing N N 126 
G   "O3'" "HO3'" sing N N 127 
G   "C2'" "O2'"  sing N N 128 
G   "C2'" "C1'"  sing N N 129 
G   "C2'" "H2'"  sing N N 130 
G   "O2'" "HO2'" sing N N 131 
G   "C1'" N9     sing N N 132 
G   "C1'" "H1'"  sing N N 133 
G   N9    C8     sing Y N 134 
G   N9    C4     sing Y N 135 
G   C8    N7     doub Y N 136 
G   C8    H8     sing N N 137 
G   N7    C5     sing Y N 138 
G   C5    C6     sing N N 139 
G   C5    C4     doub Y N 140 
G   C6    O6     doub N N 141 
G   C6    N1     sing N N 142 
G   N1    C2     sing N N 143 
G   N1    H1     sing N N 144 
G   C2    N2     sing N N 145 
G   C2    N3     doub N N 146 
G   N2    H21    sing N N 147 
G   N2    H22    sing N N 148 
G   N3    C4     sing N N 149 
HOH O     H1     sing N N 150 
HOH O     H2     sing N N 151 
U   OP3   P      sing N N 152 
U   OP3   HOP3   sing N N 153 
U   P     OP1    doub N N 154 
U   P     OP2    sing N N 155 
U   P     "O5'"  sing N N 156 
U   OP2   HOP2   sing N N 157 
U   "O5'" "C5'"  sing N N 158 
U   "C5'" "C4'"  sing N N 159 
U   "C5'" "H5'"  sing N N 160 
U   "C5'" "H5''" sing N N 161 
U   "C4'" "O4'"  sing N N 162 
U   "C4'" "C3'"  sing N N 163 
U   "C4'" "H4'"  sing N N 164 
U   "O4'" "C1'"  sing N N 165 
U   "C3'" "O3'"  sing N N 166 
U   "C3'" "C2'"  sing N N 167 
U   "C3'" "H3'"  sing N N 168 
U   "O3'" "HO3'" sing N N 169 
U   "C2'" "O2'"  sing N N 170 
U   "C2'" "C1'"  sing N N 171 
U   "C2'" "H2'"  sing N N 172 
U   "O2'" "HO2'" sing N N 173 
U   "C1'" N1     sing N N 174 
U   "C1'" "H1'"  sing N N 175 
U   N1    C2     sing N N 176 
U   N1    C6     sing N N 177 
U   C2    O2     doub N N 178 
U   C2    N3     sing N N 179 
U   N3    C4     sing N N 180 
U   N3    H3     sing N N 181 
U   C4    O4     doub N N 182 
U   C4    C5     sing N N 183 
U   C5    C6     doub N N 184 
U   C5    H5     sing N N 185 
U   C6    H6     sing N N 186 
# 
loop_
_ndb_struct_conf_na.entry_id 
_ndb_struct_conf_na.feature 
4OJI 'double helix'         
4OJI 'a-form double helix'  
4OJI 'bulge loop'           
4OJI 'mismatched base pair' 
# 
loop_
_ndb_struct_na_base_pair.model_number 
_ndb_struct_na_base_pair.i_label_asym_id 
_ndb_struct_na_base_pair.i_label_comp_id 
_ndb_struct_na_base_pair.i_label_seq_id 
_ndb_struct_na_base_pair.i_symmetry 
_ndb_struct_na_base_pair.j_label_asym_id 
_ndb_struct_na_base_pair.j_label_comp_id 
_ndb_struct_na_base_pair.j_label_seq_id 
_ndb_struct_na_base_pair.j_symmetry 
_ndb_struct_na_base_pair.shear 
_ndb_struct_na_base_pair.stretch 
_ndb_struct_na_base_pair.stagger 
_ndb_struct_na_base_pair.buckle 
_ndb_struct_na_base_pair.propeller 
_ndb_struct_na_base_pair.opening 
_ndb_struct_na_base_pair.pair_number 
_ndb_struct_na_base_pair.pair_name 
_ndb_struct_na_base_pair.i_auth_asym_id 
_ndb_struct_na_base_pair.i_auth_seq_id 
_ndb_struct_na_base_pair.i_PDB_ins_code 
_ndb_struct_na_base_pair.j_auth_asym_id 
_ndb_struct_na_base_pair.j_auth_seq_id 
_ndb_struct_na_base_pair.j_PDB_ins_code 
_ndb_struct_na_base_pair.hbond_type_28 
_ndb_struct_na_base_pair.hbond_type_12 
1 A C 1  1_555 A G 54 1_555 -0.203 -0.155 -0.229 7.545   -9.825  1.422   1  A_C1:G54_A  A 1  ? A 54 ? 19 1  
1 A C 2  1_555 A G 53 1_555 0.043  -0.070 -0.125 5.827   -12.336 0.718   2  A_C2:G53_A  A 2  ? A 53 ? 19 1  
1 A G 3  1_555 A C 52 1_555 -0.213 -0.136 0.179  -2.113  -11.797 0.740   3  A_G3:C52_A  A 3  ? A 52 ? 19 1  
1 A C 4  1_555 A G 51 1_555 0.309  -0.065 -0.057 6.228   -6.951  1.156   4  A_C4:G51_A  A 4  ? A 51 ? 19 1  
1 A C 5  1_555 A G 50 1_555 -0.132 -0.192 -0.242 15.958  1.986   -5.644  5  A_C5:G50_A  A 5  ? A 50 ? 19 1  
1 A C 25 1_555 A G 49 1_555 0.011  -0.036 -0.120 3.258   -7.056  0.612   6  A_C25:G49_A A 25 ? A 49 ? 19 1  
1 A C 26 1_555 A G 48 1_555 0.178  -0.282 0.025  -2.147  -2.870  -3.211  7  A_C26:G48_A A 26 ? A 48 ? 19 1  
1 A C 27 1_555 A G 47 1_555 -0.068 -0.095 -0.012 4.347   -11.204 0.202   8  A_C27:G47_A A 27 ? A 47 ? 19 1  
1 A A 28 1_555 A A 46 1_555 -1.471 -1.285 0.332  16.396  -16.026 177.814 9  A_A28:A46_A A 28 ? A 46 ? 1  2  
1 A A 8  1_555 A G 45 1_555 -6.881 -4.521 0.195  6.265   -6.344  -7.468  10 A_A8:G45_A  A 8  ? A 45 ? 11 10 
1 A C 9  1_555 A G 44 1_555 -0.015 -0.130 0.116  5.725   -10.018 0.414   11 A_C9:G44_A  A 9  ? A 44 ? 19 1  
1 A A 10 1_555 A U 43 1_555 0.014  -0.129 -0.016 -1.779  -14.004 6.322   12 A_A10:U43_A A 10 ? A 43 ? 20 1  
1 A C 11 1_555 A G 42 1_555 -0.008 -0.052 0.167  -0.851  -14.790 -0.251  13 A_C11:G42_A A 11 ? A 42 ? 19 1  
1 A U 12 1_555 A A 41 1_555 0.174  -0.130 0.293  -5.633  -7.824  8.161   14 A_U12:A41_A A 12 ? A 41 ? 20 1  
1 A G 13 1_555 A C 31 1_555 -0.195 -0.032 0.375  -0.314  -14.471 -3.169  15 A_G13:C31_A A 13 ? A 31 ? 19 1  
1 A C 14 1_555 A G 30 1_555 -0.156 -0.068 0.317  -2.426  -19.838 -4.100  16 A_C14:G30_A A 14 ? A 30 ? 19 1  
1 A C 15 1_555 A G 19 1_555 -0.445 -0.095 0.284  -7.610  -4.916  -0.010  17 A_C15:G19_A A 15 ? A 19 ? 19 1  
1 A C 20 1_555 A G 35 1_555 -0.130 -0.103 -0.084 9.238   -20.552 -0.012  18 A_C20:G35_A A 20 ? A 35 ? 19 1  
1 A C 21 1_555 A G 34 1_555 0.057  -0.200 -0.313 9.804   -16.463 2.785   19 A_C21:G34_A A 21 ? A 34 ? 19 1  
1 A G 22 1_555 A C 33 1_555 -0.125 -0.249 -0.043 -3.863  -10.339 1.943   20 A_G22:C33_A A 22 ? A 33 ? 19 1  
1 A G 23 1_555 A C 32 1_555 -0.148 -0.105 -0.125 -10.235 -18.096 0.966   21 A_G23:C32_A A 23 ? A 32 ? 19 1  
1 A U 24 1_555 A A 29 1_555 4.325  -2.448 -0.113 -7.745  1.237   -91.972 22 A_U24:A29_A A 24 ? A 29 ? 24 4  
# 
loop_
_ndb_struct_na_base_pair_step.model_number 
_ndb_struct_na_base_pair_step.i_label_asym_id_1 
_ndb_struct_na_base_pair_step.i_label_comp_id_1 
_ndb_struct_na_base_pair_step.i_label_seq_id_1 
_ndb_struct_na_base_pair_step.i_symmetry_1 
_ndb_struct_na_base_pair_step.j_label_asym_id_1 
_ndb_struct_na_base_pair_step.j_label_comp_id_1 
_ndb_struct_na_base_pair_step.j_label_seq_id_1 
_ndb_struct_na_base_pair_step.j_symmetry_1 
_ndb_struct_na_base_pair_step.i_label_asym_id_2 
_ndb_struct_na_base_pair_step.i_label_comp_id_2 
_ndb_struct_na_base_pair_step.i_label_seq_id_2 
_ndb_struct_na_base_pair_step.i_symmetry_2 
_ndb_struct_na_base_pair_step.j_label_asym_id_2 
_ndb_struct_na_base_pair_step.j_label_comp_id_2 
_ndb_struct_na_base_pair_step.j_label_seq_id_2 
_ndb_struct_na_base_pair_step.j_symmetry_2 
_ndb_struct_na_base_pair_step.shift 
_ndb_struct_na_base_pair_step.slide 
_ndb_struct_na_base_pair_step.rise 
_ndb_struct_na_base_pair_step.tilt 
_ndb_struct_na_base_pair_step.roll 
_ndb_struct_na_base_pair_step.twist 
_ndb_struct_na_base_pair_step.x_displacement 
_ndb_struct_na_base_pair_step.y_displacement 
_ndb_struct_na_base_pair_step.helical_rise 
_ndb_struct_na_base_pair_step.inclination 
_ndb_struct_na_base_pair_step.tip 
_ndb_struct_na_base_pair_step.helical_twist 
_ndb_struct_na_base_pair_step.step_number 
_ndb_struct_na_base_pair_step.step_name 
_ndb_struct_na_base_pair_step.i_auth_asym_id_1 
_ndb_struct_na_base_pair_step.i_auth_seq_id_1 
_ndb_struct_na_base_pair_step.i_PDB_ins_code_1 
_ndb_struct_na_base_pair_step.j_auth_asym_id_1 
_ndb_struct_na_base_pair_step.j_auth_seq_id_1 
_ndb_struct_na_base_pair_step.j_PDB_ins_code_1 
_ndb_struct_na_base_pair_step.i_auth_asym_id_2 
_ndb_struct_na_base_pair_step.i_auth_seq_id_2 
_ndb_struct_na_base_pair_step.i_PDB_ins_code_2 
_ndb_struct_na_base_pair_step.j_auth_asym_id_2 
_ndb_struct_na_base_pair_step.j_auth_seq_id_2 
_ndb_struct_na_base_pair_step.j_PDB_ins_code_2 
1 A C 1  1_555 A G 54 1_555 A C 2  1_555 A G 53 1_555 -0.176 -1.579 3.386  -0.493   6.579   31.252  -4.051 0.232  3.002  12.044 
0.902  31.923   1  AA_C1C2:G53G54_AA   A 1  ? A 54 ? A 2  ? A 53 ? 
1 A C 2  1_555 A G 53 1_555 A G 3  1_555 A C 52 1_555 0.006  -1.714 3.429  -3.318   9.878   28.879  -5.119 -0.642 2.693  19.041 
6.396  30.664   2  AA_C2G3:C52G53_AA   A 2  ? A 53 ? A 3  ? A 52 ? 
1 A G 3  1_555 A C 52 1_555 A C 4  1_555 A G 51 1_555 -0.223 -1.575 3.117  0.749    4.209   32.847  -3.417 0.508  2.893  7.403  
-1.317 33.116   3  AA_G3C4:G51C52_AA   A 3  ? A 52 ? A 4  ? A 51 ? 
1 A C 4  1_555 A G 51 1_555 A C 5  1_555 A G 50 1_555 -0.822 -1.627 3.118  -0.314   7.432   26.174  -5.117 1.678  2.576  16.004 
0.675  27.193   4  AA_C4C5:G50G51_AA   A 4  ? A 51 ? A 5  ? A 50 ? 
1 A C 5  1_555 A G 50 1_555 A C 25 1_555 A G 49 1_555 -2.845 -0.916 3.246  -11.805  11.160  56.865  -1.535 2.252  3.504  11.463 
12.126 58.954   5  AA_C5C25:G49G50_AA  A 5  ? A 50 ? A 25 ? A 49 ? 
1 A C 25 1_555 A G 49 1_555 A C 26 1_555 A G 48 1_555 -0.605 -2.040 3.394  -0.826   9.842   32.692  -4.964 0.906  2.698  17.007 
1.427  34.112   6  AA_C25C26:G48G49_AA A 25 ? A 49 ? A 26 ? A 48 ? 
1 A C 26 1_555 A G 48 1_555 A C 27 1_555 A G 47 1_555 1.083  -1.769 2.958  4.895    7.496   32.467  -4.120 -1.177 2.627  13.098 
-8.554 33.647   7  AA_C26C27:G47G48_AA A 26 ? A 48 ? A 27 ? A 47 ? 
1 A C 27 1_555 A G 47 1_555 A A 28 1_555 A A 46 1_555 -1.504 -2.870 -1.472 -145.278 101.750 91.692  -1.107 1.220  -1.345 51.088 
72.944 178.166  8  AA_C27A28:A46G47_AA A 27 ? A 47 ? A 28 ? A 46 ? 
1 A A 28 1_555 A A 46 1_555 A A 8  1_555 A G 45 1_555 3.040  -5.490 -0.926 150.430  -82.943 -32.036 1.606  -0.554 -5.362 42.907 
77.819 -172.100 9  AA_A28A8:G45A46_AA  A 28 ? A 46 ? A 8  ? A 45 ? 
1 A A 8  1_555 A G 45 1_555 A C 9  1_555 A G 44 1_555 0.476  -0.831 3.438  -4.864   4.463   69.383  -0.894 -0.599 3.350  3.912  
4.263  69.657   10 AA_A8C9:G44G45_AA   A 8  ? A 45 ? A 9  ? A 44 ? 
1 A C 9  1_555 A G 44 1_555 A A 10 1_555 A U 43 1_555 -0.233 -1.781 3.350  0.419    11.201  27.528  -5.648 0.536  2.449  22.397 
-0.838 29.681   11 AA_C9A10:U43G44_AA  A 9  ? A 44 ? A 10 ? A 43 ? 
1 A A 10 1_555 A U 43 1_555 A C 11 1_555 A G 42 1_555 -0.579 -1.264 3.245  -2.812   11.772  31.357  -3.994 0.572  2.653  20.834 
4.976  33.556   12 AA_A10C11:G42U43_AA A 10 ? A 43 ? A 11 ? A 42 ? 
1 A C 11 1_555 A G 42 1_555 A U 12 1_555 A A 41 1_555 0.933  -0.833 3.345  4.203    5.998   30.673  -2.671 -0.919 3.225  11.141 
-7.806 31.515   13 AA_C11U12:A41G42_AA A 11 ? A 42 ? A 12 ? A 41 ? 
1 A U 12 1_555 A A 41 1_555 A G 13 1_555 A C 31 1_555 0.072  -2.291 2.959  -0.242   9.369   24.614  -6.992 -0.208 1.967  21.027 
0.544  26.312   14 AA_U12G13:C31A41_AA A 12 ? A 41 ? A 13 ? A 31 ? 
1 A G 13 1_555 A C 31 1_555 A C 14 1_555 A G 30 1_555 0.524  -2.213 3.174  2.190    -0.317  35.965  -3.534 -0.544 3.218  -0.512 
-3.543 36.030   15 AA_G13C14:G30C31_AA A 13 ? A 31 ? A 14 ? A 30 ? 
1 A C 14 1_555 A G 30 1_555 A C 15 1_555 A G 19 1_555 -0.454 -1.855 3.416  1.494    2.185   26.782  -4.556 1.366  3.228  4.703  
-3.216 26.910   16 AA_C14C15:G19G30_AA A 14 ? A 30 ? A 15 ? A 19 ? 
1 A C 20 1_555 A G 35 1_555 A C 21 1_555 A G 34 1_555 -0.342 -1.413 3.290  -0.695   7.884   34.590  -3.432 0.464  2.914  13.048 
1.151  35.457   17 AA_C20C21:G34G35_AA A 20 ? A 35 ? A 21 ? A 34 ? 
1 A C 21 1_555 A G 34 1_555 A G 22 1_555 A C 33 1_555 -0.403 -1.709 3.494  -3.636   16.885  29.676  -5.421 0.143  2.258  29.984 
6.457  34.239   18 AA_C21G22:C33G34_AA A 21 ? A 34 ? A 22 ? A 33 ? 
1 A G 22 1_555 A C 33 1_555 A G 23 1_555 A C 32 1_555 0.299  -1.970 3.432  1.617    11.533  31.298  -5.253 -0.266 2.577  20.509 
-2.875 33.343   19 AA_G22G23:C32C33_AA A 22 ? A 33 ? A 23 ? A 32 ? 
1 A G 23 1_555 A C 32 1_555 A U 24 1_555 A A 29 1_555 -1.393 -1.992 3.183  3.359    0.300   89.122  -1.425 1.059  3.135  0.214  
-2.393 89.173   20 AA_G23U24:A29C32_AA A 23 ? A 32 ? A 24 ? A 29 ? 
# 
_atom_sites.entry_id                    4OJI 
_atom_sites.fract_transf_matrix[1][1]   0.01238300 
_atom_sites.fract_transf_matrix[1][2]   0.00591113 
_atom_sites.fract_transf_matrix[1][3]   0.01569891 
_atom_sites.fract_transf_matrix[2][1]   0.00433911 
_atom_sites.fract_transf_matrix[2][2]   -0.01332333 
_atom_sites.fract_transf_matrix[2][3]   0.01543967 
_atom_sites.fract_transf_matrix[3][1]   0.00454765 
_atom_sites.fract_transf_matrix[3][2]   -0.00186294 
_atom_sites.fract_transf_matrix[3][3]   -0.00288564 
_atom_sites.fract_transf_vector[1]      -0.038679 
_atom_sites.fract_transf_vector[2]      0.416311 
_atom_sites.fract_transf_vector[3]      -0.031646 
# 
loop_
_atom_type.symbol 
C  
MG 
N  
O  
P  
# 
loop_
_atom_site.group_PDB 
_atom_site.id 
_atom_site.type_symbol 
_atom_site.label_atom_id 
_atom_site.label_alt_id 
_atom_site.label_comp_id 
_atom_site.label_asym_id 
_atom_site.label_entity_id 
_atom_site.label_seq_id 
_atom_site.pdbx_PDB_ins_code 
_atom_site.Cartn_x 
_atom_site.Cartn_y 
_atom_site.Cartn_z 
_atom_site.occupancy 
_atom_site.B_iso_or_equiv 
_atom_site.pdbx_formal_charge 
_atom_site.auth_seq_id 
_atom_site.auth_comp_id 
_atom_site.auth_asym_id 
_atom_site.auth_atom_id 
_atom_site.pdbx_PDB_model_num 
ATOM   1    O  "O5'" A C   A 1 1  ? 14.681  -21.523 12.286  0.63 63.72  ? 1   C   A "O5'" 1 
ATOM   2    O  "O5'" B C   A 1 1  ? 15.685  -23.301 11.970  0.37 60.65  ? 1   C   A "O5'" 1 
ATOM   3    C  "C5'" A C   A 1 1  ? 14.641  -22.696 11.491  0.63 63.60  ? 1   C   A "C5'" 1 
ATOM   4    C  "C5'" B C   A 1 1  ? 14.664  -22.432 11.504  0.37 63.73  ? 1   C   A "C5'" 1 
ATOM   5    C  "C4'" A C   A 1 1  ? 13.249  -23.263 11.421  0.63 63.05  ? 1   C   A "C4'" 1 
ATOM   6    C  "C4'" B C   A 1 1  ? 13.329  -23.132 11.439  0.37 62.89  ? 1   C   A "C4'" 1 
ATOM   7    O  "O4'" A C   A 1 1  ? 12.728  -23.455 12.761  0.63 59.62  ? 1   C   A "O4'" 1 
ATOM   8    O  "O4'" B C   A 1 1  ? 12.826  -23.369 12.782  0.37 59.09  ? 1   C   A "O4'" 1 
ATOM   9    C  "C3'" A C   A 1 1  ? 12.197  -22.398 10.747  0.63 64.01  ? 1   C   A "C3'" 1 
ATOM   10   C  "C3'" B C   A 1 1  ? 12.206  -22.361 10.760  0.37 63.85  ? 1   C   A "C3'" 1 
ATOM   11   O  "O3'" A C   A 1 1  ? 12.256  -22.448 9.332   0.63 69.25  ? 1   C   A "O3'" 1 
ATOM   12   O  "O3'" B C   A 1 1  ? 12.260  -22.437 9.344   0.37 68.96  ? 1   C   A "O3'" 1 
ATOM   13   C  "C2'" A C   A 1 1  ? 10.903  -22.955 11.324  0.63 59.20  ? 1   C   A "C2'" 1 
ATOM   14   C  "C2'" B C   A 1 1  ? 10.961  -22.998 11.358  0.37 59.13  ? 1   C   A "C2'" 1 
ATOM   15   O  "O2'" A C   A 1 1  ? 10.561  -24.177 10.689  0.63 60.53  ? 1   C   A "O2'" 1 
ATOM   16   O  "O2'" B C   A 1 1  ? 10.700  -24.249 10.744  0.37 60.35  ? 1   C   A "O2'" 1 
ATOM   17   C  "C1'" A C   A 1 1  ? 11.327  -23.258 12.762  0.63 50.33  ? 1   C   A "C1'" 1 
ATOM   18   C  "C1'" B C   A 1 1  ? 11.417  -23.249 12.796  0.37 50.84  ? 1   C   A "C1'" 1 
ATOM   19   N  N1    A C   A 1 1  ? 10.990  -22.148 13.686  0.63 43.90  ? 1   C   A N1    1 
ATOM   20   N  N1    B C   A 1 1  ? 11.043  -22.135 13.700  0.37 44.90  ? 1   C   A N1    1 
ATOM   21   C  C2    A C   A 1 1  ? 9.671   -22.049 14.153  0.63 38.26  ? 1   C   A C2    1 
ATOM   22   C  C2    B C   A 1 1  ? 9.723   -22.055 14.169  0.37 39.42  ? 1   C   A C2    1 
ATOM   23   O  O2    A C   A 1 1  ? 8.836   -22.891 13.786  0.63 39.10  ? 1   C   A O2    1 
ATOM   24   O  O2    B C   A 1 1  ? 8.901   -22.917 13.821  0.37 40.15  ? 1   C   A O2    1 
ATOM   25   N  N3    A C   A 1 1  ? 9.331   -21.047 14.999  0.63 32.10  ? 1   C   A N3    1 
ATOM   26   N  N3    B C   A 1 1  ? 9.370   -21.041 14.996  0.37 34.50  ? 1   C   A N3    1 
ATOM   27   C  C4    A C   A 1 1  ? 10.252  -20.158 15.377  0.63 34.26  ? 1   C   A C4    1 
ATOM   28   C  C4    B C   A 1 1  ? 10.275  -20.128 15.354  0.37 35.14  ? 1   C   A C4    1 
ATOM   29   N  N4    A C   A 1 1  ? 9.873   -19.186 16.211  0.63 31.18  ? 1   C   A N4    1 
ATOM   30   N  N4    B C   A 1 1  ? 9.886   -19.146 16.169  0.37 34.01  ? 1   C   A N4    1 
ATOM   31   C  C5    A C   A 1 1  ? 11.599  -20.226 14.916  0.63 32.33  ? 1   C   A C5    1 
ATOM   32   C  C5    B C   A 1 1  ? 11.623  -20.180 14.891  0.37 35.15  ? 1   C   A C5    1 
ATOM   33   C  C6    A C   A 1 1  ? 11.922  -21.223 14.080  0.63 37.42  ? 1   C   A C6    1 
ATOM   34   C  C6    B C   A 1 1  ? 11.959  -21.187 14.076  0.37 38.59  ? 1   C   A C6    1 
ATOM   35   P  P     . C   A 1 2  ? 11.841  -21.160 8.463   1.00 80.65  ? 2   C   A P     1 
ATOM   36   O  OP1   . C   A 1 2  ? 12.345  -21.328 7.072   1.00 63.97  ? 2   C   A OP1   1 
ATOM   37   O  OP2   . C   A 1 2  ? 12.215  -19.962 9.251   1.00 60.44  ? 2   C   A OP2   1 
ATOM   38   O  "O5'" . C   A 1 2  ? 10.252  -21.225 8.424   1.00 53.24  ? 2   C   A "O5'" 1 
ATOM   39   C  "C5'" . C   A 1 2  ? 9.581   -22.404 8.014   1.00 50.86  ? 2   C   A "C5'" 1 
ATOM   40   C  "C4'" . C   A 1 2  ? 8.123   -22.362 8.390   1.00 62.25  ? 2   C   A "C4'" 1 
ATOM   41   O  "O4'" . C   A 1 2  ? 7.974   -22.384 9.835   1.00 62.26  ? 2   C   A "O4'" 1 
ATOM   42   C  "C3'" . C   A 1 2  ? 7.364   -21.115 7.972   1.00 56.53  ? 2   C   A "C3'" 1 
ATOM   43   O  "O3'" . C   A 1 2  ? 7.005   -21.111 6.599   1.00 58.88  ? 2   C   A "O3'" 1 
ATOM   44   C  "C2'" . C   A 1 2  ? 6.177   -21.127 8.925   1.00 55.19  ? 2   C   A "C2'" 1 
ATOM   45   O  "O2'" . C   A 1 2  ? 5.216   -22.085 8.508   1.00 52.44  ? 2   C   A "O2'" 1 
ATOM   46   C  "C1'" . C   A 1 2  ? 6.837   -21.628 10.210  1.00 47.92  ? 2   C   A "C1'" 1 
ATOM   47   N  N1    . C   A 1 2  ? 7.265   -20.515 11.095  1.00 34.79  ? 2   C   A N1    1 
ATOM   48   C  C2    . C   A 1 2  ? 6.318   -19.915 11.938  1.00 47.48  ? 2   C   A C2    1 
ATOM   49   O  O2    . C   A 1 2  ? 5.145   -20.325 11.921  1.00 44.70  ? 2   C   A O2    1 
ATOM   50   N  N3    . C   A 1 2  ? 6.696   -18.901 12.757  1.00 33.53  ? 2   C   A N3    1 
ATOM   51   C  C4    . C   A 1 2  ? 7.961   -18.479 12.759  1.00 32.29  ? 2   C   A C4    1 
ATOM   52   N  N4    . C   A 1 2  ? 8.284   -17.479 13.584  1.00 29.36  ? 2   C   A N4    1 
ATOM   53   C  C5    . C   A 1 2  ? 8.947   -19.066 11.916  1.00 30.95  ? 2   C   A C5    1 
ATOM   54   C  C6    . C   A 1 2  ? 8.559   -20.067 11.112  1.00 40.36  ? 2   C   A C6    1 
ATOM   55   P  P     . G   A 1 3  ? 6.856   -19.719 5.808   1.00 61.10  ? 3   G   A P     1 
ATOM   56   O  OP1   . G   A 1 3  ? 6.526   -20.012 4.387   1.00 65.18  ? 3   G   A OP1   1 
ATOM   57   O  OP2   . G   A 1 3  ? 8.030   -18.870 6.129   1.00 45.72  ? 3   G   A OP2   1 
ATOM   58   O  "O5'" . G   A 1 3  ? 5.563   -19.059 6.457   1.00 55.02  ? 3   G   A "O5'" 1 
ATOM   59   C  "C5'" . G   A 1 3  ? 4.292   -19.667 6.289   1.00 47.67  ? 3   G   A "C5'" 1 
ATOM   60   C  "C4'" . G   A 1 3  ? 3.225   -18.984 7.103   1.00 53.54  ? 3   G   A "C4'" 1 
ATOM   61   O  "O4'" . G   A 1 3  ? 3.526   -19.079 8.522   1.00 50.77  ? 3   G   A "O4'" 1 
ATOM   62   C  "C3'" . G   A 1 3  ? 3.052   -17.494 6.879   1.00 60.06  ? 3   G   A "C3'" 1 
ATOM   63   O  "O3'" . G   A 1 3  ? 2.370   -17.181 5.677   1.00 52.32  ? 3   G   A "O3'" 1 
ATOM   64   C  "C2'" . G   A 1 3  ? 2.318   -17.070 8.143   1.00 48.25  ? 3   G   A "C2'" 1 
ATOM   65   O  "O2'" . G   A 1 3  ? 0.958   -17.473 8.080   1.00 42.04  ? 3   G   A "O2'" 1 
ATOM   66   C  "C1'" . G   A 1 3  ? 3.023   -17.934 9.188   1.00 41.57  ? 3   G   A "C1'" 1 
ATOM   67   N  N9    . G   A 1 3  ? 4.146   -17.213 9.823   1.00 27.77  ? 3   G   A N9    1 
ATOM   68   C  C8    . G   A 1 3  ? 5.496   -17.352 9.602   1.00 39.72  ? 3   G   A C8    1 
ATOM   69   N  N7    . G   A 1 3  ? 6.225   -16.546 10.333  1.00 27.99  ? 3   G   A N7    1 
ATOM   70   C  C5    . G   A 1 3  ? 5.300   -15.827 11.077  1.00 23.42  ? 3   G   A C5    1 
ATOM   71   C  C6    . G   A 1 3  ? 5.481   -14.804 12.045  1.00 29.10  ? 3   G   A C6    1 
ATOM   72   O  O6    . G   A 1 3  ? 6.533   -14.307 12.462  1.00 36.58  ? 3   G   A O6    1 
ATOM   73   N  N1    . G   A 1 3  ? 4.267   -14.351 12.547  1.00 31.49  ? 3   G   A N1    1 
ATOM   74   C  C2    . G   A 1 3  ? 3.035   -14.819 12.170  1.00 34.17  ? 3   G   A C2    1 
ATOM   75   N  N2    . G   A 1 3  ? 1.974   -14.259 12.767  1.00 29.99  ? 3   G   A N2    1 
ATOM   76   N  N3    . G   A 1 3  ? 2.850   -15.770 11.272  1.00 32.43  ? 3   G   A N3    1 
ATOM   77   C  C4    . G   A 1 3  ? 4.018   -16.225 10.771  1.00 35.57  ? 3   G   A C4    1 
ATOM   78   P  P     . C   A 1 4  ? 2.818   -15.899 4.817   1.00 48.18  ? 4   C   A P     1 
ATOM   79   O  OP1   . C   A 1 4  ? 2.195   -15.997 3.471   1.00 53.70  ? 4   C   A OP1   1 
ATOM   80   O  OP2   . C   A 1 4  ? 4.294   -15.778 4.929   1.00 44.39  ? 4   C   A OP2   1 
ATOM   81   O  "O5'" . C   A 1 4  ? 2.138   -14.681 5.584   1.00 43.87  ? 4   C   A "O5'" 1 
ATOM   82   C  "C5'" . C   A 1 4  ? 0.724   -14.568 5.640   1.00 35.63  ? 4   C   A "C5'" 1 
ATOM   83   C  "C4'" . C   A 1 4  ? 0.272   -13.566 6.675   1.00 33.19  ? 4   C   A "C4'" 1 
ATOM   84   O  "O4'" . C   A 1 4  ? 0.835   -13.893 7.971   1.00 33.95  ? 4   C   A "O4'" 1 
ATOM   85   C  "C3'" . C   A 1 4  ? 0.687   -12.122 6.442   1.00 24.46  ? 4   C   A "C3'" 1 
ATOM   86   O  "O3'" . C   A 1 4  ? -0.160  -11.467 5.510   1.00 35.21  ? 4   C   A "O3'" 1 
ATOM   87   C  "C2'" . C   A 1 4  ? 0.620   -11.527 7.844   1.00 23.86  ? 4   C   A "C2'" 1 
ATOM   88   O  "O2'" . C   A 1 4  ? -0.717  -11.210 8.192   1.00 32.47  ? 4   C   A "O2'" 1 
ATOM   89   C  "C1'" . C   A 1 4  ? 1.074   -12.710 8.704   1.00 24.10  ? 4   C   A "C1'" 1 
ATOM   90   N  N1    . C   A 1 4  ? 2.515   -12.641 9.039   1.00 28.49  ? 4   C   A N1    1 
ATOM   91   C  C2    . C   A 1 4  ? 2.938   -11.830 10.096  1.00 23.72  ? 4   C   A C2    1 
ATOM   92   O  O2    . C   A 1 4  ? 2.103   -11.174 10.732  1.00 34.39  ? 4   C   A O2    1 
ATOM   93   N  N3    . C   A 1 4  ? 4.253   -11.775 10.402  1.00 36.07  ? 4   C   A N3    1 
ATOM   94   C  C4    . C   A 1 4  ? 5.132   -12.491 9.701   1.00 26.45  ? 4   C   A C4    1 
ATOM   95   N  N4    . C   A 1 4  ? 6.417   -12.397 10.048  1.00 32.08  ? 4   C   A N4    1 
ATOM   96   C  C5    . C   A 1 4  ? 4.734   -13.326 8.621   1.00 22.81  ? 4   C   A C5    1 
ATOM   97   C  C6    . C   A 1 4  ? 3.429   -13.371 8.330   1.00 31.74  ? 4   C   A C6    1 
ATOM   98   P  P     . C   A 1 5  ? 0.410   -10.359 4.492   1.00 29.68  ? 5   C   A P     1 
ATOM   99   O  OP1   . C   A 1 5  ? -0.654  -10.088 3.493   1.00 30.18  ? 5   C   A OP1   1 
ATOM   100  O  OP2   . C   A 1 5  ? 1.767   -10.757 4.036   1.00 36.90  ? 5   C   A OP2   1 
ATOM   101  O  "O5'" . C   A 1 5  ? 0.523   -9.050  5.379   1.00 28.12  ? 5   C   A "O5'" 1 
ATOM   102  C  "C5'" . C   A 1 5  ? -0.643  -8.437  5.907   1.00 23.84  ? 5   C   A "C5'" 1 
ATOM   103  C  "C4'" . C   A 1 5  ? -0.297  -7.302  6.833   1.00 22.39  ? 5   C   A "C4'" 1 
ATOM   104  O  "O4'" . C   A 1 5  ? 0.266   -7.823  8.061   1.00 28.77  ? 5   C   A "O4'" 1 
ATOM   105  C  "C3'" . C   A 1 5  ? 0.755   -6.324  6.337   1.00 24.47  ? 5   C   A "C3'" 1 
ATOM   106  O  "O3'" . C   A 1 5  ? 0.234   -5.375  5.423   1.00 40.19  ? 5   C   A "O3'" 1 
ATOM   107  C  "C2'" . C   A 1 5  ? 1.259   -5.706  7.635   1.00 35.29  ? 5   C   A "C2'" 1 
ATOM   108  O  "O2'" . C   A 1 5  ? 0.351   -4.722  8.107   1.00 46.02  ? 5   C   A "O2'" 1 
ATOM   109  C  "C1'" . C   A 1 5  ? 1.207   -6.908  8.581   1.00 21.83  ? 5   C   A "C1'" 1 
ATOM   110  N  N1    . C   A 1 5  ? 2.523   -7.577  8.697   1.00 20.86  ? 5   C   A N1    1 
ATOM   111  C  C2    . C   A 1 5  ? 3.395   -7.095  9.671   1.00 21.41  ? 5   C   A C2    1 
ATOM   112  O  O2    . C   A 1 5  ? 3.023   -6.155  10.386  1.00 32.20  ? 5   C   A O2    1 
ATOM   113  N  N3    . C   A 1 5  ? 4.614   -7.658  9.817   1.00 25.06  ? 5   C   A N3    1 
ATOM   114  C  C4    . C   A 1 5  ? 4.974   -8.668  9.027   1.00 22.76  ? 5   C   A C4    1 
ATOM   115  N  N4    . C   A 1 5  ? 6.188   -9.192  9.208   1.00 23.56  ? 5   C   A N4    1 
ATOM   116  C  C5    . C   A 1 5  ? 4.107   -9.187  8.021   1.00 18.78  ? 5   C   A C5    1 
ATOM   117  C  C6    . C   A 1 5  ? 2.899   -8.616  7.888   1.00 30.74  ? 5   C   A C6    1 
ATOM   118  P  P     . DU  A 1 6  ? 1.145   -4.783  4.239   1.00 26.45  ? 6   DU  A P     1 
ATOM   119  O  OP1   . DU  A 1 6  ? 2.039   -5.864  3.756   1.00 26.62  ? 6   DU  A OP1   1 
ATOM   120  O  OP2   . DU  A 1 6  ? 1.724   -3.498  4.698   1.00 39.58  ? 6   DU  A OP2   1 
ATOM   121  O  "O5'" . DU  A 1 6  ? 0.080   -4.457  3.104   1.00 36.73  ? 6   DU  A "O5'" 1 
ATOM   122  C  "C5'" . DU  A 1 6  ? -0.342  -5.467  2.171   1.00 27.75  ? 6   DU  A "C5'" 1 
ATOM   123  C  "C4'" . DU  A 1 6  ? -1.535  -4.970  1.389   1.00 24.12  ? 6   DU  A "C4'" 1 
ATOM   124  O  "O4'" . DU  A 1 6  ? -2.745  -5.265  2.122   1.00 35.17  ? 6   DU  A "O4'" 1 
ATOM   125  C  "C3'" . DU  A 1 6  ? -1.541  -3.462  1.136   1.00 24.99  ? 6   DU  A "C3'" 1 
ATOM   126  O  "O3'" . DU  A 1 6  ? -1.980  -3.173  -0.191  1.00 31.90  ? 6   DU  A "O3'" 1 
ATOM   127  C  "C2'" . DU  A 1 6  ? -2.510  -2.923  2.172   1.00 30.48  ? 6   DU  A "C2'" 1 
ATOM   128  C  "C1'" . DU  A 1 6  ? -3.470  -4.076  2.396   1.00 30.83  ? 6   DU  A "C1'" 1 
ATOM   129  N  N1    . DU  A 1 6  ? -3.958  -4.159  3.776   1.00 36.77  ? 6   DU  A N1    1 
ATOM   130  C  C2    . DU  A 1 6  ? -5.323  -4.081  3.985   1.00 34.28  ? 6   DU  A C2    1 
ATOM   131  O  O2    . DU  A 1 6  ? -6.124  -3.950  3.078   1.00 31.95  ? 6   DU  A O2    1 
ATOM   132  N  N3    . DU  A 1 6  ? -5.711  -4.162  5.300   1.00 31.13  ? 6   DU  A N3    1 
ATOM   133  C  C4    . DU  A 1 6  ? -4.893  -4.308  6.403   1.00 31.59  ? 6   DU  A C4    1 
ATOM   134  O  O4    . DU  A 1 6  ? -5.393  -4.365  7.525   1.00 44.87  ? 6   DU  A O4    1 
ATOM   135  C  C5    . DU  A 1 6  ? -3.495  -4.381  6.099   1.00 27.46  ? 6   DU  A C5    1 
ATOM   136  C  C6    . DU  A 1 6  ? -3.090  -4.307  4.830   1.00 44.01  ? 6   DU  A C6    1 
ATOM   137  P  P     A A   A 1 7  ? -0.918  -3.159  -1.397  0.55 27.64  ? 7   A   A P     1 
ATOM   138  P  P     B A   A 1 7  ? -0.910  -3.031  -1.378  0.45 27.26  ? 7   A   A P     1 
ATOM   139  O  OP1   A A   A 1 7  ? -1.515  -3.916  -2.527  0.55 33.66  ? 7   A   A OP1   1 
ATOM   140  O  OP1   B A   A 1 7  ? -1.675  -2.794  -2.628  0.45 29.88  ? 7   A   A OP1   1 
ATOM   141  O  OP2   A A   A 1 7  ? 0.399   -3.560  -0.837  0.55 25.14  ? 7   A   A OP2   1 
ATOM   142  O  OP2   B A   A 1 7  ? 0.044   -4.165  -1.294  0.45 35.31  ? 7   A   A OP2   1 
ATOM   143  O  "O5'" A A   A 1 7  ? -0.803  -1.626  -1.813  0.55 20.78  ? 7   A   A "O5'" 1 
ATOM   144  O  "O5'" B A   A 1 7  ? -0.110  -1.705  -1.019  0.45 24.18  ? 7   A   A "O5'" 1 
ATOM   145  C  "C5'" A A   A 1 7  ? -0.456  -0.644  -0.844  0.55 24.58  ? 7   A   A "C5'" 1 
ATOM   146  C  "C5'" B A   A 1 7  ? -0.669  -0.433  -1.313  0.45 26.56  ? 7   A   A "C5'" 1 
ATOM   147  C  "C4'" A A   A 1 7  ? 0.440   0.445   -1.394  0.55 25.32  ? 7   A   A "C4'" 1 
ATOM   148  C  "C4'" B A   A 1 7  ? 0.390   0.618   -1.529  0.45 25.14  ? 7   A   A "C4'" 1 
ATOM   149  O  "O4'" A A   A 1 7  ? 0.445   1.538   -0.438  0.55 29.74  ? 7   A   A "O4'" 1 
ATOM   150  O  "O4'" B A   A 1 7  ? 0.382   1.552   -0.416  0.45 29.91  ? 7   A   A "O4'" 1 
ATOM   151  C  "C3'" A A   A 1 7  ? 1.903   0.059   -1.590  0.55 25.31  ? 7   A   A "C3'" 1 
ATOM   152  C  "C3'" B A   A 1 7  ? 1.823   0.109   -1.651  0.45 25.49  ? 7   A   A "C3'" 1 
ATOM   153  O  "O3'" A A   A 1 7  ? 2.474   0.878   -2.614  0.55 38.85  ? 7   A   A "O3'" 1 
ATOM   154  O  "O3'" B A   A 1 7  ? 2.512   0.897   -2.617  0.45 38.82  ? 7   A   A "O3'" 1 
ATOM   155  C  "C2'" A A   A 1 7  ? 2.519   0.440   -0.248  0.55 27.07  ? 7   A   A "C2'" 1 
ATOM   156  C  "C2'" B A   A 1 7  ? 2.403   0.381   -0.263  0.45 27.34  ? 7   A   A "C2'" 1 
ATOM   157  O  "O2'" A A   A 1 7  ? 3.911   0.678   -0.294  0.55 30.75  ? 7   A   A "O2'" 1 
ATOM   158  O  "O2'" B A   A 1 7  ? 3.805   0.551   -0.238  0.45 30.70  ? 7   A   A "O2'" 1 
ATOM   159  C  "C1'" A A   A 1 7  ? 1.743   1.712   0.097   0.55 22.05  ? 7   A   A "C1'" 1 
ATOM   160  C  "C1'" B A   A 1 7  ? 1.680   1.667   0.124   0.45 22.03  ? 7   A   A "C1'" 1 
ATOM   161  N  N9    A A   A 1 7  ? 1.595   1.962   1.534   0.55 21.74  ? 7   A   A N9    1 
ATOM   162  N  N9    B A   A 1 7  ? 1.557   1.894   1.569   0.45 21.74  ? 7   A   A N9    1 
ATOM   163  C  C8    A A   A 1 7  ? 2.084   3.018   2.266   0.55 23.23  ? 7   A   A C8    1 
ATOM   164  C  C8    B A   A 1 7  ? 2.092   2.927   2.300   0.45 23.19  ? 7   A   A C8    1 
ATOM   165  N  N7    A A   A 1 7  ? 1.779   2.967   3.541   0.55 21.45  ? 7   A   A N7    1 
ATOM   166  N  N7    B A   A 1 7  ? 1.814   2.877   3.581   0.45 21.37  ? 7   A   A N7    1 
ATOM   167  C  C5    A A   A 1 7  ? 1.034   1.804   3.664   0.55 23.08  ? 7   A   A C5    1 
ATOM   168  C  C5    B A   A 1 7  ? 1.038   1.735   3.706   0.45 23.27  ? 7   A   A C5    1 
ATOM   169  C  C6    A A   A 1 7  ? 0.412   1.184   4.766   0.55 22.85  ? 7   A   A C6    1 
ATOM   170  C  C6    B A   A 1 7  ? 0.424   1.124   4.816   0.45 23.57  ? 7   A   A C6    1 
ATOM   171  N  N6    A A   A 1 7  ? 0.444   1.669   6.008   0.55 21.72  ? 7   A   A N6    1 
ATOM   172  N  N6    B A   A 1 7  ? 0.494   1.595   6.063   0.45 23.15  ? 7   A   A N6    1 
ATOM   173  N  N1    A A   A 1 7  ? -0.253  0.031   4.550   0.55 29.57  ? 7   A   A N1    1 
ATOM   174  N  N1    B A   A 1 7  ? -0.280  -0.007  4.598   0.45 29.66  ? 7   A   A N1    1 
ATOM   175  C  C2    A A   A 1 7  ? -0.284  -0.458  3.305   0.55 31.93  ? 7   A   A C2    1 
ATOM   176  C  C2    B A   A 1 7  ? -0.351  -0.483  3.349   0.45 32.00  ? 7   A   A C2    1 
ATOM   177  N  N3    A A   A 1 7  ? 0.258   0.029   2.192   0.55 27.80  ? 7   A   A N3    1 
ATOM   178  N  N3    B A   A 1 7  ? 0.180   -0.002  2.228   0.45 27.82  ? 7   A   A N3    1 
ATOM   179  C  C4    A A   A 1 7  ? 0.912   1.177   2.437   0.55 24.16  ? 7   A   A C4    1 
ATOM   180  C  C4    B A   A 1 7  ? 0.871   1.121   2.475   0.45 24.17  ? 7   A   A C4    1 
ATOM   181  P  P     . A   A 1 8  ? 2.942   0.256   -4.023  1.00 32.76  ? 8   A   A P     1 
ATOM   182  O  OP1   . A   A 1 8  ? 2.980   1.342   -5.027  1.00 28.81  ? 8   A   A OP1   1 
ATOM   183  O  OP2   . A   A 1 8  ? 2.109   -0.943  -4.289  1.00 30.42  ? 8   A   A OP2   1 
ATOM   184  O  "O5'" . A   A 1 8  ? 4.437   -0.237  -3.763  1.00 31.15  ? 8   A   A "O5'" 1 
ATOM   185  C  "C5'" . A   A 1 8  ? 5.481   0.685   -3.480  1.00 31.03  ? 8   A   A "C5'" 1 
ATOM   186  C  "C4'" . A   A 1 8  ? 6.823   -0.004  -3.399  1.00 28.82  ? 8   A   A "C4'" 1 
ATOM   187  O  "O4'" . A   A 1 8  ? 6.741   -1.130  -2.490  1.00 31.81  ? 8   A   A "O4'" 1 
ATOM   188  C  "C3'" . A   A 1 8  ? 7.341   -0.609  -4.695  1.00 31.56  ? 8   A   A "C3'" 1 
ATOM   189  O  "O3'" . A   A 1 8  ? 7.988   0.349   -5.516  1.00 43.06  ? 8   A   A "O3'" 1 
ATOM   190  C  "C2'" . A   A 1 8  ? 8.272   -1.714  -4.211  1.00 29.68  ? 8   A   A "C2'" 1 
ATOM   191  O  "O2'" . A   A 1 8  ? 9.540   -1.186  -3.857  1.00 43.02  ? 8   A   A "O2'" 1 
ATOM   192  C  "C1'" . A   A 1 8  ? 7.568   -2.182  -2.943  1.00 33.74  ? 8   A   A "C1'" 1 
ATOM   193  N  N9    . A   A 1 8  ? 6.731   -3.372  -3.177  1.00 27.74  ? 8   A   A N9    1 
ATOM   194  C  C8    . A   A 1 8  ? 5.379   -3.483  -2.991  1.00 33.10  ? 8   A   A C8    1 
ATOM   195  N  N7    . A   A 1 8  ? 4.907   -4.670  -3.280  1.00 34.10  ? 8   A   A N7    1 
ATOM   196  C  C5    . A   A 1 8  ? 6.025   -5.386  -3.676  1.00 24.33  ? 8   A   A C5    1 
ATOM   197  C  C6    . A   A 1 8  ? 6.186   -6.710  -4.106  1.00 25.19  ? 8   A   A C6    1 
ATOM   198  N  N6    . A   A 1 8  ? 5.172   -7.571  -4.209  1.00 25.16  ? 8   A   A N6    1 
ATOM   199  N  N1    . A   A 1 8  ? 7.431   -7.121  -4.430  1.00 28.46  ? 8   A   A N1    1 
ATOM   200  C  C2    . A   A 1 8  ? 8.439   -6.248  -4.325  1.00 22.77  ? 8   A   A C2    1 
ATOM   201  N  N3    . A   A 1 8  ? 8.411   -4.977  -3.931  1.00 34.17  ? 8   A   A N3    1 
ATOM   202  C  C4    . A   A 1 8  ? 7.159   -4.602  -3.617  1.00 22.93  ? 8   A   A C4    1 
ATOM   203  P  P     . C   A 1 9  ? 7.621   0.462   -7.075  1.00 38.74  ? 9   C   A P     1 
ATOM   204  O  OP1   . C   A 1 9  ? 8.645   1.308   -7.737  1.00 68.73  ? 9   C   A OP1   1 
ATOM   205  O  OP2   . C   A 1 9  ? 6.185   0.829   -7.178  1.00 47.78  ? 9   C   A OP2   1 
ATOM   206  O  "O5'" . C   A 1 9  ? 7.794   -1.023  -7.620  1.00 43.26  ? 9   C   A "O5'" 1 
ATOM   207  C  "C5'" . C   A 1 9  ? 9.059   -1.669  -7.636  1.00 39.50  ? 9   C   A "C5'" 1 
ATOM   208  C  "C4'" . C   A 1 9  ? 8.915   -3.124  -7.998  1.00 39.53  ? 9   C   A "C4'" 1 
ATOM   209  O  "O4'" . C   A 1 9  ? 8.267   -3.843  -6.917  1.00 48.07  ? 9   C   A "O4'" 1 
ATOM   210  C  "C3'" . C   A 1 9  ? 8.041   -3.410  -9.208  1.00 50.94  ? 9   C   A "C3'" 1 
ATOM   211  O  "O3'" . C   A 1 9  ? 8.733   -3.237  -10.434 1.00 54.24  ? 9   C   A "O3'" 1 
ATOM   212  C  "C2'" . C   A 1 9  ? 7.581   -4.840  -8.957  1.00 47.73  ? 9   C   A "C2'" 1 
ATOM   213  O  "O2'" . C   A 1 9  ? 8.602   -5.761  -9.304  1.00 53.66  ? 9   C   A "O2'" 1 
ATOM   214  C  "C1'" . C   A 1 9  ? 7.418   -4.843  -7.440  1.00 39.26  ? 9   C   A "C1'" 1 
ATOM   215  N  N1    . C   A 1 9  ? 6.026   -4.543  -7.024  1.00 30.02  ? 9   C   A N1    1 
ATOM   216  C  C2    . C   A 1 9  ? 5.019   -5.512  -7.126  1.00 32.71  ? 9   C   A C2    1 
ATOM   217  O  O2    . C   A 1 9  ? 5.288   -6.635  -7.573  1.00 38.34  ? 9   C   A O2    1 
ATOM   218  N  N3    . C   A 1 9  ? 3.761   -5.207  -6.733  1.00 33.79  ? 9   C   A N3    1 
ATOM   219  C  C4    . C   A 1 9  ? 3.483   -3.998  -6.247  1.00 27.25  ? 9   C   A C4    1 
ATOM   220  N  N4    . C   A 1 9  ? 2.228   -3.744  -5.871  1.00 25.89  ? 9   C   A N4    1 
ATOM   221  C  C5    . C   A 1 9  ? 4.481   -2.994  -6.131  1.00 23.19  ? 9   C   A C5    1 
ATOM   222  C  C6    . C   A 1 9  ? 5.720   -3.310  -6.522  1.00 31.88  ? 9   C   A C6    1 
ATOM   223  P  P     . A   A 1 10 ? 7.939   -2.800  -11.759 1.00 53.11  ? 10  A   A P     1 
ATOM   224  O  OP1   . A   A 1 10 ? 8.923   -2.661  -12.863 1.00 66.71  ? 10  A   A OP1   1 
ATOM   225  O  OP2   . A   A 1 10 ? 7.044   -1.666  -11.425 1.00 49.72  ? 10  A   A OP2   1 
ATOM   226  O  "O5'" . A   A 1 10 ? 7.012   -4.053  -12.077 1.00 61.92  ? 10  A   A "O5'" 1 
ATOM   227  C  "C5'" . A   A 1 10 ? 7.569   -5.330  -12.350 1.00 54.62  ? 10  A   A "C5'" 1 
ATOM   228  C  "C4'" . A   A 1 10 ? 6.488   -6.347  -12.606 1.00 46.95  ? 10  A   A "C4'" 1 
ATOM   229  O  "O4'" . A   A 1 10 ? 5.783   -6.665  -11.377 1.00 42.36  ? 10  A   A "O4'" 1 
ATOM   230  C  "C3'" . A   A 1 10 ? 5.388   -5.902  -13.551 1.00 53.67  ? 10  A   A "C3'" 1 
ATOM   231  O  "O3'" . A   A 1 10 ? 5.772   -5.987  -14.913 1.00 61.61  ? 10  A   A "O3'" 1 
ATOM   232  C  "C2'" . A   A 1 10 ? 4.235   -6.826  -13.177 1.00 50.31  ? 10  A   A "C2'" 1 
ATOM   233  O  "O2'" . A   A 1 10 ? 4.406   -8.106  -13.766 1.00 49.92  ? 10  A   A "O2'" 1 
ATOM   234  C  "C1'" . A   A 1 10 ? 4.428   -6.956  -11.665 1.00 40.49  ? 10  A   A "C1'" 1 
ATOM   235  N  N9    . A   A 1 10 ? 3.561   -6.036  -10.896 1.00 42.37  ? 10  A   A N9    1 
ATOM   236  C  C8    . A   A 1 10 ? 3.888   -4.815  -10.352 1.00 22.90  ? 10  A   A C8    1 
ATOM   237  N  N7    . A   A 1 10 ? 2.895   -4.235  -9.715  1.00 28.25  ? 10  A   A N7    1 
ATOM   238  C  C5    . A   A 1 10 ? 1.840   -5.132  -9.839  1.00 23.72  ? 10  A   A C5    1 
ATOM   239  C  C6    . A   A 1 10 ? 0.507   -5.113  -9.378  1.00 19.14  ? 10  A   A C6    1 
ATOM   240  N  N6    . A   A 1 10 ? -0.029  -4.118  -8.669  1.00 22.89  ? 10  A   A N6    1 
ATOM   241  N  N1    . A   A 1 10 ? -0.284  -6.166  -9.676  1.00 22.00  ? 10  A   A N1    1 
ATOM   242  C  C2    . A   A 1 10 ? 0.235   -7.171  -10.387 1.00 20.80  ? 10  A   A C2    1 
ATOM   243  N  N3    . A   A 1 10 ? 1.469   -7.308  -10.870 1.00 39.80  ? 10  A   A N3    1 
ATOM   244  C  C4    . A   A 1 10 ? 2.237   -6.244  -10.562 1.00 36.30  ? 10  A   A C4    1 
ATOM   245  P  P     . C   A 1 11 ? 5.236   -4.909  -15.977 1.00 52.50  ? 11  C   A P     1 
ATOM   246  O  OP1   . C   A 1 11 ? 6.090   -5.018  -17.186 1.00 68.28  ? 11  C   A OP1   1 
ATOM   247  O  OP2   . C   A 1 11 ? 5.074   -3.596  -15.301 1.00 52.69  ? 11  C   A OP2   1 
ATOM   248  O  "O5'" . C   A 1 11 ? 3.792   -5.451  -16.361 1.00 57.95  ? 11  C   A "O5'" 1 
ATOM   249  C  "C5'" . C   A 1 11 ? 3.638   -6.760  -16.884 1.00 52.33  ? 11  C   A "C5'" 1 
ATOM   250  C  "C4'" . C   A 1 11 ? 2.208   -7.227  -16.826 1.00 50.25  ? 11  C   A "C4'" 1 
ATOM   251  O  "O4'" . C   A 1 11 ? 1.781   -7.392  -15.449 1.00 50.26  ? 11  C   A "O4'" 1 
ATOM   252  C  "C3'" . C   A 1 11 ? 1.173   -6.287  -17.414 1.00 54.88  ? 11  C   A "C3'" 1 
ATOM   253  O  "O3'" . C   A 1 11 ? 1.134   -6.340  -18.831 1.00 48.51  ? 11  C   A "O3'" 1 
ATOM   254  C  "C2'" . C   A 1 11 ? -0.110  -6.760  -16.739 1.00 42.48  ? 11  C   A "C2'" 1 
ATOM   255  O  "O2'" . C   A 1 11 ? -0.581  -7.952  -17.344 1.00 51.37  ? 11  C   A "O2'" 1 
ATOM   256  C  "C1'" . C   A 1 11 ? 0.401   -7.108  -15.340 1.00 35.66  ? 11  C   A "C1'" 1 
ATOM   257  N  N1    . C   A 1 11 ? 0.207   -5.998  -14.374 1.00 32.92  ? 11  C   A N1    1 
ATOM   258  C  C2    . C   A 1 11 ? -1.041  -5.842  -13.761 1.00 33.02  ? 11  C   A C2    1 
ATOM   259  O  O2    . C   A 1 11 ? -1.953  -6.629  -14.047 1.00 38.92  ? 11  C   A O2    1 
ATOM   260  N  N3    . C   A 1 11 ? -1.229  -4.836  -12.874 1.00 32.14  ? 11  C   A N3    1 
ATOM   261  C  C4    . C   A 1 11 ? -0.231  -4.005  -12.586 1.00 24.68  ? 11  C   A C4    1 
ATOM   262  N  N4    . C   A 1 11 ? -0.469  -3.033  -11.704 1.00 28.90  ? 11  C   A N4    1 
ATOM   263  C  C5    . C   A 1 11 ? 1.052   -4.140  -13.193 1.00 35.05  ? 11  C   A C5    1 
ATOM   264  C  C6    . C   A 1 11 ? 1.223   -5.139  -14.068 1.00 27.06  ? 11  C   A C6    1 
ATOM   265  P  P     . U   A 1 12 ? 0.973   -4.995  -19.693 1.00 46.74  ? 12  U   A P     1 
ATOM   266  O  OP1   . U   A 1 12 ? 1.164   -5.354  -21.122 1.00 67.26  ? 12  U   A OP1   1 
ATOM   267  O  OP2   . U   A 1 12 ? 1.817   -3.933  -19.090 1.00 51.63  ? 12  U   A OP2   1 
ATOM   268  O  "O5'" . U   A 1 12 ? -0.557  -4.604  -19.497 1.00 39.53  ? 12  U   A "O5'" 1 
ATOM   269  C  "C5'" . U   A 1 12 ? -1.578  -5.487  -19.928 1.00 38.94  ? 12  U   A "C5'" 1 
ATOM   270  C  "C4'" . U   A 1 12 ? -2.898  -5.209  -19.254 1.00 37.44  ? 12  U   A "C4'" 1 
ATOM   271  O  "O4'" . U   A 1 12 ? -2.770  -5.327  -17.814 1.00 45.86  ? 12  U   A "O4'" 1 
ATOM   272  C  "C3'" . U   A 1 12 ? -3.483  -3.822  -19.447 1.00 36.22  ? 12  U   A "C3'" 1 
ATOM   273  O  "O3'" . U   A 1 12 ? -4.081  -3.639  -20.717 1.00 55.70  ? 12  U   A "O3'" 1 
ATOM   274  C  "C2'" . U   A 1 12 ? -4.461  -3.726  -18.284 1.00 44.59  ? 12  U   A "C2'" 1 
ATOM   275  O  "O2'" . U   A 1 12 ? -5.643  -4.461  -18.563 1.00 39.85  ? 12  U   A "O2'" 1 
ATOM   276  C  "C1'" . U   A 1 12 ? -3.686  -4.451  -17.183 1.00 39.46  ? 12  U   A "C1'" 1 
ATOM   277  N  N1    . U   A 1 12 ? -2.940  -3.504  -16.318 1.00 25.24  ? 12  U   A N1    1 
ATOM   278  C  C2    . U   A 1 12 ? -3.646  -2.884  -15.299 1.00 27.94  ? 12  U   A C2    1 
ATOM   279  O  O2    . U   A 1 12 ? -4.829  -3.092  -15.084 1.00 33.71  ? 12  U   A O2    1 
ATOM   280  N  N3    . U   A 1 12 ? -2.926  -2.009  -14.526 1.00 21.76  ? 12  U   A N3    1 
ATOM   281  C  C4    . U   A 1 12 ? -1.591  -1.695  -14.671 1.00 34.27  ? 12  U   A C4    1 
ATOM   282  O  O4    . U   A 1 12 ? -1.076  -0.888  -13.899 1.00 27.21  ? 12  U   A O4    1 
ATOM   283  C  C5    . U   A 1 12 ? -0.927  -2.371  -15.748 1.00 31.08  ? 12  U   A C5    1 
ATOM   284  C  C6    . U   A 1 12 ? -1.606  -3.229  -16.520 1.00 28.93  ? 12  U   A C6    1 
ATOM   285  P  P     . G   A 1 13 ? -4.146  -2.169  -21.362 1.00 51.51  ? 13  G   A P     1 
ATOM   286  O  OP1   . G   A 1 13 ? -5.041  -2.234  -22.546 1.00 65.12  ? 13  G   A OP1   1 
ATOM   287  O  OP2   . G   A 1 13 ? -2.759  -1.666  -21.526 1.00 46.98  ? 13  G   A OP2   1 
ATOM   288  O  "O5'" . G   A 1 13 ? -4.874  -1.301  -20.244 1.00 46.92  ? 13  G   A "O5'" 1 
ATOM   289  C  "C5'" . G   A 1 13 ? -6.160  -0.756  -20.482 1.00 57.82  ? 13  G   A "C5'" 1 
ATOM   290  C  "C4'" . G   A 1 13 ? -6.979  -0.613  -19.221 1.00 65.61  ? 13  G   A "C4'" 1 
ATOM   291  O  "O4'" . G   A 1 13 ? -6.273  -1.126  -18.058 1.00 63.05  ? 13  G   A "O4'" 1 
ATOM   292  C  "C3'" . G   A 1 13 ? -7.330  0.803   -18.805 1.00 61.08  ? 13  G   A "C3'" 1 
ATOM   293  O  "O3'" . G   A 1 13 ? -8.316  1.418   -19.615 1.00 71.98  ? 13  G   A "O3'" 1 
ATOM   294  C  "C2'" . G   A 1 13 ? -7.740  0.604   -17.356 1.00 49.16  ? 13  G   A "C2'" 1 
ATOM   295  O  "O2'" . G   A 1 13 ? -9.021  -0.006  -17.276 1.00 53.73  ? 13  G   A "O2'" 1 
ATOM   296  C  "C1'" . G   A 1 13 ? -6.691  -0.411  -16.904 1.00 38.84  ? 13  G   A "C1'" 1 
ATOM   297  N  N9    . G   A 1 13 ? -5.533  0.268   -16.288 1.00 34.40  ? 13  G   A N9    1 
ATOM   298  C  C8    . G   A 1 13 ? -4.218  0.278   -16.693 1.00 28.16  ? 13  G   A C8    1 
ATOM   299  N  N7    . G   A 1 13 ? -3.450  0.995   -15.912 1.00 28.69  ? 13  G   A N7    1 
ATOM   300  C  C5    . G   A 1 13 ? -4.304  1.493   -14.935 1.00 32.12  ? 13  G   A C5    1 
ATOM   301  C  C6    . G   A 1 13 ? -4.051  2.332   -13.814 1.00 32.81  ? 13  G   A C6    1 
ATOM   302  O  O6    . G   A 1 13 ? -2.979  2.826   -13.443 1.00 35.83  ? 13  G   A O6    1 
ATOM   303  N  N1    . G   A 1 13 ? -5.207  2.593   -13.087 1.00 31.18  ? 13  G   A N1    1 
ATOM   304  C  C2    . G   A 1 13 ? -6.452  2.109   -13.393 1.00 40.86  ? 13  G   A C2    1 
ATOM   305  N  N2    . G   A 1 13 ? -7.453  2.466   -12.574 1.00 36.14  ? 13  G   A N2    1 
ATOM   306  N  N3    . G   A 1 13 ? -6.701  1.326   -14.428 1.00 39.12  ? 13  G   A N3    1 
ATOM   307  C  C4    . G   A 1 13 ? -5.591  1.056   -15.156 1.00 38.21  ? 13  G   A C4    1 
ATOM   308  P  P     . C   A 1 14 ? -8.110  2.942   -20.077 1.00 73.74  ? 14  C   A P     1 
ATOM   309  O  OP1   . C   A 1 14 ? -9.040  3.234   -21.200 1.00 71.27  ? 14  C   A OP1   1 
ATOM   310  O  OP2   . C   A 1 14 ? -6.648  3.161   -20.240 1.00 42.97  ? 14  C   A OP2   1 
ATOM   311  O  "O5'" . C   A 1 14 ? -8.549  3.791   -18.804 1.00 67.73  ? 14  C   A "O5'" 1 
ATOM   312  C  "C5'" . C   A 1 14 ? -9.815  3.594   -18.193 1.00 58.70  ? 14  C   A "C5'" 1 
ATOM   313  C  "C4'" . C   A 1 14 ? -9.862  4.190   -16.807 1.00 62.46  ? 14  C   A "C4'" 1 
ATOM   314  O  "O4'" . C   A 1 14 ? -8.832  3.599   -15.973 1.00 49.07  ? 14  C   A "O4'" 1 
ATOM   315  C  "C3'" . C   A 1 14 ? -9.595  5.682   -16.694 1.00 55.06  ? 14  C   A "C3'" 1 
ATOM   316  O  "O3'" . C   A 1 14 ? -10.704 6.484   -17.062 1.00 64.76  ? 14  C   A "O3'" 1 
ATOM   317  C  "C2'" . C   A 1 14 ? -9.211  5.822   -15.231 1.00 43.88  ? 14  C   A "C2'" 1 
ATOM   318  O  "O2'" . C   A 1 14 ? -10.370 5.760   -14.416 1.00 58.40  ? 14  C   A "O2'" 1 
ATOM   319  C  "C1'" . C   A 1 14 ? -8.400  4.544   -15.014 1.00 40.78  ? 14  C   A "C1'" 1 
ATOM   320  N  N1    . C   A 1 14 ? -6.940  4.778   -15.162 1.00 41.22  ? 14  C   A N1    1 
ATOM   321  C  C2    . C   A 1 14 ? -6.268  5.467   -14.146 1.00 31.02  ? 14  C   A C2    1 
ATOM   322  O  O2    . C   A 1 14 ? -6.900  5.863   -13.158 1.00 49.95  ? 14  C   A O2    1 
ATOM   323  N  N3    . C   A 1 14 ? -4.941  5.694   -14.249 1.00 29.39  ? 14  C   A N3    1 
ATOM   324  C  C4    . C   A 1 14 ? -4.270  5.264   -15.313 1.00 36.21  ? 14  C   A C4    1 
ATOM   325  N  N4    . C   A 1 14 ? -2.959  5.515   -15.359 1.00 42.66  ? 14  C   A N4    1 
ATOM   326  C  C5    . C   A 1 14 ? -4.921  4.562   -16.367 1.00 29.01  ? 14  C   A C5    1 
ATOM   327  C  C6    . C   A 1 14 ? -6.240  4.344   -16.250 1.00 29.68  ? 14  C   A C6    1 
ATOM   328  P  P     . C   A 1 15 ? -10.467 7.923   -17.737 1.00 60.38  ? 15  C   A P     1 
ATOM   329  O  OP1   . C   A 1 15 ? -11.717 8.323   -18.434 1.00 73.84  ? 15  C   A OP1   1 
ATOM   330  O  OP2   . C   A 1 15 ? -9.190  7.852   -18.488 1.00 55.09  ? 15  C   A OP2   1 
ATOM   331  O  "O5'" . C   A 1 15 ? -10.205 8.904   -16.508 1.00 73.24  ? 15  C   A "O5'" 1 
ATOM   332  C  "C5'" . C   A 1 15 ? -11.021 8.879   -15.345 1.00 56.73  ? 15  C   A "C5'" 1 
ATOM   333  C  "C4'" . C   A 1 15 ? -10.442 9.736   -14.245 1.00 74.00  ? 15  C   A "C4'" 1 
ATOM   334  O  "O4'" . C   A 1 15 ? -9.320  9.067   -13.613 1.00 48.57  ? 15  C   A "O4'" 1 
ATOM   335  C  "C3'" . C   A 1 15 ? -9.868  11.080  -14.667 1.00 70.08  ? 15  C   A "C3'" 1 
ATOM   336  O  "O3'" . C   A 1 15 ? -10.864 12.065  -14.887 1.00 81.82  ? 15  C   A "O3'" 1 
ATOM   337  C  "C2'" . C   A 1 15 ? -8.929  11.414  -13.516 1.00 60.17  ? 15  C   A "C2'" 1 
ATOM   338  O  "O2'" . C   A 1 15 ? -9.657  11.927  -12.412 1.00 65.46  ? 15  C   A "O2'" 1 
ATOM   339  C  "C1'" . C   A 1 15 ? -8.391  10.031  -13.148 1.00 53.98  ? 15  C   A "C1'" 1 
ATOM   340  N  N1    . C   A 1 15 ? -7.067  9.763   -13.753 1.00 33.19  ? 15  C   A N1    1 
ATOM   341  C  C2    . C   A 1 15 ? -5.922  10.296  -13.144 1.00 49.95  ? 15  C   A C2    1 
ATOM   342  O  O2    . C   A 1 15 ? -6.040  10.980  -12.117 1.00 58.35  ? 15  C   A O2    1 
ATOM   343  N  N3    . C   A 1 15 ? -4.705  10.050  -13.684 1.00 42.45  ? 15  C   A N3    1 
ATOM   344  C  C4    . C   A 1 15 ? -4.610  9.310   -14.789 1.00 31.27  ? 15  C   A C4    1 
ATOM   345  N  N4    . C   A 1 15 ? -3.393  9.090   -15.288 1.00 38.54  ? 15  C   A N4    1 
ATOM   346  C  C5    . C   A 1 15 ? -5.758  8.759   -15.430 1.00 32.62  ? 15  C   A C5    1 
ATOM   347  C  C6    . C   A 1 15 ? -6.956  9.005   -14.883 1.00 34.85  ? 15  C   A C6    1 
ATOM   348  P  P     . A   A 1 16 ? -10.575 13.297  -15.877 1.00 98.07  ? 16  A   A P     1 
ATOM   349  O  OP1   . A   A 1 16 ? -11.872 13.971  -16.145 1.00 80.44  ? 16  A   A OP1   1 
ATOM   350  O  OP2   . A   A 1 16 ? -9.759  12.795  -17.012 1.00 88.02  ? 16  A   A OP2   1 
ATOM   351  O  "O5'" . A   A 1 16 ? -9.669  14.278  -15.007 1.00 106.88 ? 16  A   A "O5'" 1 
ATOM   352  C  "C5'" . A   A 1 16 ? -8.742  15.168  -15.616 1.00 103.68 ? 16  A   A "C5'" 1 
ATOM   353  C  "C4'" . A   A 1 16 ? -7.711  15.653  -14.628 1.00 104.70 ? 16  A   A "C4'" 1 
ATOM   354  O  "O4'" . A   A 1 16 ? -7.115  14.512  -13.954 1.00 89.04  ? 16  A   A "O4'" 1 
ATOM   355  C  "C3'" . A   A 1 16 ? -6.518  16.393  -15.223 1.00 107.66 ? 16  A   A "C3'" 1 
ATOM   356  O  "O3'" . A   A 1 16 ? -6.779  17.760  -15.495 1.00 79.18  ? 16  A   A "O3'" 1 
ATOM   357  C  "C2'" . A   A 1 16 ? -5.440  16.169  -14.177 1.00 107.98 ? 16  A   A "C2'" 1 
ATOM   358  O  "O2'" . A   A 1 16 ? -5.656  17.005  -13.049 1.00 120.45 ? 16  A   A "O2'" 1 
ATOM   359  C  "C1'" . A   A 1 16 ? -5.732  14.729  -13.769 1.00 82.99  ? 16  A   A "C1'" 1 
ATOM   360  N  N9    . A   A 1 16 ? -5.018  13.779  -14.638 1.00 75.61  ? 16  A   A N9    1 
ATOM   361  C  C8    . A   A 1 16 ? -5.576  12.926  -15.560 1.00 75.51  ? 16  A   A C8    1 
ATOM   362  N  N7    . A   A 1 16 ? -4.689  12.203  -16.201 1.00 49.85  ? 16  A   A N7    1 
ATOM   363  C  C5    . A   A 1 16 ? -3.473  12.610  -15.664 1.00 58.54  ? 16  A   A C5    1 
ATOM   364  C  C6    . A   A 1 16 ? -2.145  12.223  -15.918 1.00 62.28  ? 16  A   A C6    1 
ATOM   365  N  N6    . A   A 1 16 ? -1.803  11.299  -16.818 1.00 59.39  ? 16  A   A N6    1 
ATOM   366  N  N1    . A   A 1 16 ? -1.167  12.827  -15.207 1.00 52.54  ? 16  A   A N1    1 
ATOM   367  C  C2    . A   A 1 16 ? -1.503  13.757  -14.304 1.00 65.23  ? 16  A   A C2    1 
ATOM   368  N  N3    . A   A 1 16 ? -2.710  14.206  -13.974 1.00 78.49  ? 16  A   A N3    1 
ATOM   369  C  C4    . A   A 1 16 ? -3.660  13.584  -14.698 1.00 69.44  ? 16  A   A C4    1 
ATOM   370  P  P     . G   A 1 19 ? 1.962   17.161  -9.456  1.00 143.66 ? 19  G   A P     1 
ATOM   371  O  OP1   . G   A 1 19 ? 2.633   18.054  -8.478  1.00 109.50 ? 19  G   A OP1   1 
ATOM   372  O  OP2   . G   A 1 19 ? 1.225   17.737  -10.605 1.00 148.60 ? 19  G   A OP2   1 
ATOM   373  O  "O5'" . G   A 1 19 ? 3.064   16.195  -10.069 1.00 120.48 ? 19  G   A "O5'" 1 
ATOM   374  C  "C5'" . G   A 1 19 ? 3.443   15.003  -9.391  1.00 105.78 ? 19  G   A "C5'" 1 
ATOM   375  C  "C4'" . G   A 1 19 ? 2.328   14.470  -8.528  1.00 97.91  ? 19  G   A "C4'" 1 
ATOM   376  O  "O4'" . G   A 1 19 ? 1.317   13.860  -9.381  1.00 88.94  ? 19  G   A "O4'" 1 
ATOM   377  C  "C3'" . G   A 1 19 ? 2.753   13.385  -7.545  1.00 88.61  ? 19  G   A "C3'" 1 
ATOM   378  O  "O3'" . G   A 1 19 ? 1.885   13.417  -6.415  1.00 90.94  ? 19  G   A "O3'" 1 
ATOM   379  C  "C2'" . G   A 1 19 ? 2.484   12.115  -8.338  1.00 72.19  ? 19  G   A "C2'" 1 
ATOM   380  O  "O2'" . G   A 1 19 ? 2.354   10.947  -7.555  1.00 83.71  ? 19  G   A "O2'" 1 
ATOM   381  C  "C1'" . G   A 1 19 ? 1.184   12.487  -9.047  1.00 62.47  ? 19  G   A "C1'" 1 
ATOM   382  N  N9    . G   A 1 19 ? 0.932   11.724  -10.274 1.00 57.02  ? 19  G   A N9    1 
ATOM   383  C  C8    . G   A 1 19 ? 1.887   11.105  -11.045 1.00 53.47  ? 19  G   A C8    1 
ATOM   384  N  N7    . G   A 1 19 ? 1.387   10.490  -12.079 1.00 50.46  ? 19  G   A N7    1 
ATOM   385  C  C5    . G   A 1 19 ? 0.021   10.711  -11.990 1.00 35.74  ? 19  G   A C5    1 
ATOM   386  C  C6    . G   A 1 19 ? -1.025  10.279  -12.843 1.00 42.69  ? 19  G   A C6    1 
ATOM   387  O  O6    . G   A 1 19 ? -0.946  9.599   -13.875 1.00 49.50  ? 19  G   A O6    1 
ATOM   388  N  N1    . G   A 1 19 ? -2.264  10.719  -12.393 1.00 35.91  ? 19  G   A N1    1 
ATOM   389  C  C2    . G   A 1 19 ? -2.470  11.476  -11.267 1.00 37.47  ? 19  G   A C2    1 
ATOM   390  N  N2    . G   A 1 19 ? -3.746  11.799  -11.004 1.00 32.86  ? 19  G   A N2    1 
ATOM   391  N  N3    . G   A 1 19 ? -1.501  11.886  -10.463 1.00 32.31  ? 19  G   A N3    1 
ATOM   392  C  C4    . G   A 1 19 ? -0.283  11.472  -10.880 1.00 40.22  ? 19  G   A C4    1 
ATOM   393  P  P     . C   A 1 20 ? 2.465   13.236  -4.926  1.00 79.14  ? 20  C   A P     1 
ATOM   394  O  OP1   . C   A 1 20 ? 3.949   13.181  -4.982  1.00 69.65  ? 20  C   A OP1   1 
ATOM   395  O  OP2   . C   A 1 20 ? 1.714   12.131  -4.278  1.00 63.66  ? 20  C   A OP2   1 
ATOM   396  O  "O5'" . C   A 1 20 ? 2.008   14.569  -4.187  1.00 80.83  ? 20  C   A "O5'" 1 
ATOM   397  C  "C5'" . C   A 1 20 ? 2.621   15.821  -4.456  1.00 54.98  ? 20  C   A "C5'" 1 
ATOM   398  C  "C4'" . C   A 1 20 ? 1.908   16.929  -3.724  1.00 53.76  ? 20  C   A "C4'" 1 
ATOM   399  O  "O4'" . C   A 1 20 ? 0.593   17.125  -4.310  1.00 58.66  ? 20  C   A "O4'" 1 
ATOM   400  C  "C3'" . C   A 1 20 ? 1.627   16.664  -2.251  1.00 52.16  ? 20  C   A "C3'" 1 
ATOM   401  O  "O3'" . C   A 1 20 ? 2.735   16.967  -1.418  1.00 54.03  ? 20  C   A "O3'" 1 
ATOM   402  C  "C2'" . C   A 1 20 ? 0.403   17.530  -1.974  1.00 56.10  ? 20  C   A "C2'" 1 
ATOM   403  O  "O2'" . C   A 1 20 ? 0.780   18.882  -1.760  1.00 47.57  ? 20  C   A "O2'" 1 
ATOM   404  C  "C1'" . C   A 1 20 ? -0.347  17.437  -3.305  1.00 43.36  ? 20  C   A "C1'" 1 
ATOM   405  N  N1    . C   A 1 20 ? -1.399  16.391  -3.308  1.00 40.50  ? 20  C   A N1    1 
ATOM   406  C  C2    . C   A 1 20 ? -2.586  16.564  -2.582  1.00 41.72  ? 20  C   A C2    1 
ATOM   407  O  O2    . C   A 1 20 ? -2.753  17.594  -1.911  1.00 55.76  ? 20  C   A O2    1 
ATOM   408  N  N3    . C   A 1 20 ? -3.531  15.594  -2.618  1.00 39.50  ? 20  C   A N3    1 
ATOM   409  C  C4    . C   A 1 20 ? -3.337  14.491  -3.343  1.00 48.00  ? 20  C   A C4    1 
ATOM   410  N  N4    . C   A 1 20 ? -4.298  13.563  -3.349  1.00 50.44  ? 20  C   A N4    1 
ATOM   411  C  C5    . C   A 1 20 ? -2.147  14.288  -4.097  1.00 35.03  ? 20  C   A C5    1 
ATOM   412  C  C6    . C   A 1 20 ? -1.221  15.254  -4.053  1.00 51.26  ? 20  C   A C6    1 
ATOM   413  P  P     . C   A 1 21 ? 3.170   15.958  -0.246  1.00 53.69  ? 21  C   A P     1 
ATOM   414  O  OP1   . C   A 1 21 ? 4.517   16.357  0.234   1.00 40.43  ? 21  C   A OP1   1 
ATOM   415  O  OP2   . C   A 1 21 ? 2.931   14.567  -0.715  1.00 48.94  ? 21  C   A OP2   1 
ATOM   416  O  "O5'" . C   A 1 21 ? 2.131   16.266  0.921   1.00 56.26  ? 21  C   A "O5'" 1 
ATOM   417  C  "C5'" . C   A 1 21 ? 2.099   17.537  1.551   1.00 44.63  ? 21  C   A "C5'" 1 
ATOM   418  C  "C4'" . C   A 1 21 ? 0.908   17.663  2.466   1.00 47.90  ? 21  C   A "C4'" 1 
ATOM   419  O  "O4'" . C   A 1 21 ? -0.318  17.704  1.685   1.00 49.05  ? 21  C   A "O4'" 1 
ATOM   420  C  "C3'" . C   A 1 21 ? 0.678   16.513  3.434   1.00 36.48  ? 21  C   A "C3'" 1 
ATOM   421  O  "O3'" . C   A 1 21 ? 1.526   16.551  4.569   1.00 35.40  ? 21  C   A "O3'" 1 
ATOM   422  C  "C2'" . C   A 1 21 ? -0.799  16.667  3.766   1.00 48.95  ? 21  C   A "C2'" 1 
ATOM   423  O  "O2'" . C   A 1 21 ? -0.996  17.741  4.673   1.00 43.38  ? 21  C   A "O2'" 1 
ATOM   424  C  "C1'" . C   A 1 21 ? -1.363  17.078  2.405   1.00 38.34  ? 21  C   A "C1'" 1 
ATOM   425  N  N1    . C   A 1 21 ? -1.840  15.908  1.629   1.00 32.95  ? 21  C   A N1    1 
ATOM   426  C  C2    . C   A 1 21 ? -3.139  15.433  1.859   1.00 29.72  ? 21  C   A C2    1 
ATOM   427  O  O2    . C   A 1 21 ? -3.861  16.003  2.691   1.00 26.76  ? 21  C   A O2    1 
ATOM   428  N  N3    . C   A 1 21 ? -3.593  14.370  1.160   1.00 31.99  ? 21  C   A N3    1 
ATOM   429  C  C4    . C   A 1 21 ? -2.803  13.775  0.265   1.00 35.42  ? 21  C   A C4    1 
ATOM   430  N  N4    . C   A 1 21 ? -3.294  12.727  -0.400  1.00 32.97  ? 21  C   A N4    1 
ATOM   431  C  C5    . C   A 1 21 ? -1.477  14.226  0.011   1.00 28.85  ? 21  C   A C5    1 
ATOM   432  C  C6    . C   A 1 21 ? -1.040  15.284  0.708   1.00 37.69  ? 21  C   A C6    1 
ATOM   433  P  P     . G   A 1 22 ? 1.976   15.184  5.286   1.00 43.12  ? 22  G   A P     1 
ATOM   434  O  OP1   . G   A 1 22 ? 2.961   15.503  6.351   1.00 36.23  ? 22  G   A OP1   1 
ATOM   435  O  OP2   . G   A 1 22 ? 2.334   14.212  4.222   1.00 45.93  ? 22  G   A OP2   1 
ATOM   436  O  "O5'" . G   A 1 22 ? 0.647   14.672  5.996   1.00 47.23  ? 22  G   A "O5'" 1 
ATOM   437  C  "C5'" . G   A 1 22 ? 0.100   15.371  7.104   1.00 29.42  ? 22  G   A "C5'" 1 
ATOM   438  C  "C4'" . G   A 1 22 ? -1.138  14.691  7.627   1.00 26.18  ? 22  G   A "C4'" 1 
ATOM   439  O  "O4'" . G   A 1 22 ? -2.219  14.816  6.667   1.00 33.81  ? 22  G   A "O4'" 1 
ATOM   440  C  "C3'" . G   A 1 22 ? -1.040  13.192  7.850   1.00 31.10  ? 22  G   A "C3'" 1 
ATOM   441  O  "O3'" . G   A 1 22 ? -0.358  12.828  9.035   1.00 31.85  ? 22  G   A "O3'" 1 
ATOM   442  C  "C2'" . G   A 1 22 ? -2.500  12.774  7.834   1.00 28.15  ? 22  G   A "C2'" 1 
ATOM   443  O  "O2'" . G   A 1 22 ? -3.138  13.142  9.046   1.00 37.25  ? 22  G   A "O2'" 1 
ATOM   444  C  "C1'" . G   A 1 22 ? -3.035  13.660  6.717   1.00 27.26  ? 22  G   A "C1'" 1 
ATOM   445  N  N9    . G   A 1 22 ? -2.956  12.963  5.421   1.00 29.15  ? 22  G   A N9    1 
ATOM   446  C  C8    . G   A 1 22 ? -2.006  13.088  4.436   1.00 18.82  ? 22  G   A C8    1 
ATOM   447  N  N7    . G   A 1 22 ? -2.239  12.298  3.421   1.00 23.18  ? 22  G   A N7    1 
ATOM   448  C  C5    . G   A 1 22 ? -3.395  11.605  3.760   1.00 16.14  ? 22  G   A C5    1 
ATOM   449  C  C6    . G   A 1 22 ? -4.130  10.613  3.059   1.00 21.46  ? 22  G   A C6    1 
ATOM   450  O  O6    . G   A 1 22 ? -3.910  10.118  1.947   1.00 27.40  ? 22  G   A O6    1 
ATOM   451  N  N1    . G   A 1 22 ? -5.239  10.188  3.782   1.00 24.21  ? 22  G   A N1    1 
ATOM   452  C  C2    . G   A 1 22 ? -5.602  10.655  5.020   1.00 20.71  ? 22  G   A C2    1 
ATOM   453  N  N2    . G   A 1 22 ? -6.705  10.119  5.566   1.00 14.52  ? 22  G   A N2    1 
ATOM   454  N  N3    . G   A 1 22 ? -4.926  11.577  5.681   1.00 26.21  ? 22  G   A N3    1 
ATOM   455  C  C4    . G   A 1 22 ? -3.843  12.002  4.997   1.00 24.19  ? 22  G   A C4    1 
ATOM   456  P  P     . G   A 1 23 ? 0.380   11.405  9.108   1.00 36.83  ? 23  G   A P     1 
ATOM   457  O  OP1   . G   A 1 23 ? 1.085   11.303  10.410  1.00 37.17  ? 23  G   A OP1   1 
ATOM   458  O  OP2   . G   A 1 23 ? 1.133   11.247  7.842   1.00 32.21  ? 23  G   A OP2   1 
ATOM   459  O  "O5'" . G   A 1 23 ? -0.806  10.339  9.059   1.00 37.90  ? 23  G   A "O5'" 1 
ATOM   460  C  "C5'" . G   A 1 23 ? -1.710  10.191  10.146  1.00 36.38  ? 23  G   A "C5'" 1 
ATOM   461  C  "C4'" . G   A 1 23 ? -2.815  9.207   9.841   1.00 32.00  ? 23  G   A "C4'" 1 
ATOM   462  O  "O4'" . G   A 1 23 ? -3.499  9.575   8.614   1.00 22.76  ? 23  G   A "O4'" 1 
ATOM   463  C  "C3'" . G   A 1 23 ? -2.411  7.761   9.603   1.00 19.74  ? 23  G   A "C3'" 1 
ATOM   464  O  "O3'" . G   A 1 23 ? -2.132  7.054   10.801  1.00 24.16  ? 23  G   A "O3'" 1 
ATOM   465  C  "C2'" . G   A 1 23 ? -3.617  7.214   8.850   1.00 33.47  ? 23  G   A "C2'" 1 
ATOM   466  O  "O2'" . G   A 1 23 ? -4.683  6.953   9.747   1.00 29.75  ? 23  G   A "O2'" 1 
ATOM   467  C  "C1'" . G   A 1 23 ? -4.005  8.413   7.983   1.00 19.78  ? 23  G   A "C1'" 1 
ATOM   468  N  N9    . G   A 1 23 ? -3.444  8.304   6.621   1.00 21.94  ? 23  G   A N9    1 
ATOM   469  C  C8    . G   A 1 23 ? -2.367  8.970   6.088   1.00 18.75  ? 23  G   A C8    1 
ATOM   470  N  N7    . G   A 1 23 ? -2.116  8.628   4.852   1.00 23.60  ? 23  G   A N7    1 
ATOM   471  C  C5    . G   A 1 23 ? -3.078  7.678   4.551   1.00 15.99  ? 23  G   A C5    1 
ATOM   472  C  C6    . G   A 1 23 ? -3.310  6.945   3.358   1.00 18.60  ? 23  G   A C6    1 
ATOM   473  O  O6    . G   A 1 23 ? -2.688  6.994   2.290   1.00 24.23  ? 23  G   A O6    1 
ATOM   474  N  N1    . G   A 1 23 ? -4.396  6.083   3.481   1.00 17.53  ? 23  G   A N1    1 
ATOM   475  C  C2    . G   A 1 23 ? -5.158  5.946   4.616   1.00 16.23  ? 23  G   A C2    1 
ATOM   476  N  N2    . G   A 1 23 ? -6.164  5.062   4.552   1.00 17.03  ? 23  G   A N2    1 
ATOM   477  N  N3    . G   A 1 23 ? -4.951  6.622   5.730   1.00 19.02  ? 23  G   A N3    1 
ATOM   478  C  C4    . G   A 1 23 ? -3.901  7.465   5.632   1.00 17.79  ? 23  G   A C4    1 
ATOM   479  P  P     . U   A 1 24 ? -1.005  5.907   10.821  1.00 23.69  ? 24  U   A P     1 
ATOM   480  O  OP1   . U   A 1 24 ? -0.837  5.479   12.226  1.00 38.08  ? 24  U   A OP1   1 
ATOM   481  O  OP2   . U   A 1 24 ? 0.173   6.395   10.060  1.00 26.32  ? 24  U   A OP2   1 
ATOM   482  O  "O5'" . U   A 1 24 ? -1.639  4.719   9.968   1.00 29.52  ? 24  U   A "O5'" 1 
ATOM   483  C  "C5'" . U   A 1 24 ? -2.800  4.023   10.397  1.00 17.63  ? 24  U   A "C5'" 1 
ATOM   484  C  "C4'" . U   A 1 24 ? -3.367  3.153   9.299   1.00 21.74  ? 24  U   A "C4'" 1 
ATOM   485  O  "O4'" . U   A 1 24 ? -3.729  3.974   8.153   1.00 24.09  ? 24  U   A "O4'" 1 
ATOM   486  C  "C3'" . U   A 1 24 ? -2.436  2.104   8.704   1.00 17.74  ? 24  U   A "C3'" 1 
ATOM   487  O  "O3'" . U   A 1 24 ? -2.309  0.939   9.501   1.00 38.32  ? 24  U   A "O3'" 1 
ATOM   488  C  "C2'" . U   A 1 24 ? -3.063  1.845   7.344   1.00 18.96  ? 24  U   A "C2'" 1 
ATOM   489  O  "O2'" . U   A 1 24 ? -4.216  1.031   7.475   1.00 34.15  ? 24  U   A "O2'" 1 
ATOM   490  C  "C1'" . U   A 1 24 ? -3.509  3.249   6.955   1.00 23.38  ? 24  U   A "C1'" 1 
ATOM   491  N  N1    . U   A 1 24 ? -2.475  3.943   6.150   1.00 19.38  ? 24  U   A N1    1 
ATOM   492  C  C2    . U   A 1 24 ? -2.424  3.664   4.797   1.00 27.14  ? 24  U   A C2    1 
ATOM   493  O  O2    . U   A 1 24 ? -3.187  2.875   4.265   1.00 23.51  ? 24  U   A O2    1 
ATOM   494  N  N3    . U   A 1 24 ? -1.450  4.335   4.090   1.00 14.53  ? 24  U   A N3    1 
ATOM   495  C  C4    . U   A 1 24 ? -0.540  5.237   4.598   1.00 18.94  ? 24  U   A C4    1 
ATOM   496  O  O4    . U   A 1 24 ? 0.278   5.767   3.847   1.00 16.80  ? 24  U   A O4    1 
ATOM   497  C  C5    . U   A 1 24 ? -0.655  5.472   6.003   1.00 14.20  ? 24  U   A C5    1 
ATOM   498  C  C6    . U   A 1 24 ? -1.591  4.832   6.711   1.00 19.32  ? 24  U   A C6    1 
ATOM   499  P  P     . C   A 1 25 ? -1.027  -0.025  9.330   1.00 30.03  ? 25  C   A P     1 
ATOM   500  O  OP1   . C   A 1 25 ? -0.895  -0.366  7.895   1.00 36.91  ? 25  C   A OP1   1 
ATOM   501  O  OP2   . C   A 1 25 ? -1.116  -1.118  10.327  1.00 39.65  ? 25  C   A OP2   1 
ATOM   502  O  "O5'" . C   A 1 25 ? 0.199   0.898   9.741   1.00 26.14  ? 25  C   A "O5'" 1 
ATOM   503  C  "C5'" . C   A 1 25 ? 0.155   1.691   10.918  1.00 33.07  ? 25  C   A "C5'" 1 
ATOM   504  C  "C4'" . C   A 1 25 ? 1.536   2.045   11.399  1.00 32.75  ? 25  C   A "C4'" 1 
ATOM   505  O  "O4'" . C   A 1 25 ? 2.114   0.912   12.102  1.00 41.53  ? 25  C   A "O4'" 1 
ATOM   506  C  "C3'" . C   A 1 25 ? 2.559   2.366   10.320  1.00 29.29  ? 25  C   A "C3'" 1 
ATOM   507  O  "O3'" . C   A 1 25 ? 2.437   3.686   9.814   1.00 41.85  ? 25  C   A "O3'" 1 
ATOM   508  C  "C2'" . C   A 1 25 ? 3.873   2.097   11.039  1.00 36.09  ? 25  C   A "C2'" 1 
ATOM   509  O  "O2'" . C   A 1 25 ? 4.180   3.160   11.927  1.00 40.95  ? 25  C   A "O2'" 1 
ATOM   510  C  "C1'" . C   A 1 25 ? 3.506   0.869   11.878  1.00 29.51  ? 25  C   A "C1'" 1 
ATOM   511  N  N1    . C   A 1 25 ? 3.836   -0.400  11.186  1.00 45.15  ? 25  C   A N1    1 
ATOM   512  C  C2    . C   A 1 25 ? 5.174   -0.814  11.159  1.00 19.48  ? 25  C   A C2    1 
ATOM   513  O  O2    . C   A 1 25 ? 6.033   -0.118  11.711  1.00 25.51  ? 25  C   A O2    1 
ATOM   514  N  N3    . C   A 1 25 ? 5.509   -1.959  10.536  1.00 23.19  ? 25  C   A N3    1 
ATOM   515  C  C4    . C   A 1 25 ? 4.570   -2.695  9.946   1.00 34.55  ? 25  C   A C4    1 
ATOM   516  N  N4    . C   A 1 25 ? 4.972   -3.817  9.342   1.00 22.12  ? 25  C   A N4    1 
ATOM   517  C  C5    . C   A 1 25 ? 3.195   -2.308  9.955   1.00 21.79  ? 25  C   A C5    1 
ATOM   518  C  C6    . C   A 1 25 ? 2.873   -1.165  10.580  1.00 21.38  ? 25  C   A C6    1 
ATOM   519  P  P     . C   A 1 26 ? 2.933   4.051   8.324   1.00 25.68  ? 26  C   A P     1 
ATOM   520  O  OP1   . C   A 1 26 ? 2.654   5.487   8.112   1.00 26.64  ? 26  C   A OP1   1 
ATOM   521  O  OP2   . C   A 1 26 ? 2.413   3.059   7.359   1.00 32.83  ? 26  C   A OP2   1 
ATOM   522  O  "O5'" . C   A 1 26 ? 4.513   3.885   8.396   1.00 39.74  ? 26  C   A "O5'" 1 
ATOM   523  C  "C5'" . C   A 1 26 ? 5.298   4.814   9.126   1.00 36.03  ? 26  C   A "C5'" 1 
ATOM   524  C  "C4'" . C   A 1 26 ? 6.774   4.595   8.918   1.00 38.17  ? 26  C   A "C4'" 1 
ATOM   525  O  "O4'" . C   A 1 26 ? 7.207   3.380   9.595   1.00 38.01  ? 26  C   A "O4'" 1 
ATOM   526  C  "C3'" . C   A 1 26 ? 7.240   4.385   7.487   1.00 28.71  ? 26  C   A "C3'" 1 
ATOM   527  O  "O3'" . C   A 1 26 ? 7.297   5.570   6.707   1.00 24.88  ? 26  C   A "O3'" 1 
ATOM   528  C  "C2'" . C   A 1 26 ? 8.592   3.718   7.701   1.00 38.77  ? 26  C   A "C2'" 1 
ATOM   529  O  "O2'" . C   A 1 26 ? 9.547   4.670   8.138   1.00 45.74  ? 26  C   A "O2'" 1 
ATOM   530  C  "C1'" . C   A 1 26 ? 8.274   2.791   8.872   1.00 27.56  ? 26  C   A "C1'" 1 
ATOM   531  N  N1    . C   A 1 26 ? 7.859   1.455   8.388   1.00 24.17  ? 26  C   A N1    1 
ATOM   532  C  C2    . C   A 1 26 ? 8.850   0.553   7.990   1.00 23.44  ? 26  C   A C2    1 
ATOM   533  O  O2    . C   A 1 26 ? 10.044  0.879   8.069   1.00 36.03  ? 26  C   A O2    1 
ATOM   534  N  N3    . C   A 1 26 ? 8.488   -0.662  7.530   1.00 25.79  ? 26  C   A N3    1 
ATOM   535  C  C4    . C   A 1 26 ? 7.202   -0.996  7.449   1.00 20.58  ? 26  C   A C4    1 
ATOM   536  N  N4    . C   A 1 26 ? 6.911   -2.213  6.987   1.00 26.25  ? 26  C   A N4    1 
ATOM   537  C  C5    . C   A 1 26 ? 6.166   -0.101  7.838   1.00 21.74  ? 26  C   A C5    1 
ATOM   538  C  C6    . C   A 1 26 ? 6.541   1.102   8.293   1.00 38.06  ? 26  C   A C6    1 
ATOM   539  P  P     . C   A 1 27 ? 7.128   5.497   5.106   1.00 29.35  ? 27  C   A P     1 
ATOM   540  O  OP1   . C   A 1 27 ? 7.240   6.870   4.564   1.00 35.65  ? 27  C   A OP1   1 
ATOM   541  O  OP2   . C   A 1 27 ? 5.943   4.669   4.773   1.00 23.31  ? 27  C   A OP2   1 
ATOM   542  O  "O5'" . C   A 1 27 ? 8.421   4.703   4.620   1.00 43.56  ? 27  C   A "O5'" 1 
ATOM   543  C  "C5'" . C   A 1 27 ? 9.721   5.230   4.831   1.00 32.11  ? 27  C   A "C5'" 1 
ATOM   544  C  "C4'" . C   A 1 27 ? 10.790  4.248   4.428   1.00 23.92  ? 27  C   A "C4'" 1 
ATOM   545  O  "O4'" . C   A 1 27 ? 10.656  3.017   5.187   1.00 33.45  ? 27  C   A "O4'" 1 
ATOM   546  C  "C3'" . C   A 1 27 ? 10.755  3.788   2.984   1.00 23.51  ? 27  C   A "C3'" 1 
ATOM   547  O  "O3'" . C   A 1 27 ? 11.298  4.750   2.092   1.00 33.06  ? 27  C   A "O3'" 1 
ATOM   548  C  "C2'" . C   A 1 27 ? 11.537  2.480   3.046   1.00 24.46  ? 27  C   A "C2'" 1 
ATOM   549  O  "O2'" . C   A 1 27 ? 12.928  2.741   3.136   1.00 35.13  ? 27  C   A "O2'" 1 
ATOM   550  C  "C1'" . C   A 1 27 ? 11.079  1.922   4.399   1.00 30.42  ? 27  C   A "C1'" 1 
ATOM   551  N  N1    . C   A 1 27 ? 9.958   0.958   4.264   1.00 31.61  ? 27  C   A N1    1 
ATOM   552  C  C2    . C   A 1 27 ? 10.231  -0.382  3.956   1.00 20.35  ? 27  C   A C2    1 
ATOM   553  O  O2    . C   A 1 27 ? 11.401  -0.756  3.807   1.00 29.64  ? 27  C   A O2    1 
ATOM   554  N  N3    . C   A 1 27 ? 9.214   -1.256  3.820   1.00 23.78  ? 27  C   A N3    1 
ATOM   555  C  C4    . C   A 1 27 ? 7.957   -0.847  3.984   1.00 25.68  ? 27  C   A C4    1 
ATOM   556  N  N4    . C   A 1 27 ? 6.984   -1.747  3.840   1.00 16.63  ? 27  C   A N4    1 
ATOM   557  C  C5    . C   A 1 27 ? 7.642   0.505   4.300   1.00 19.74  ? 27  C   A C5    1 
ATOM   558  C  C6    . C   A 1 27 ? 8.662   1.363   4.430   1.00 18.87  ? 27  C   A C6    1 
ATOM   559  P  P     . A   A 1 28 ? 10.750  4.873   0.585   1.00 34.78  ? 28  A   A P     1 
ATOM   560  O  OP1   . A   A 1 28 ? 11.147  3.634   -0.128  1.00 37.33  ? 28  A   A OP1   1 
ATOM   561  O  OP2   . A   A 1 28 ? 11.165  6.191   0.047   1.00 47.76  ? 28  A   A OP2   1 
ATOM   562  O  "O5'" . A   A 1 28 ? 9.159   4.875   0.739   1.00 49.51  ? 28  A   A "O5'" 1 
ATOM   563  C  "C5'" . A   A 1 28 ? 8.318   5.258   -0.351  1.00 41.75  ? 28  A   A "C5'" 1 
ATOM   564  C  "C4'" . A   A 1 28 ? 6.947   4.609   -0.306  1.00 33.12  ? 28  A   A "C4'" 1 
ATOM   565  O  "O4'" . A   A 1 28 ? 7.053   3.207   -0.672  1.00 34.33  ? 28  A   A "O4'" 1 
ATOM   566  C  "C3'" . A   A 1 28 ? 6.245   4.636   1.045   1.00 40.32  ? 28  A   A "C3'" 1 
ATOM   567  O  "O3'" . A   A 1 28 ? 4.828   4.637   0.842   1.00 43.83  ? 28  A   A "O3'" 1 
ATOM   568  C  "C2'" . A   A 1 28 ? 6.651   3.293   1.645   1.00 25.57  ? 28  A   A "C2'" 1 
ATOM   569  O  "O2'" . A   A 1 28 ? 5.773   2.825   2.642   1.00 28.41  ? 28  A   A "O2'" 1 
ATOM   570  C  "C1'" . A   A 1 28 ? 6.626   2.394   0.409   1.00 29.96  ? 28  A   A "C1'" 1 
ATOM   571  N  N9    . A   A 1 28 ? 7.526   1.240   0.448   1.00 24.18  ? 28  A   A N9    1 
ATOM   572  C  C8    . A   A 1 28 ? 8.899   1.258   0.399   1.00 24.10  ? 28  A   A C8    1 
ATOM   573  N  N7    . A   A 1 28 ? 9.446   0.068   0.395   1.00 21.36  ? 28  A   A N7    1 
ATOM   574  C  C5    . A   A 1 28 ? 8.359   -0.793  0.421   1.00 18.14  ? 28  A   A C5    1 
ATOM   575  C  C6    . A   A 1 28 ? 8.259   -2.193  0.431   1.00 22.36  ? 28  A   A C6    1 
ATOM   576  N  N6    . A   A 1 28 ? 9.306   -3.017  0.409   1.00 28.31  ? 28  A   A N6    1 
ATOM   577  N  N1    . A   A 1 28 ? 7.025   -2.731  0.457   1.00 20.61  ? 28  A   A N1    1 
ATOM   578  C  C2    . A   A 1 28 ? 5.967   -1.914  0.476   1.00 24.09  ? 28  A   A C2    1 
ATOM   579  N  N3    . A   A 1 28 ? 5.932   -0.586  0.470   1.00 27.88  ? 28  A   A N3    1 
ATOM   580  C  C4    . A   A 1 28 ? 7.174   -0.084  0.441   1.00 22.20  ? 28  A   A C4    1 
ATOM   581  P  P     . A   A 1 29 ? 4.021   5.975   0.448   1.00 32.75  ? 29  A   A P     1 
ATOM   582  O  OP1   . A   A 1 29 ? 4.873   6.900   -0.342  1.00 32.90  ? 29  A   A OP1   1 
ATOM   583  O  OP2   . A   A 1 29 ? 3.355   6.484   1.669   1.00 32.34  ? 29  A   A OP2   1 
ATOM   584  O  "O5'" . A   A 1 29 ? 2.860   5.438   -0.497  1.00 30.41  ? 29  A   A "O5'" 1 
ATOM   585  C  "C5'" . A   A 1 29 ? 3.145   4.920   -1.793  1.00 31.96  ? 29  A   A "C5'" 1 
ATOM   586  C  "C4'" . A   A 1 29 ? 1.933   4.961   -2.693  1.00 35.55  ? 29  A   A "C4'" 1 
ATOM   587  O  "O4'" . A   A 1 29 ? 0.932   4.025   -2.202  1.00 29.20  ? 29  A   A "O4'" 1 
ATOM   588  C  "C3'" . A   A 1 29 ? 1.235   6.314   -2.798  1.00 27.18  ? 29  A   A "C3'" 1 
ATOM   589  O  "O3'" . A   A 1 29 ? 0.715   6.463   -4.118  1.00 46.85  ? 29  A   A "O3'" 1 
ATOM   590  C  "C2'" . A   A 1 29 ? 0.075   6.169   -1.814  1.00 35.09  ? 29  A   A "C2'" 1 
ATOM   591  O  "O2'" . A   A 1 29 ? -1.023  7.021   -2.067  1.00 32.62  ? 29  A   A "O2'" 1 
ATOM   592  C  "C1'" . A   A 1 29 ? -0.295  4.701   -2.001  1.00 25.64  ? 29  A   A "C1'" 1 
ATOM   593  N  N9    . A   A 1 29 ? -0.967  4.088   -0.850  1.00 28.07  ? 29  A   A N9    1 
ATOM   594  C  C8    . A   A 1 29 ? -0.786  4.354   0.486   1.00 18.28  ? 29  A   A C8    1 
ATOM   595  N  N7    . A   A 1 29 ? -1.536  3.622   1.273   1.00 16.77  ? 29  A   A N7    1 
ATOM   596  C  C5    . A   A 1 29 ? -2.258  2.818   0.403   1.00 13.71  ? 29  A   A C5    1 
ATOM   597  C  C6    . A   A 1 29 ? -3.228  1.818   0.605   1.00 20.13  ? 29  A   A C6    1 
ATOM   598  N  N6    . A   A 1 29 ? -3.670  1.435   1.800   1.00 19.55  ? 29  A   A N6    1 
ATOM   599  N  N1    . A   A 1 29 ? -3.746  1.212   -0.485  1.00 30.77  ? 29  A   A N1    1 
ATOM   600  C  C2    . A   A 1 29 ? -3.318  1.590   -1.695  1.00 22.28  ? 29  A   A C2    1 
ATOM   601  N  N3    . A   A 1 29 ? -2.409  2.509   -2.007  1.00 30.60  ? 29  A   A N3    1 
ATOM   602  C  C4    . A   A 1 29 ? -1.924  3.102   -0.905  1.00 15.03  ? 29  A   A C4    1 
ATOM   603  P  P     . G   A 1 30 ? 1.558   7.222   -5.259  1.00 41.82  ? 30  G   A P     1 
ATOM   604  O  OP1   . G   A 1 30 ? 1.930   6.218   -6.290  1.00 43.14  ? 30  G   A OP1   1 
ATOM   605  O  OP2   . G   A 1 30 ? 2.618   8.035   -4.613  1.00 50.34  ? 30  G   A OP2   1 
ATOM   606  O  "O5'" . G   A 1 30 ? 0.500   8.240   -5.874  1.00 47.65  ? 30  G   A "O5'" 1 
ATOM   607  C  "C5'" . G   A 1 30 ? -0.156  9.185   -5.041  1.00 38.07  ? 30  G   A "C5'" 1 
ATOM   608  C  "C4'" . G   A 1 30 ? -1.430  9.688   -5.666  1.00 43.24  ? 30  G   A "C4'" 1 
ATOM   609  O  "O4'" . G   A 1 30 ? -1.160  10.152  -7.013  1.00 49.20  ? 30  G   A "O4'" 1 
ATOM   610  C  "C3'" . G   A 1 30 ? -2.540  8.660   -5.836  1.00 37.42  ? 30  G   A "C3'" 1 
ATOM   611  O  "O3'" . G   A 1 30 ? -3.305  8.494   -4.653  1.00 47.16  ? 30  G   A "O3'" 1 
ATOM   612  C  "C2'" . G   A 1 30 ? -3.348  9.227   -6.993  1.00 36.44  ? 30  G   A "C2'" 1 
ATOM   613  O  "O2'" . G   A 1 30 ? -4.219  10.252  -6.543  1.00 41.96  ? 30  G   A "O2'" 1 
ATOM   614  C  "C1'" . G   A 1 30 ? -2.254  9.861   -7.852  1.00 35.71  ? 30  G   A "C1'" 1 
ATOM   615  N  N9    . G   A 1 30 ? -1.784  8.970   -8.926  1.00 28.13  ? 30  G   A N9    1 
ATOM   616  C  C8    . G   A 1 30 ? -0.487  8.587   -9.165  1.00 26.57  ? 30  G   A C8    1 
ATOM   617  N  N7    . G   A 1 30 ? -0.370  7.798   -10.200 1.00 29.84  ? 30  G   A N7    1 
ATOM   618  C  C5    . G   A 1 30 ? -1.669  7.659   -10.675 1.00 36.07  ? 30  G   A C5    1 
ATOM   619  C  C6    . G   A 1 30 ? -2.180  6.927   -11.777 1.00 32.99  ? 30  G   A C6    1 
ATOM   620  O  O6    . G   A 1 30 ? -1.574  6.223   -12.592 1.00 52.72  ? 30  G   A O6    1 
ATOM   621  N  N1    . G   A 1 30 ? -3.557  7.070   -11.889 1.00 31.33  ? 30  G   A N1    1 
ATOM   622  C  C2    . G   A 1 30 ? -4.345  7.817   -11.054 1.00 33.43  ? 30  G   A C2    1 
ATOM   623  N  N2    . G   A 1 30 ? -5.660  7.837   -11.314 1.00 34.81  ? 30  G   A N2    1 
ATOM   624  N  N3    . G   A 1 30 ? -3.884  8.503   -10.030 1.00 41.82  ? 30  G   A N3    1 
ATOM   625  C  C4    . G   A 1 30 ? -2.550  8.379   -9.900  1.00 28.58  ? 30  G   A C4    1 
ATOM   626  P  P     . C   A 1 31 ? -3.606  7.034   -4.047  1.00 55.28  ? 31  C   A P     1 
ATOM   627  O  OP1   . C   A 1 31 ? -4.154  7.257   -2.684  1.00 47.56  ? 31  C   A OP1   1 
ATOM   628  O  OP2   . C   A 1 31 ? -2.431  6.149   -4.250  1.00 43.18  ? 31  C   A OP2   1 
ATOM   629  O  "O5'" . C   A 1 31 ? -4.803  6.484   -4.936  1.00 39.34  ? 31  C   A "O5'" 1 
ATOM   630  C  "C5'" . C   A 1 31 ? -6.075  7.106   -4.893  1.00 40.40  ? 31  C   A "C5'" 1 
ATOM   631  C  "C4'" . C   A 1 31 ? -6.997  6.550   -5.945  1.00 30.98  ? 31  C   A "C4'" 1 
ATOM   632  O  "O4'" . C   A 1 31 ? -6.511  6.896   -7.267  1.00 32.85  ? 31  C   A "O4'" 1 
ATOM   633  C  "C3'" . C   A 1 31 ? -7.116  5.039   -5.993  1.00 30.99  ? 31  C   A "C3'" 1 
ATOM   634  O  "O3'" . C   A 1 31 ? -7.974  4.516   -4.997  1.00 35.88  ? 31  C   A "O3'" 1 
ATOM   635  C  "C2'" . C   A 1 31 ? -7.613  4.798   -7.409  1.00 22.96  ? 31  C   A "C2'" 1 
ATOM   636  O  "O2'" . C   A 1 31 ? -8.996  5.089   -7.502  1.00 34.65  ? 31  C   A "O2'" 1 
ATOM   637  C  "C1'" . C   A 1 31 ? -6.846  5.870   -8.180  1.00 24.73  ? 31  C   A "C1'" 1 
ATOM   638  N  N1    . C   A 1 31 ? -5.606  5.336   -8.785  1.00 33.19  ? 31  C   A N1    1 
ATOM   639  C  C2    . C   A 1 31 ? -5.726  4.575   -9.948  1.00 29.13  ? 31  C   A C2    1 
ATOM   640  O  O2    . C   A 1 31 ? -6.852  4.384   -10.426 1.00 35.68  ? 31  C   A O2    1 
ATOM   641  N  N3    . C   A 1 31 ? -4.618  4.071   -10.530 1.00 34.51  ? 31  C   A N3    1 
ATOM   642  C  C4    . C   A 1 31 ? -3.421  4.299   -9.990  1.00 26.57  ? 31  C   A C4    1 
ATOM   643  N  N4    . C   A 1 31 ? -2.354  3.780   -10.603 1.00 45.34  ? 31  C   A N4    1 
ATOM   644  C  C5    . C   A 1 31 ? -3.269  5.070   -8.801  1.00 22.74  ? 31  C   A C5    1 
ATOM   645  C  C6    . C   A 1 31 ? -4.377  5.565   -8.233  1.00 32.38  ? 31  C   A C6    1 
ATOM   646  P  P     . C   A 1 32 ? -8.230  2.932   -4.905  1.00 38.63  ? 32  C   A P     1 
ATOM   647  O  OP1   . C   A 1 32 ? -6.935  2.237   -5.106  1.00 44.41  ? 32  C   A OP1   1 
ATOM   648  O  OP2   . C   A 1 32 ? -9.388  2.598   -5.769  1.00 56.93  ? 32  C   A OP2   1 
ATOM   649  O  "O5'" . C   A 1 32 ? -8.688  2.715   -3.401  1.00 34.80  ? 32  C   A "O5'" 1 
ATOM   650  C  "C5'" . C   A 1 32 ? -9.121  1.445   -2.943  1.00 40.37  ? 32  C   A "C5'" 1 
ATOM   651  C  "C4'" . C   A 1 32 ? -9.129  1.393   -1.440  1.00 32.29  ? 32  C   A "C4'" 1 
ATOM   652  O  "O4'" . C   A 1 32 ? -7.769  1.289   -0.946  1.00 27.79  ? 32  C   A "O4'" 1 
ATOM   653  C  "C3'" . C   A 1 32 ? -9.677  2.626   -0.739  1.00 28.67  ? 32  C   A "C3'" 1 
ATOM   654  O  "O3'" . C   A 1 32 ? -11.093 2.660   -0.708  1.00 44.76  ? 32  C   A "O3'" 1 
ATOM   655  C  "C2'" . C   A 1 32 ? -9.033  2.527   0.636   1.00 38.53  ? 32  C   A "C2'" 1 
ATOM   656  O  "O2'" . C   A 1 32 ? -9.698  1.557   1.429   1.00 42.39  ? 32  C   A "O2'" 1 
ATOM   657  C  "C1'" . C   A 1 32 ? -7.651  1.987   0.278   1.00 25.11  ? 32  C   A "C1'" 1 
ATOM   658  N  N1    . C   A 1 32 ? -6.656  3.071   0.114   1.00 25.58  ? 32  C   A N1    1 
ATOM   659  C  C2    . C   A 1 32 ? -6.097  3.641   1.259   1.00 28.92  ? 32  C   A C2    1 
ATOM   660  O  O2    . C   A 1 32 ? -6.452  3.221   2.371   1.00 33.08  ? 32  C   A O2    1 
ATOM   661  N  N3    . C   A 1 32 ? -5.183  4.632   1.128   1.00 20.44  ? 32  C   A N3    1 
ATOM   662  C  C4    . C   A 1 32 ? -4.822  5.056   -0.086  1.00 22.70  ? 32  C   A C4    1 
ATOM   663  N  N4    . C   A 1 32 ? -3.912  6.033   -0.168  1.00 14.63  ? 32  C   A N4    1 
ATOM   664  C  C5    . C   A 1 32 ? -5.380  4.497   -1.272  1.00 20.12  ? 32  C   A C5    1 
ATOM   665  C  C6    . C   A 1 32 ? -6.282  3.516   -1.125  1.00 34.41  ? 32  C   A C6    1 
ATOM   666  P  P     . C   A 1 33 ? -11.890 4.055   -0.804  1.00 38.82  ? 33  C   A P     1 
ATOM   667  O  OP1   . C   A 1 33 ? -13.333 3.718   -0.858  1.00 48.69  ? 33  C   A OP1   1 
ATOM   668  O  OP2   . C   A 1 33 ? -11.295 4.909   -1.859  1.00 36.15  ? 33  C   A OP2   1 
ATOM   669  O  "O5'" . C   A 1 33 ? -11.597 4.767   0.587   1.00 42.99  ? 33  C   A "O5'" 1 
ATOM   670  C  "C5'" . C   A 1 33 ? -12.069 4.216   1.803   1.00 29.14  ? 33  C   A "C5'" 1 
ATOM   671  C  "C4'" . C   A 1 33 ? -11.705 5.090   2.975   1.00 39.88  ? 33  C   A "C4'" 1 
ATOM   672  O  "O4'" . C   A 1 33 ? -10.278 5.015   3.237   1.00 28.25  ? 33  C   A "O4'" 1 
ATOM   673  C  "C3'" . C   A 1 33 ? -11.955 6.579   2.813   1.00 29.73  ? 33  C   A "C3'" 1 
ATOM   674  O  "O3'" . C   A 1 33 ? -13.318 6.944   2.962   1.00 56.21  ? 33  C   A "O3'" 1 
ATOM   675  C  "C2'" . C   A 1 33 ? -11.039 7.170   3.875   1.00 37.26  ? 33  C   A "C2'" 1 
ATOM   676  O  "O2'" . C   A 1 33 ? -11.612 7.012   5.163   1.00 40.34  ? 33  C   A "O2'" 1 
ATOM   677  C  "C1'" . C   A 1 33 ? -9.828  6.246   3.771   1.00 24.27  ? 33  C   A "C1'" 1 
ATOM   678  N  N1    . C   A 1 33 ? -8.775  6.809   2.893   1.00 19.55  ? 33  C   A N1    1 
ATOM   679  C  C2    . C   A 1 33 ? -7.871  7.732   3.430   1.00 28.03  ? 33  C   A C2    1 
ATOM   680  O  O2    . C   A 1 33 ? -7.971  8.057   4.623   1.00 25.03  ? 33  C   A O2    1 
ATOM   681  N  N3    . C   A 1 33 ? -6.902  8.251   2.641   1.00 19.62  ? 33  C   A N3    1 
ATOM   682  C  C4    . C   A 1 33 ? -6.813  7.889   1.360   1.00 19.25  ? 33  C   A C4    1 
ATOM   683  N  N4    . C   A 1 33 ? -5.842  8.427   0.613   1.00 25.10  ? 33  C   A N4    1 
ATOM   684  C  C5    . C   A 1 33 ? -7.719  6.958   0.786   1.00 14.55  ? 33  C   A C5    1 
ATOM   685  C  C6    . C   A 1 33 ? -8.673  6.451   1.577   1.00 26.65  ? 33  C   A C6    1 
ATOM   686  P  P     . G   A 1 34 ? -13.897 8.248   2.215   1.00 33.99  ? 34  G   A P     1 
ATOM   687  O  OP1   . G   A 1 34 ? -15.328 8.392   2.581   1.00 49.56  ? 34  G   A OP1   1 
ATOM   688  O  OP2   . G   A 1 34 ? -13.510 8.172   0.786   1.00 38.01  ? 34  G   A OP2   1 
ATOM   689  O  "O5'" . G   A 1 34 ? -13.088 9.453   2.870   1.00 42.78  ? 34  G   A "O5'" 1 
ATOM   690  C  "C5'" . G   A 1 34 ? -13.281 9.802   4.231   1.00 27.77  ? 34  G   A "C5'" 1 
ATOM   691  C  "C4'" . G   A 1 34 ? -12.343 10.897  4.677   1.00 25.63  ? 34  G   A "C4'" 1 
ATOM   692  O  "O4'" . G   A 1 34 ? -10.961 10.463  4.600   1.00 36.42  ? 34  G   A "O4'" 1 
ATOM   693  C  "C3'" . G   A 1 34 ? -12.348 12.183  3.871   1.00 25.96  ? 34  G   A "C3'" 1 
ATOM   694  O  "O3'" . G   A 1 34 ? -13.479 12.995  4.133   1.00 37.20  ? 34  G   A "O3'" 1 
ATOM   695  C  "C2'" . G   A 1 34 ? -11.027 12.819  4.285   1.00 29.09  ? 34  G   A "C2'" 1 
ATOM   696  O  "O2'" . G   A 1 34 ? -11.138 13.415  5.567   1.00 45.88  ? 34  G   A "O2'" 1 
ATOM   697  C  "C1'" . G   A 1 34 ? -10.125 11.589  4.401   1.00 30.65  ? 34  G   A "C1'" 1 
ATOM   698  N  N9    . G   A 1 34 ? -9.305  11.404  3.185   1.00 26.06  ? 34  G   A N9    1 
ATOM   699  C  C8    . G   A 1 34 ? -9.538  10.569  2.122   1.00 14.22  ? 34  G   A C8    1 
ATOM   700  N  N7    . G   A 1 34 ? -8.618  10.653  1.196   1.00 20.05  ? 34  G   A N7    1 
ATOM   701  C  C5    . G   A 1 34 ? -7.734  11.611  1.667   1.00 12.45  ? 34  G   A C5    1 
ATOM   702  C  C6    . G   A 1 34 ? -6.544  12.126  1.095   1.00 21.78  ? 34  G   A C6    1 
ATOM   703  O  O6    . G   A 1 34 ? -6.018  11.827  0.017   1.00 30.96  ? 34  G   A O6    1 
ATOM   704  N  N1    . G   A 1 34 ? -5.950  13.086  1.910   1.00 22.59  ? 34  G   A N1    1 
ATOM   705  C  C2    . G   A 1 34 ? -6.441  13.499  3.125   1.00 23.94  ? 34  G   A C2    1 
ATOM   706  N  N2    . G   A 1 34 ? -5.731  14.437  3.771   1.00 16.81  ? 34  G   A N2    1 
ATOM   707  N  N3    . G   A 1 34 ? -7.552  13.025  3.664   1.00 22.77  ? 34  G   A N3    1 
ATOM   708  C  C4    . G   A 1 34 ? -8.146  12.089  2.889   1.00 15.44  ? 34  G   A C4    1 
ATOM   709  P  P     . G   A 1 35 ? -14.026 14.014  3.015   1.00 39.45  ? 35  G   A P     1 
ATOM   710  O  OP1   . G   A 1 35 ? -15.222 14.687  3.581   1.00 52.55  ? 35  G   A OP1   1 
ATOM   711  O  OP2   . G   A 1 35 ? -14.157 13.280  1.734   1.00 44.73  ? 35  G   A OP2   1 
ATOM   712  O  "O5'" . G   A 1 35 ? -12.869 15.101  2.892   1.00 38.63  ? 35  G   A "O5'" 1 
ATOM   713  C  "C5'" . G   A 1 35 ? -12.592 15.973  3.976   1.00 43.38  ? 35  G   A "C5'" 1 
ATOM   714  C  "C4'" . G   A 1 35 ? -11.326 16.771  3.776   1.00 35.07  ? 35  G   A "C4'" 1 
ATOM   715  O  "O4'" . G   A 1 35 ? -10.188 15.892  3.581   1.00 48.48  ? 35  G   A "O4'" 1 
ATOM   716  C  "C3'" . G   A 1 35 ? -11.267 17.696  2.572   1.00 49.90  ? 35  G   A "C3'" 1 
ATOM   717  O  "O3'" . G   A 1 35 ? -11.999 18.895  2.755   1.00 69.92  ? 35  G   A "O3'" 1 
ATOM   718  C  "C2'" . G   A 1 35 ? -9.769  17.924  2.422   1.00 48.11  ? 35  G   A "C2'" 1 
ATOM   719  O  "O2'" . G   A 1 35 ? -9.309  18.852  3.392   1.00 53.95  ? 35  G   A "O2'" 1 
ATOM   720  C  "C1'" . G   A 1 35 ? -9.221  16.541  2.776   1.00 33.45  ? 35  G   A "C1'" 1 
ATOM   721  N  N9    . G   A 1 35 ? -8.959  15.733  1.568   1.00 26.14  ? 35  G   A N9    1 
ATOM   722  C  C8    . G   A 1 35 ? -9.768  14.780  0.999   1.00 25.32  ? 35  G   A C8    1 
ATOM   723  N  N7    . G   A 1 35 ? -9.258  14.241  -0.077  1.00 35.40  ? 35  G   A N7    1 
ATOM   724  C  C5    . G   A 1 35 ? -8.038  14.883  -0.234  1.00 23.00  ? 35  G   A C5    1 
ATOM   725  C  C6    . G   A 1 35 ? -7.036  14.718  -1.225  1.00 33.25  ? 35  G   A C6    1 
ATOM   726  O  O6    . G   A 1 35 ? -7.032  13.944  -2.192  1.00 52.64  ? 35  G   A O6    1 
ATOM   727  N  N1    . G   A 1 35 ? -5.955  15.568  -1.013  1.00 33.10  ? 35  G   A N1    1 
ATOM   728  C  C2    . G   A 1 35 ? -5.852  16.464  0.021   1.00 30.73  ? 35  G   A C2    1 
ATOM   729  N  N2    . G   A 1 35 ? -4.734  17.204  0.057   1.00 39.31  ? 35  G   A N2    1 
ATOM   730  N  N3    . G   A 1 35 ? -6.779  16.623  0.952   1.00 40.55  ? 35  G   A N3    1 
ATOM   731  C  C4    . G   A 1 35 ? -7.841  15.806  0.767   1.00 23.88  ? 35  G   A C4    1 
ATOM   732  P  P     . A   A 1 36 ? -12.813 19.544  1.530   1.00 67.01  ? 36  A   A P     1 
ATOM   733  O  OP1   . A   A 1 36 ? -13.698 20.606  2.077   1.00 75.48  ? 36  A   A OP1   1 
ATOM   734  O  OP2   . A   A 1 36 ? -13.396 18.434  0.742   1.00 61.81  ? 36  A   A OP2   1 
ATOM   735  O  "O5'" . A   A 1 36 ? -11.693 20.237  0.635   1.00 65.82  ? 36  A   A "O5'" 1 
ATOM   736  C  "C5'" . A   A 1 36 ? -10.957 21.347  1.125   1.00 75.76  ? 36  A   A "C5'" 1 
ATOM   737  C  "C4'" . A   A 1 36 ? -9.639  21.510  0.414   1.00 85.88  ? 36  A   A "C4'" 1 
ATOM   738  O  "O4'" . A   A 1 36 ? -8.882  20.274  0.475   1.00 75.70  ? 36  A   A "O4'" 1 
ATOM   739  C  "C3'" . A   A 1 36 ? -9.693  21.819  -1.075  1.00 99.69  ? 36  A   A "C3'" 1 
ATOM   740  O  "O3'" . A   A 1 36 ? -9.991  23.175  -1.355  1.00 116.39 ? 36  A   A "O3'" 1 
ATOM   741  C  "C2'" . A   A 1 36 ? -8.304  21.402  -1.530  1.00 99.02  ? 36  A   A "C2'" 1 
ATOM   742  O  "O2'" . A   A 1 36 ? -7.342  22.375  -1.151  1.00 105.97 ? 36  A   A "O2'" 1 
ATOM   743  C  "C1'" . A   A 1 36 ? -8.089  20.147  -0.688  1.00 77.28  ? 36  A   A "C1'" 1 
ATOM   744  N  N9    . A   A 1 36 ? -8.510  18.950  -1.435  1.00 59.66  ? 36  A   A N9    1 
ATOM   745  C  C8    . A   A 1 36 ? -9.685  18.239  -1.386  1.00 52.01  ? 36  A   A C8    1 
ATOM   746  N  N7    . A   A 1 36 ? -9.716  17.230  -2.228  1.00 42.01  ? 36  A   A N7    1 
ATOM   747  C  C5    . A   A 1 36 ? -8.485  17.296  -2.874  1.00 37.74  ? 36  A   A C5    1 
ATOM   748  C  C6    . A   A 1 36 ? -7.887  16.515  -3.882  1.00 38.95  ? 36  A   A C6    1 
ATOM   749  N  N6    . A   A 1 36 ? -8.476  15.457  -4.443  1.00 57.20  ? 36  A   A N6    1 
ATOM   750  N  N1    . A   A 1 36 ? -6.647  16.862  -4.296  1.00 37.39  ? 36  A   A N1    1 
ATOM   751  C  C2    . A   A 1 36 ? -6.051  17.923  -3.734  1.00 45.66  ? 36  A   A C2    1 
ATOM   752  N  N3    . A   A 1 36 ? -6.508  18.732  -2.784  1.00 46.93  ? 36  A   A N3    1 
ATOM   753  C  C4    . A   A 1 36 ? -7.740  18.356  -2.397  1.00 40.94  ? 36  A   A C4    1 
ATOM   754  P  P     . U   A 1 37 ? -11.323 23.566  -2.169  1.00 121.11 ? 37  U   A P     1 
ATOM   755  O  OP1   . U   A 1 37 ? -11.583 25.002  -1.899  1.00 120.45 ? 37  U   A OP1   1 
ATOM   756  O  OP2   . U   A 1 37 ? -12.370 22.559  -1.863  1.00 111.87 ? 37  U   A OP2   1 
ATOM   757  O  "O5'" . U   A 1 37 ? -10.918 23.420  -3.706  1.00 123.51 ? 37  U   A "O5'" 1 
ATOM   758  C  "C5'" . U   A 1 37 ? -11.431 24.323  -4.678  1.00 123.93 ? 37  U   A "C5'" 1 
ATOM   759  C  "C4'" . U   A 1 37 ? -11.921 23.619  -5.924  1.00 118.68 ? 37  U   A "C4'" 1 
ATOM   760  O  "O4'" . U   A 1 37 ? -10.924 23.670  -6.969  1.00 114.30 ? 37  U   A "O4'" 1 
ATOM   761  C  "C3'" . U   A 1 37 ? -12.253 22.140  -5.790  1.00 129.69 ? 37  U   A "C3'" 1 
ATOM   762  O  "O3'" . U   A 1 37 ? -13.563 21.936  -5.287  1.00 138.38 ? 37  U   A "O3'" 1 
ATOM   763  C  "C2'" . U   A 1 37 ? -12.080 21.591  -7.212  1.00 128.25 ? 37  U   A "C2'" 1 
ATOM   764  O  "O2'" . U   A 1 37 ? -13.316 21.591  -7.905  1.00 131.93 ? 37  U   A "O2'" 1 
ATOM   765  C  "C1'" . U   A 1 37 ? -11.135 22.607  -7.871  1.00 125.32 ? 37  U   A "C1'" 1 
ATOM   766  N  N1    . U   A 1 37 ? -9.846  22.039  -8.350  1.00 124.33 ? 37  U   A N1    1 
ATOM   767  C  C2    . U   A 1 37 ? -9.889  21.093  -9.379  1.00 116.83 ? 37  U   A C2    1 
ATOM   768  O  O2    . U   A 1 37 ? -10.919 20.677  -9.889  1.00 116.43 ? 37  U   A O2    1 
ATOM   769  N  N3    . U   A 1 37 ? -8.673  20.614  -9.804  1.00 106.75 ? 37  U   A N3    1 
ATOM   770  C  C4    . U   A 1 37 ? -7.436  20.985  -9.328  1.00 107.05 ? 37  U   A C4    1 
ATOM   771  O  O4    . U   A 1 37 ? -6.424  20.468  -9.807  1.00 92.76  ? 37  U   A O4    1 
ATOM   772  C  C5    . U   A 1 37 ? -7.472  21.964  -8.282  1.00 117.37 ? 37  U   A C5    1 
ATOM   773  C  C6    . U   A 1 37 ? -8.637  22.454  -7.841  1.00 122.28 ? 37  U   A C6    1 
ATOM   774  P  P     . A   A 1 38 ? -14.018 20.487  -4.763  1.00 140.19 ? 38  A   A P     1 
ATOM   775  O  OP1   . A   A 1 38 ? -15.435 20.586  -4.335  1.00 112.16 ? 38  A   A OP1   1 
ATOM   776  O  OP2   . A   A 1 38 ? -12.972 20.015  -3.828  1.00 112.71 ? 38  A   A OP2   1 
ATOM   777  O  "O5'" . A   A 1 38 ? -13.954 19.550  -6.049  1.00 131.15 ? 38  A   A "O5'" 1 
ATOM   778  C  "C5'" . A   A 1 38 ? -14.875 18.481  -6.204  1.00 119.78 ? 38  A   A "C5'" 1 
ATOM   779  C  "C4'" . A   A 1 38 ? -14.252 17.260  -6.837  1.00 120.68 ? 38  A   A "C4'" 1 
ATOM   780  O  "O4'" . A   A 1 38 ? -12.984 17.594  -7.473  1.00 112.45 ? 38  A   A "O4'" 1 
ATOM   781  C  "C3'" . A   A 1 38 ? -13.956 16.099  -5.884  1.00 114.55 ? 38  A   A "C3'" 1 
ATOM   782  O  "O3'" . A   A 1 38 ? -14.189 14.887  -6.589  1.00 125.31 ? 38  A   A "O3'" 1 
ATOM   783  C  "C2'" . A   A 1 38 ? -12.455 16.231  -5.655  1.00 102.24 ? 38  A   A "C2'" 1 
ATOM   784  O  "O2'" . A   A 1 38 ? -11.818 15.036  -5.247  1.00 96.36  ? 38  A   A "O2'" 1 
ATOM   785  C  "C1'" . A   A 1 38 ? -11.996 16.681  -7.037  1.00 96.87  ? 38  A   A "C1'" 1 
ATOM   786  N  N9    . A   A 1 38 ? -10.668 17.308  -7.099  1.00 85.71  ? 38  A   A N9    1 
ATOM   787  C  C8    . A   A 1 38 ? -9.681  16.988  -8.002  1.00 76.50  ? 38  A   A C8    1 
ATOM   788  N  N7    . A   A 1 38 ? -8.578  17.679  -7.860  1.00 80.51  ? 38  A   A N7    1 
ATOM   789  C  C5    . A   A 1 38 ? -8.851  18.516  -6.785  1.00 85.94  ? 38  A   A C5    1 
ATOM   790  C  C6    . A   A 1 38 ? -8.083  19.499  -6.134  1.00 73.93  ? 38  A   A C6    1 
ATOM   791  N  N6    . A   A 1 38 ? -6.829  19.814  -6.473  1.00 69.76  ? 38  A   A N6    1 
ATOM   792  N  N1    . A   A 1 38 ? -8.647  20.156  -5.097  1.00 67.77  ? 38  A   A N1    1 
ATOM   793  C  C2    . A   A 1 38 ? -9.898  19.836  -4.744  1.00 70.77  ? 38  A   A C2    1 
ATOM   794  N  N3    . A   A 1 38 ? -10.720 18.936  -5.276  1.00 79.91  ? 38  A   A N3    1 
ATOM   795  C  C4    . A   A 1 38 ? -10.135 18.298  -6.305  1.00 85.85  ? 38  A   A C4    1 
ATOM   796  P  P     . A   A 1 39 ? -14.846 13.608  -5.878  1.00 135.25 ? 39  A   A P     1 
ATOM   797  O  OP1   . A   A 1 39 ? -16.303 13.858  -5.705  1.00 104.41 ? 39  A   A OP1   1 
ATOM   798  O  OP2   . A   A 1 39 ? -14.016 13.245  -4.699  1.00 114.44 ? 39  A   A OP2   1 
ATOM   799  O  "O5'" . A   A 1 39 ? -14.689 12.488  -6.996  1.00 102.95 ? 39  A   A "O5'" 1 
ATOM   800  C  "C5'" . A   A 1 39 ? -15.139 12.740  -8.318  1.00 77.58  ? 39  A   A "C5'" 1 
ATOM   801  C  "C4'" . A   A 1 39 ? -14.070 12.473  -9.350  1.00 77.31  ? 39  A   A "C4'" 1 
ATOM   802  O  "O4'" . A   A 1 39 ? -12.929 13.340  -9.158  1.00 73.26  ? 39  A   A "O4'" 1 
ATOM   803  C  "C3'" . A   A 1 39 ? -13.474 11.079  -9.353  1.00 64.29  ? 39  A   A "C3'" 1 
ATOM   804  O  "O3'" . A   A 1 39 ? -14.331 10.160  -10.005 1.00 58.46  ? 39  A   A "O3'" 1 
ATOM   805  C  "C2'" . A   A 1 39 ? -12.136 11.280  -10.069 1.00 64.67  ? 39  A   A "C2'" 1 
ATOM   806  O  "O2'" . A   A 1 39 ? -12.303 11.223  -11.477 1.00 53.79  ? 39  A   A "O2'" 1 
ATOM   807  C  "C1'" . A   A 1 39 ? -11.771 12.719  -9.676  1.00 48.42  ? 39  A   A "C1'" 1 
ATOM   808  N  N9    . A   A 1 39 ? -10.666 12.816  -8.695  1.00 49.61  ? 39  A   A N9    1 
ATOM   809  C  C8    . A   A 1 39 ? -10.720 12.824  -7.321  1.00 43.62  ? 39  A   A C8    1 
ATOM   810  N  N7    . A   A 1 39 ? -9.548  12.945  -6.740  1.00 50.17  ? 39  A   A N7    1 
ATOM   811  C  C5    . A   A 1 39 ? -8.656  13.031  -7.799  1.00 36.92  ? 39  A   A C5    1 
ATOM   812  C  C6    . A   A 1 39 ? -7.256  13.174  -7.852  1.00 49.04  ? 39  A   A C6    1 
ATOM   813  N  N6    . A   A 1 39 ? -6.480  13.255  -6.769  1.00 52.36  ? 39  A   A N6    1 
ATOM   814  N  N1    . A   A 1 39 ? -6.670  13.224  -9.071  1.00 55.81  ? 39  A   A N1    1 
ATOM   815  C  C2    . A   A 1 39 ? -7.450  13.139  -10.156 1.00 37.17  ? 39  A   A C2    1 
ATOM   816  N  N3    . A   A 1 39 ? -8.774  13.005  -10.229 1.00 47.74  ? 39  A   A N3    1 
ATOM   817  C  C4    . A   A 1 39 ? -9.329  12.954  -9.005  1.00 35.17  ? 39  A   A C4    1 
ATOM   818  P  P     . A   A 1 40 ? -14.711 8.761   -9.324  1.00 82.96  ? 40  A   A P     1 
ATOM   819  O  OP1   . A   A 1 40 ? -16.005 8.294   -9.893  1.00 69.88  ? 40  A   A OP1   1 
ATOM   820  O  OP2   . A   A 1 40 ? -14.560 8.900   -7.850  1.00 69.02  ? 40  A   A OP2   1 
ATOM   821  O  "O5'" . A   A 1 40 ? -13.596 7.783   -9.891  1.00 72.59  ? 40  A   A "O5'" 1 
ATOM   822  C  "C5'" . A   A 1 40 ? -13.352 7.719   -11.287 1.00 55.67  ? 40  A   A "C5'" 1 
ATOM   823  C  "C4'" . A   A 1 40 ? -11.945 7.282   -11.579 1.00 61.07  ? 40  A   A "C4'" 1 
ATOM   824  O  "O4'" . A   A 1 40 ? -11.015 8.335   -11.210 1.00 54.20  ? 40  A   A "O4'" 1 
ATOM   825  C  "C3'" . A   A 1 40 ? -11.470 6.072   -10.795 1.00 40.05  ? 40  A   A "C3'" 1 
ATOM   826  O  "O3'" . A   A 1 40 ? -11.892 4.852   -11.379 1.00 35.91  ? 40  A   A "O3'" 1 
ATOM   827  C  "C2'" . A   A 1 40 ? -9.958  6.250   -10.772 1.00 45.12  ? 40  A   A "C2'" 1 
ATOM   828  O  "O2'" . A   A 1 40 ? -9.382  5.806   -11.990 1.00 47.97  ? 40  A   A "O2'" 1 
ATOM   829  C  "C1'" . A   A 1 40 ? -9.828  7.771   -10.692 1.00 42.70  ? 40  A   A "C1'" 1 
ATOM   830  N  N9    . A   A 1 40 ? -9.648  8.252   -9.311  1.00 43.69  ? 40  A   A N9    1 
ATOM   831  C  C8    . A   A 1 40 ? -10.525 8.159   -8.253  1.00 49.22  ? 40  A   A C8    1 
ATOM   832  N  N7    . A   A 1 40 ? -10.073 8.703   -7.148  1.00 43.19  ? 40  A   A N7    1 
ATOM   833  C  C5    . A   A 1 40 ? -8.823  9.190   -7.504  1.00 31.82  ? 40  A   A C5    1 
ATOM   834  C  C6    . A   A 1 40 ? -7.837  9.873   -6.776  1.00 44.99  ? 40  A   A C6    1 
ATOM   835  N  N6    . A   A 1 40 ? -7.965  10.194  -5.487  1.00 43.33  ? 40  A   A N6    1 
ATOM   836  N  N1    . A   A 1 40 ? -6.701  10.217  -7.423  1.00 31.49  ? 40  A   A N1    1 
ATOM   837  C  C2    . A   A 1 40 ? -6.577  9.895   -8.715  1.00 41.44  ? 40  A   A C2    1 
ATOM   838  N  N3    . A   A 1 40 ? -7.434  9.253   -9.505  1.00 40.34  ? 40  A   A N3    1 
ATOM   839  C  C4    . A   A 1 40 ? -8.551  8.928   -8.832  1.00 30.52  ? 40  A   A C4    1 
ATOM   840  P  P     . A   A 1 41 ? -12.668 3.757   -10.497 1.00 50.87  ? 41  A   A P     1 
ATOM   841  O  OP1   . A   A 1 41 ? -12.829 2.551   -11.350 1.00 53.70  ? 41  A   A OP1   1 
ATOM   842  O  OP2   . A   A 1 41 ? -13.880 4.378   -9.905  1.00 61.97  ? 41  A   A OP2   1 
ATOM   843  O  "O5'" . A   A 1 41 ? -11.649 3.438   -9.315  1.00 57.77  ? 41  A   A "O5'" 1 
ATOM   844  C  "C5'" . A   A 1 41 ? -10.335 2.974   -9.592  1.00 45.05  ? 41  A   A "C5'" 1 
ATOM   845  C  "C4'" . A   A 1 41 ? -10.320 1.484   -9.782  1.00 41.13  ? 41  A   A "C4'" 1 
ATOM   846  O  "O4'" . A   A 1 41 ? -9.068  1.078   -10.400 1.00 37.86  ? 41  A   A "O4'" 1 
ATOM   847  C  "C3'" . A   A 1 41 ? -10.439 0.676   -8.499  1.00 44.88  ? 41  A   A "C3'" 1 
ATOM   848  O  "O3'" . A   A 1 41 ? -11.120 -0.531  -8.820  1.00 50.99  ? 41  A   A "O3'" 1 
ATOM   849  C  "C2'" . A   A 1 41 ? -8.980  0.371   -8.177  1.00 31.82  ? 41  A   A "C2'" 1 
ATOM   850  O  "O2'" . A   A 1 41 ? -8.781  -0.740  -7.332  1.00 42.87  ? 41  A   A "O2'" 1 
ATOM   851  C  "C1'" . A   A 1 41 ? -8.429  0.127   -9.574  1.00 39.67  ? 41  A   A "C1'" 1 
ATOM   852  N  N9    . A   A 1 41 ? -6.982  0.286   -9.725  1.00 29.24  ? 41  A   A N9    1 
ATOM   853  C  C8    . A   A 1 41 ? -6.067  0.955   -8.952  1.00 29.12  ? 41  A   A C8    1 
ATOM   854  N  N7    . A   A 1 41 ? -4.841  0.883   -9.422  1.00 34.26  ? 41  A   A N7    1 
ATOM   855  C  C5    . A   A 1 41 ? -4.965  0.123   -10.578 1.00 25.59  ? 41  A   A C5    1 
ATOM   856  C  C6    . A   A 1 41 ? -4.045  -0.322  -11.543 1.00 29.92  ? 41  A   A C6    1 
ATOM   857  N  N6    . A   A 1 41 ? -2.740  -0.051  -11.500 1.00 28.06  ? 41  A   A N6    1 
ATOM   858  N  N1    . A   A 1 41 ? -4.515  -1.065  -12.571 1.00 29.28  ? 41  A   A N1    1 
ATOM   859  C  C2    . A   A 1 41 ? -5.824  -1.341  -12.622 1.00 30.06  ? 41  A   A C2    1 
ATOM   860  N  N3    . A   A 1 41 ? -6.784  -0.981  -11.776 1.00 32.56  ? 41  A   A N3    1 
ATOM   861  C  C4    . A   A 1 41 ? -6.280  -0.246  -10.773 1.00 27.30  ? 41  A   A C4    1 
ATOM   862  P  P     . G   A 1 42 ? -11.930 -1.347  -7.704  1.00 61.80  ? 42  G   A P     1 
ATOM   863  O  OP1   . G   A 1 42 ? -13.268 -1.629  -8.286  1.00 54.62  ? 42  G   A OP1   1 
ATOM   864  O  OP2   . G   A 1 42 ? -11.845 -0.638  -6.403  1.00 64.71  ? 42  G   A OP2   1 
ATOM   865  O  "O5'" . G   A 1 42 ? -11.107 -2.708  -7.605  1.00 78.51  ? 42  G   A "O5'" 1 
ATOM   866  C  "C5'" . G   A 1 42 ? -11.645 -3.900  -8.143  1.00 60.86  ? 42  G   A "C5'" 1 
ATOM   867  C  "C4'" . G   A 1 42 ? -10.727 -4.608  -9.119  1.00 49.93  ? 42  G   A "C4'" 1 
ATOM   868  O  "O4'" . G   A 1 42 ? -9.827  -3.714  -9.834  1.00 45.80  ? 42  G   A "O4'" 1 
ATOM   869  C  "C3'" . G   A 1 42 ? -9.779  -5.643  -8.563  1.00 36.64  ? 42  G   A "C3'" 1 
ATOM   870  O  "O3'" . G   A 1 42 ? -10.427 -6.802  -8.069  1.00 34.24  ? 42  G   A "O3'" 1 
ATOM   871  C  "C2'" . G   A 1 42 ? -8.878  -5.898  -9.767  1.00 43.64  ? 42  G   A "C2'" 1 
ATOM   872  O  "O2'" . G   A 1 42 ? -9.547  -6.695  -10.730 1.00 41.74  ? 42  G   A "O2'" 1 
ATOM   873  C  "C1'" . G   A 1 42 ? -8.738  -4.483  -10.337 1.00 35.40  ? 42  G   A "C1'" 1 
ATOM   874  N  N9    . G   A 1 42 ? -7.423  -3.896  -9.993  1.00 26.84  ? 42  G   A N9    1 
ATOM   875  C  C8    . G   A 1 42 ? -7.058  -3.033  -8.989  1.00 32.65  ? 42  G   A C8    1 
ATOM   876  N  N7    . G   A 1 42 ? -5.777  -2.758  -8.990  1.00 33.80  ? 42  G   A N7    1 
ATOM   877  C  C5    . G   A 1 42 ? -5.255  -3.492  -10.048 1.00 22.47  ? 42  G   A C5    1 
ATOM   878  C  C6    . G   A 1 42 ? -3.926  -3.597  -10.545 1.00 25.16  ? 42  G   A C6    1 
ATOM   879  O  O6    . G   A 1 42 ? -2.905  -3.043  -10.130 1.00 27.81  ? 42  G   A O6    1 
ATOM   880  N  N1    . G   A 1 42 ? -3.834  -4.455  -11.635 1.00 21.18  ? 42  G   A N1    1 
ATOM   881  C  C2    . G   A 1 42 ? -4.898  -5.126  -12.184 1.00 26.27  ? 42  G   A C2    1 
ATOM   882  N  N2    . G   A 1 42 ? -4.612  -5.910  -13.235 1.00 22.05  ? 42  G   A N2    1 
ATOM   883  N  N3    . G   A 1 42 ? -6.143  -5.035  -11.734 1.00 22.63  ? 42  G   A N3    1 
ATOM   884  C  C4    . G   A 1 42 ? -6.255  -4.204  -10.669 1.00 25.82  ? 42  G   A C4    1 
ATOM   885  P  P     . U   A 1 43 ? -9.756  -7.646  -6.876  1.00 37.51  ? 43  U   A P     1 
ATOM   886  O  OP1   . U   A 1 43 ? -10.774 -8.589  -6.353  1.00 45.85  ? 43  U   A OP1   1 
ATOM   887  O  OP2   . U   A 1 43 ? -9.074  -6.713  -5.942  1.00 33.26  ? 43  U   A OP2   1 
ATOM   888  O  "O5'" . U   A 1 43 ? -8.631  -8.499  -7.609  1.00 48.93  ? 43  U   A "O5'" 1 
ATOM   889  C  "C5'" . U   A 1 43 ? -8.913  -9.185  -8.820  1.00 30.17  ? 43  U   A "C5'" 1 
ATOM   890  C  "C4'" . U   A 1 43 ? -7.659  -9.731  -9.447  1.00 24.49  ? 43  U   A "C4'" 1 
ATOM   891  O  "O4'" . U   A 1 43 ? -6.897  -8.671  -10.082 1.00 24.54  ? 43  U   A "O4'" 1 
ATOM   892  C  "C3'" . U   A 1 43 ? -6.674  -10.354 -8.484  1.00 21.17  ? 43  U   A "C3'" 1 
ATOM   893  O  "O3'" . U   A 1 43 ? -7.063  -11.653 -8.072  1.00 40.60  ? 43  U   A "O3'" 1 
ATOM   894  C  "C2'" . U   A 1 43 ? -5.371  -10.307 -9.273  1.00 25.85  ? 43  U   A "C2'" 1 
ATOM   895  O  "O2'" . U   A 1 43 ? -5.327  -11.357 -10.227 1.00 23.94  ? 43  U   A "O2'" 1 
ATOM   896  C  "C1'" . U   A 1 43 ? -5.518  -8.975  -10.020 1.00 25.68  ? 43  U   A "C1'" 1 
ATOM   897  N  N1    . U   A 1 43 ? -4.814  -7.864  -9.343  1.00 27.46  ? 43  U   A N1    1 
ATOM   898  C  C2    . U   A 1 43 ? -3.508  -7.611  -9.716  1.00 27.29  ? 43  U   A C2    1 
ATOM   899  O  O2    . U   A 1 43 ? -2.931  -8.265  -10.566 1.00 34.27  ? 43  U   A O2    1 
ATOM   900  N  N3    . U   A 1 43 ? -2.904  -6.569  -9.061  1.00 17.02  ? 43  U   A N3    1 
ATOM   901  C  C4    . U   A 1 43 ? -3.465  -5.774  -8.083  1.00 16.24  ? 43  U   A C4    1 
ATOM   902  O  O4    . U   A 1 43 ? -2.805  -4.871  -7.570  1.00 24.16  ? 43  U   A O4    1 
ATOM   903  C  C5    . U   A 1 43 ? -4.817  -6.094  -7.752  1.00 17.48  ? 43  U   A C5    1 
ATOM   904  C  C6    . U   A 1 43 ? -5.431  -7.102  -8.379  1.00 26.97  ? 43  U   A C6    1 
ATOM   905  P  P     . G   A 1 44 ? -6.441  -12.296 -6.739  1.00 38.48  ? 44  G   A P     1 
ATOM   906  O  OP1   . G   A 1 44 ? -7.306  -13.437 -6.351  1.00 43.81  ? 44  G   A OP1   1 
ATOM   907  O  OP2   . G   A 1 44 ? -6.149  -11.212 -5.770  1.00 28.74  ? 44  G   A OP2   1 
ATOM   908  O  "O5'" . G   A 1 44 ? -5.050  -12.884 -7.238  1.00 37.68  ? 44  G   A "O5'" 1 
ATOM   909  C  "C5'" . G   A 1 44 ? -3.880  -12.753 -6.457  1.00 24.84  ? 44  G   A "C5'" 1 
ATOM   910  C  "C4'" . G   A 1 44 ? -2.649  -12.780 -7.318  1.00 25.84  ? 44  G   A "C4'" 1 
ATOM   911  O  "O4'" . G   A 1 44 ? -2.588  -11.569 -8.121  1.00 42.54  ? 44  G   A "O4'" 1 
ATOM   912  C  "C3'" . G   A 1 44 ? -1.338  -12.794 -6.554  1.00 26.74  ? 44  G   A "C3'" 1 
ATOM   913  O  "O3'" . G   A 1 44 ? -0.968  -14.100 -6.160  1.00 44.72  ? 44  G   A "O3'" 1 
ATOM   914  C  "C2'" . G   A 1 44 ? -0.369  -12.152 -7.534  1.00 33.81  ? 44  G   A "C2'" 1 
ATOM   915  O  "O2'" . G   A 1 44 ? 0.021   -13.089 -8.524  1.00 41.65  ? 44  G   A "O2'" 1 
ATOM   916  C  "C1'" . G   A 1 44 ? -1.260  -11.102 -8.193  1.00 24.75  ? 44  G   A "C1'" 1 
ATOM   917  N  N9    . G   A 1 44 ? -1.202  -9.811  -7.485  1.00 31.91  ? 44  G   A N9    1 
ATOM   918  C  C8    . G   A 1 44 ? -2.235  -9.194  -6.817  1.00 19.30  ? 44  G   A C8    1 
ATOM   919  N  N7    . G   A 1 44 ? -1.883  -8.057  -6.278  1.00 27.44  ? 44  G   A N7    1 
ATOM   920  C  C5    . G   A 1 44 ? -0.541  -7.915  -6.609  1.00 23.14  ? 44  G   A C5    1 
ATOM   921  C  C6    . G   A 1 44 ? 0.385   -6.887  -6.305  1.00 19.65  ? 44  G   A C6    1 
ATOM   922  O  O6    . G   A 1 44 ? 0.215   -5.848  -5.664  1.00 26.19  ? 44  G   A O6    1 
ATOM   923  N  N1    . G   A 1 44 ? 1.636   -7.159  -6.837  1.00 22.25  ? 44  G   A N1    1 
ATOM   924  C  C2    . G   A 1 44 ? 1.961   -8.268  -7.573  1.00 27.04  ? 44  G   A C2    1 
ATOM   925  N  N2    . G   A 1 44 ? 3.226   -8.356  -8.005  1.00 27.62  ? 44  G   A N2    1 
ATOM   926  N  N3    . G   A 1 44 ? 1.112   -9.229  -7.864  1.00 26.02  ? 44  G   A N3    1 
ATOM   927  C  C4    . G   A 1 44 ? -0.109  -8.989  -7.354  1.00 20.93  ? 44  G   A C4    1 
ATOM   928  P  P     . G   A 1 45 ? -0.540  -14.402 -4.643  1.00 37.11  ? 45  G   A P     1 
ATOM   929  O  OP1   . G   A 1 45 ? -0.121  -15.822 -4.574  1.00 40.65  ? 45  G   A OP1   1 
ATOM   930  O  OP2   . G   A 1 45 ? -1.608  -13.900 -3.740  1.00 34.61  ? 45  G   A OP2   1 
ATOM   931  O  "O5'" . G   A 1 45 ? 0.764   -13.518 -4.436  1.00 43.74  ? 45  G   A "O5'" 1 
ATOM   932  C  "C5'" . G   A 1 45 ? 1.897   -13.664 -5.284  1.00 37.18  ? 45  G   A "C5'" 1 
ATOM   933  C  "C4'" . G   A 1 45 ? 2.889   -12.553 -5.054  1.00 40.80  ? 45  G   A "C4'" 1 
ATOM   934  O  "O4'" . G   A 1 45 ? 2.326   -11.292 -5.498  1.00 43.63  ? 45  G   A "O4'" 1 
ATOM   935  C  "C3'" . G   A 1 45 ? 3.260   -12.317 -3.598  1.00 35.08  ? 45  G   A "C3'" 1 
ATOM   936  O  "O3'" . G   A 1 45 ? 4.309   -13.178 -3.191  1.00 52.75  ? 45  G   A "O3'" 1 
ATOM   937  C  "C2'" . G   A 1 45 ? 3.634   -10.840 -3.569  1.00 34.19  ? 45  G   A "C2'" 1 
ATOM   938  O  "O2'" . G   A 1 45 ? 4.963   -10.647 -4.024  1.00 45.43  ? 45  G   A "O2'" 1 
ATOM   939  C  "C1'" . G   A 1 45 ? 2.674   -10.257 -4.605  1.00 32.35  ? 45  G   A "C1'" 1 
ATOM   940  N  N9    . G   A 1 45 ? 1.424   -9.749  -4.011  1.00 28.77  ? 45  G   A N9    1 
ATOM   941  C  C8    . G   A 1 45 ? 0.250   -10.455 -3.922  1.00 24.09  ? 45  G   A C8    1 
ATOM   942  N  N7    . G   A 1 45 ? -0.719  -9.782  -3.371  1.00 26.42  ? 45  G   A N7    1 
ATOM   943  C  C5    . G   A 1 45 ? -0.153  -8.550  -3.085  1.00 27.49  ? 45  G   A C5    1 
ATOM   944  C  C6    . G   A 1 45 ? -0.729  -7.403  -2.482  1.00 22.95  ? 45  G   A C6    1 
ATOM   945  O  O6    . G   A 1 45 ? -1.883  -7.248  -2.070  1.00 31.41  ? 45  G   A O6    1 
ATOM   946  N  N1    . G   A 1 45 ? 0.188   -6.367  -2.379  1.00 22.08  ? 45  G   A N1    1 
ATOM   947  C  C2    . G   A 1 45 ? 1.492   -6.425  -2.802  1.00 27.35  ? 45  G   A C2    1 
ATOM   948  N  N2    . G   A 1 45 ? 2.224   -5.319  -2.614  1.00 21.25  ? 45  G   A N2    1 
ATOM   949  N  N3    . G   A 1 45 ? 2.040   -7.488  -3.368  1.00 34.91  ? 45  G   A N3    1 
ATOM   950  C  C4    . G   A 1 45 ? 1.167   -8.509  -3.478  1.00 17.53  ? 45  G   A C4    1 
ATOM   951  P  P     . A   A 1 46 ? 4.653   -13.410 -1.640  1.00 51.97  ? 46  A   A P     1 
ATOM   952  O  OP1   . A   A 1 46 ? 4.371   -14.833 -1.330  1.00 55.95  ? 46  A   A OP1   1 
ATOM   953  O  OP2   . A   A 1 46 ? 4.026   -12.352 -0.813  1.00 42.14  ? 46  A   A OP2   1 
ATOM   954  O  "O5'" . A   A 1 46 ? 6.230   -13.207 -1.600  1.00 71.50  ? 46  A   A "O5'" 1 
ATOM   955  C  "C5'" . A   A 1 46 ? 7.028   -13.551 -2.725  1.00 42.91  ? 46  A   A "C5'" 1 
ATOM   956  C  "C4'" . A   A 1 46 ? 8.342   -12.814 -2.725  1.00 44.36  ? 46  A   A "C4'" 1 
ATOM   957  O  "O4'" . A   A 1 46 ? 8.183   -11.495 -3.311  1.00 48.89  ? 46  A   A "O4'" 1 
ATOM   958  C  "C3'" . A   A 1 46 ? 8.951   -12.538 -1.362  1.00 47.53  ? 46  A   A "C3'" 1 
ATOM   959  O  "O3'" . A   A 1 46 ? 9.615   -13.667 -0.823  1.00 58.29  ? 46  A   A "O3'" 1 
ATOM   960  C  "C2'" . A   A 1 46 ? 9.875   -11.363 -1.649  1.00 44.73  ? 46  A   A "C2'" 1 
ATOM   961  O  "O2'" . A   A 1 46 ? 11.063  -11.809 -2.282  1.00 46.78  ? 46  A   A "O2'" 1 
ATOM   962  C  "C1'" . A   A 1 46 ? 9.047   -10.579 -2.664  1.00 45.10  ? 46  A   A "C1'" 1 
ATOM   963  N  N9    . A   A 1 46 ? 8.217   -9.544  -2.016  1.00 46.56  ? 46  A   A N9    1 
ATOM   964  C  C8    . A   A 1 46 ? 6.892   -9.650  -1.681  1.00 43.96  ? 46  A   A C8    1 
ATOM   965  N  N7    . A   A 1 46 ? 6.399   -8.576  -1.119  1.00 36.54  ? 46  A   A N7    1 
ATOM   966  C  C5    . A   A 1 46 ? 7.473   -7.700  -1.077  1.00 31.27  ? 46  A   A C5    1 
ATOM   967  C  C6    . A   A 1 46 ? 7.590   -6.385  -0.594  1.00 30.40  ? 46  A   A C6    1 
ATOM   968  N  N6    . A   A 1 46 ? 6.579   -5.708  -0.044  1.00 26.58  ? 46  A   A N6    1 
ATOM   969  N  N1    . A   A 1 46 ? 8.793   -5.781  -0.697  1.00 32.72  ? 46  A   A N1    1 
ATOM   970  C  C2    . A   A 1 46 ? 9.801   -6.470  -1.249  1.00 40.70  ? 46  A   A C2    1 
ATOM   971  N  N3    . A   A 1 46 ? 9.813   -7.709  -1.741  1.00 39.90  ? 46  A   A N3    1 
ATOM   972  C  C4    . A   A 1 46 ? 8.602   -8.281  -1.624  1.00 38.19  ? 46  A   A C4    1 
ATOM   973  P  P     . G   A 1 47 ? 9.885   -13.767 0.756   1.00 61.46  ? 47  G   A P     1 
ATOM   974  O  OP1   . G   A 1 47 ? 10.417  -15.122 1.050   1.00 77.97  ? 47  G   A OP1   1 
ATOM   975  O  OP2   . G   A 1 47 ? 8.667   -13.286 1.456   1.00 65.12  ? 47  G   A OP2   1 
ATOM   976  O  "O5'" . G   A 1 47 ? 11.068  -12.730 0.992   1.00 58.79  ? 47  G   A "O5'" 1 
ATOM   977  C  "C5'" . G   A 1 47 ? 11.084  -11.860 2.113   1.00 46.69  ? 47  G   A "C5'" 1 
ATOM   978  C  "C4'" . G   A 1 47 ? 11.968  -10.670 1.849   1.00 37.97  ? 47  G   A "C4'" 1 
ATOM   979  O  "O4'" . G   A 1 47 ? 11.256  -9.708  1.028   1.00 37.67  ? 47  G   A "O4'" 1 
ATOM   980  C  "C3'" . G   A 1 47 ? 12.403  -9.867  3.066   1.00 41.94  ? 47  G   A "C3'" 1 
ATOM   981  O  "O3'" . G   A 1 47 ? 13.508  -10.449 3.736   1.00 44.58  ? 47  G   A "O3'" 1 
ATOM   982  C  "C2'" . G   A 1 47 ? 12.708  -8.502  2.466   1.00 32.10  ? 47  G   A "C2'" 1 
ATOM   983  O  "O2'" . G   A 1 47 ? 13.969  -8.516  1.818   1.00 44.19  ? 47  G   A "O2'" 1 
ATOM   984  C  "C1'" . G   A 1 47 ? 11.626  -8.396  1.393   1.00 34.75  ? 47  G   A "C1'" 1 
ATOM   985  N  N9    . G   A 1 47 ? 10.423  -7.694  1.882   1.00 39.45  ? 47  G   A N9    1 
ATOM   986  C  C8    . G   A 1 47 ? 9.173   -8.241  2.042   1.00 31.46  ? 47  G   A C8    1 
ATOM   987  N  N7    . G   A 1 47 ? 8.295   -7.389  2.490   1.00 28.52  ? 47  G   A N7    1 
ATOM   988  C  C5    . G   A 1 47 ? 9.004   -6.207  2.633   1.00 30.10  ? 47  G   A C5    1 
ATOM   989  C  C6    . G   A 1 47 ? 8.578   -4.932  3.083   1.00 31.59  ? 47  G   A C6    1 
ATOM   990  O  O6    . G   A 1 47 ? 7.453   -4.585  3.458   1.00 27.36  ? 47  G   A O6    1 
ATOM   991  N  N1    . G   A 1 47 ? 9.622   -4.015  3.079   1.00 32.86  ? 47  G   A N1    1 
ATOM   992  C  C2    . G   A 1 47 ? 10.909  -4.286  2.684   1.00 27.71  ? 47  G   A C2    1 
ATOM   993  N  N2    . G   A 1 47 ? 11.774  -3.267  2.746   1.00 28.58  ? 47  G   A N2    1 
ATOM   994  N  N3    . G   A 1 47 ? 11.317  -5.467  2.259   1.00 23.05  ? 47  G   A N3    1 
ATOM   995  C  C4    . G   A 1 47 ? 10.321  -6.375  2.261   1.00 21.58  ? 47  G   A C4    1 
ATOM   996  P  P     . G   A 1 48 ? 13.590  -10.436 5.342   1.00 46.50  ? 48  G   A P     1 
ATOM   997  O  OP1   . G   A 1 48 ? 14.621  -11.422 5.748   1.00 57.03  ? 48  G   A OP1   1 
ATOM   998  O  OP2   . G   A 1 48 ? 12.214  -10.533 5.898   1.00 39.23  ? 48  G   A OP2   1 
ATOM   999  O  "O5'" . G   A 1 48 ? 14.162  -8.990  5.681   1.00 53.09  ? 48  G   A "O5'" 1 
ATOM   1000 C  "C5'" . G   A 1 48 ? 15.503  -8.644  5.375   1.00 38.86  ? 48  G   A "C5'" 1 
ATOM   1001 C  "C4'" . G   A 1 48 ? 15.809  -7.220  5.766   1.00 39.47  ? 48  G   A "C4'" 1 
ATOM   1002 O  "O4'" . G   A 1 48 ? 15.093  -6.301  4.895   1.00 42.06  ? 48  G   A "O4'" 1 
ATOM   1003 C  "C3'" . G   A 1 48 ? 15.383  -6.796  7.162   1.00 35.37  ? 48  G   A "C3'" 1 
ATOM   1004 O  "O3'" . G   A 1 48 ? 16.258  -7.240  8.185   1.00 35.48  ? 48  G   A "O3'" 1 
ATOM   1005 C  "C2'" . G   A 1 48 ? 15.308  -5.283  7.021   1.00 42.31  ? 48  G   A "C2'" 1 
ATOM   1006 O  "O2'" . G   A 1 48 ? 16.612  -4.718  6.998   1.00 42.94  ? 48  G   A "O2'" 1 
ATOM   1007 C  "C1'" . G   A 1 48 ? 14.702  -5.157  5.627   1.00 30.76  ? 48  G   A "C1'" 1 
ATOM   1008 N  N9    . G   A 1 48 ? 13.229  -5.135  5.694   1.00 36.51  ? 48  G   A N9    1 
ATOM   1009 C  C8    . G   A 1 48 ? 12.374  -6.166  5.393   1.00 38.85  ? 48  G   A C8    1 
ATOM   1010 N  N7    . G   A 1 48 ? 11.118  -5.847  5.562   1.00 43.89  ? 48  G   A N7    1 
ATOM   1011 C  C5    . G   A 1 48 ? 11.147  -4.535  6.009   1.00 20.43  ? 48  G   A C5    1 
ATOM   1012 C  C6    . G   A 1 48 ? 10.087  -3.659  6.357   1.00 19.47  ? 48  G   A C6    1 
ATOM   1013 O  O6    . G   A 1 48 ? 8.872   -3.874  6.342   1.00 33.02  ? 48  G   A O6    1 
ATOM   1014 N  N1    . G   A 1 48 ? 10.554  -2.416  6.760   1.00 20.53  ? 48  G   A N1    1 
ATOM   1015 C  C2    . G   A 1 48 ? 11.877  -2.057  6.816   1.00 19.64  ? 48  G   A C2    1 
ATOM   1016 N  N2    . G   A 1 48 ? 12.122  -0.810  7.232   1.00 19.60  ? 48  G   A N2    1 
ATOM   1017 N  N3    . G   A 1 48 ? 12.879  -2.861  6.491   1.00 20.71  ? 48  G   A N3    1 
ATOM   1018 C  C4    . G   A 1 48 ? 12.445  -4.079  6.099   1.00 21.51  ? 48  G   A C4    1 
ATOM   1019 P  P     . G   A 1 49 ? 15.693  -7.535  9.660   1.00 38.77  ? 49  G   A P     1 
ATOM   1020 O  OP1   . G   A 1 49 ? 16.842  -7.941  10.506  1.00 40.38  ? 49  G   A OP1   1 
ATOM   1021 O  OP2   . G   A 1 49 ? 14.511  -8.424  9.557   1.00 49.19  ? 49  G   A OP2   1 
ATOM   1022 O  "O5'" . G   A 1 49 ? 15.181  -6.117  10.168  1.00 44.79  ? 49  G   A "O5'" 1 
ATOM   1023 C  "C5'" . G   A 1 49 ? 16.104  -5.106  10.537  1.00 35.03  ? 49  G   A "C5'" 1 
ATOM   1024 C  "C4'" . G   A 1 49 ? 15.399  -3.864  11.013  1.00 29.69  ? 49  G   A "C4'" 1 
ATOM   1025 O  "O4'" . G   A 1 49 ? 14.550  -3.348  9.953   1.00 28.17  ? 49  G   A "O4'" 1 
ATOM   1026 C  "C3'" . G   A 1 49 ? 14.442  -4.037  12.182  1.00 25.65  ? 49  G   A "C3'" 1 
ATOM   1027 O  "O3'" . G   A 1 49 ? 15.089  -4.121  13.439  1.00 30.69  ? 49  G   A "O3'" 1 
ATOM   1028 C  "C2'" . G   A 1 49 ? 13.536  -2.826  12.034  1.00 20.57  ? 49  G   A "C2'" 1 
ATOM   1029 O  "O2'" . G   A 1 49 ? 14.190  -1.650  12.483  1.00 31.38  ? 49  G   A "O2'" 1 
ATOM   1030 C  "C1'" . G   A 1 49 ? 13.396  -2.753  10.516  1.00 27.05  ? 49  G   A "C1'" 1 
ATOM   1031 N  N9    . G   A 1 49 ? 12.203  -3.494  10.068  1.00 23.99  ? 49  G   A N9    1 
ATOM   1032 C  C8    . G   A 1 49 ? 12.116  -4.730  9.478   1.00 27.66  ? 49  G   A C8    1 
ATOM   1033 N  N7    . G   A 1 49 ? 10.881  -5.088  9.238   1.00 23.98  ? 49  G   A N7    1 
ATOM   1034 C  C5    . G   A 1 49 ? 10.112  -4.031  9.706   1.00 18.71  ? 49  G   A C5    1 
ATOM   1035 C  C6    . G   A 1 49 ? 8.705   -3.831  9.722   1.00 21.68  ? 49  G   A C6    1 
ATOM   1036 O  O6    . G   A 1 49 ? 7.812   -4.579  9.311   1.00 31.90  ? 49  G   A O6    1 
ATOM   1037 N  N1    . G   A 1 49 ? 8.363   -2.614  10.300  1.00 17.25  ? 49  G   A N1    1 
ATOM   1038 C  C2    . G   A 1 49 ? 9.258   -1.700  10.792  1.00 19.96  ? 49  G   A C2    1 
ATOM   1039 N  N2    . G   A 1 49 ? 8.743   -0.579  11.310  1.00 16.90  ? 49  G   A N2    1 
ATOM   1040 N  N3    . G   A 1 49 ? 10.569  -1.867  10.778  1.00 20.03  ? 49  G   A N3    1 
ATOM   1041 C  C4    . G   A 1 49 ? 10.918  -3.046  10.226  1.00 21.61  ? 49  G   A C4    1 
ATOM   1042 P  P     . G   A 1 50 ? 14.537  -5.127  14.563  1.00 29.49  ? 50  G   A P     1 
ATOM   1043 O  OP1   . G   A 1 50 ? 15.348  -4.901  15.785  1.00 45.64  ? 50  G   A OP1   1 
ATOM   1044 O  OP2   . G   A 1 50 ? 14.440  -6.484  13.977  1.00 36.16  ? 50  G   A OP2   1 
ATOM   1045 O  "O5'" . G   A 1 50 ? 13.059  -4.612  14.860  1.00 35.31  ? 50  G   A "O5'" 1 
ATOM   1046 C  "C5'" . G   A 1 50 ? 12.845  -3.438  15.627  1.00 28.67  ? 50  G   A "C5'" 1 
ATOM   1047 C  "C4'" . G   A 1 50 ? 11.387  -3.060  15.671  1.00 41.59  ? 50  G   A "C4'" 1 
ATOM   1048 O  "O4'" . G   A 1 50 ? 10.885  -2.900  14.318  1.00 31.58  ? 50  G   A "O4'" 1 
ATOM   1049 C  "C3'" . G   A 1 50 ? 10.440  -4.081  16.287  1.00 29.88  ? 50  G   A "C3'" 1 
ATOM   1050 O  "O3'" . G   A 1 50 ? 10.432  -4.068  17.703  1.00 34.94  ? 50  G   A "O3'" 1 
ATOM   1051 C  "C2'" . G   A 1 50 ? 9.110   -3.695  15.665  1.00 32.90  ? 50  G   A "C2'" 1 
ATOM   1052 O  "O2'" . G   A 1 50 ? 8.596   -2.520  16.274  1.00 50.46  ? 50  G   A "O2'" 1 
ATOM   1053 C  "C1'" . G   A 1 50 ? 9.548   -3.351  14.248  1.00 25.48  ? 50  G   A "C1'" 1 
ATOM   1054 N  N9    . G   A 1 50 ? 9.504   -4.540  13.379  1.00 28.57  ? 50  G   A N9    1 
ATOM   1055 C  C8    . G   A 1 50 ? 10.566  -5.320  12.993  1.00 19.22  ? 50  G   A C8    1 
ATOM   1056 N  N7    . G   A 1 50 ? 10.212  -6.312  12.222  1.00 28.04  ? 50  G   A N7    1 
ATOM   1057 C  C5    . G   A 1 50 ? 8.838   -6.183  12.096  1.00 18.68  ? 50  G   A C5    1 
ATOM   1058 C  C6    . G   A 1 50 ? 7.905   -6.965  11.377  1.00 25.14  ? 50  G   A C6    1 
ATOM   1059 O  O6    . G   A 1 50 ? 8.117   -7.968  10.683  1.00 27.69  ? 50  G   A O6    1 
ATOM   1060 N  N1    . G   A 1 50 ? 6.610   -6.478  11.529  1.00 22.16  ? 50  G   A N1    1 
ATOM   1061 C  C2    . G   A 1 50 ? 6.261   -5.377  12.270  1.00 22.07  ? 50  G   A C2    1 
ATOM   1062 N  N2    . G   A 1 50 ? 4.962   -5.056  12.296  1.00 24.41  ? 50  G   A N2    1 
ATOM   1063 N  N3    . G   A 1 50 ? 7.122   -4.640  12.941  1.00 23.14  ? 50  G   A N3    1 
ATOM   1064 C  C4    . G   A 1 50 ? 8.383   -5.097  12.809  1.00 24.28  ? 50  G   A C4    1 
ATOM   1065 P  P     . G   A 1 51 ? 10.065  -5.405  18.521  1.00 39.24  ? 51  G   A P     1 
ATOM   1066 O  OP1   . G   A 1 51 ? 10.128  -5.073  19.969  1.00 46.58  ? 51  G   A OP1   1 
ATOM   1067 O  OP2   . G   A 1 51 ? 10.893  -6.516  17.990  1.00 38.54  ? 51  G   A OP2   1 
ATOM   1068 O  "O5'" . G   A 1 51 ? 8.547   -5.701  18.130  1.00 45.62  ? 51  G   A "O5'" 1 
ATOM   1069 C  "C5'" . G   A 1 51 ? 7.496   -4.870  18.603  1.00 46.54  ? 51  G   A "C5'" 1 
ATOM   1070 C  "C4'" . G   A 1 51 ? 6.178   -5.156  17.920  1.00 46.83  ? 51  G   A "C4'" 1 
ATOM   1071 O  "O4'" . G   A 1 51 ? 6.336   -5.163  16.474  1.00 51.47  ? 51  G   A "O4'" 1 
ATOM   1072 C  "C3'" . G   A 1 51 ? 5.531   -6.499  18.205  1.00 47.16  ? 51  G   A "C3'" 1 
ATOM   1073 O  "O3'" . G   A 1 51 ? 4.905   -6.571  19.475  1.00 61.58  ? 51  G   A "O3'" 1 
ATOM   1074 C  "C2'" . G   A 1 51 ? 4.562   -6.632  17.041  1.00 39.85  ? 51  G   A "C2'" 1 
ATOM   1075 O  "O2'" . G   A 1 51 ? 3.441   -5.785  17.233  1.00 43.14  ? 51  G   A "O2'" 1 
ATOM   1076 C  "C1'" . G   A 1 51 ? 5.400   -6.059  15.901  1.00 42.98  ? 51  G   A "C1'" 1 
ATOM   1077 N  N9    . G   A 1 51 ? 6.122   -7.125  15.176  1.00 34.44  ? 51  G   A N9    1 
ATOM   1078 C  C8    . G   A 1 51 ? 7.451   -7.456  15.273  1.00 27.57  ? 51  G   A C8    1 
ATOM   1079 N  N7    . G   A 1 51 ? 7.784   -8.460  14.504  1.00 41.27  ? 51  G   A N7    1 
ATOM   1080 C  C5    . G   A 1 51 ? 6.606   -8.821  13.862  1.00 29.80  ? 51  G   A C5    1 
ATOM   1081 C  C6    . G   A 1 51 ? 6.337   -9.841  12.906  1.00 33.75  ? 51  G   A C6    1 
ATOM   1082 O  O6    . G   A 1 51 ? 7.108   -10.672 12.408  1.00 36.99  ? 51  G   A O6    1 
ATOM   1083 N  N1    . G   A 1 51 ? 5.000   -9.845  12.525  1.00 29.26  ? 51  G   A N1    1 
ATOM   1084 C  C2    . G   A 1 51 ? 4.041   -8.984  13.000  1.00 28.47  ? 51  G   A C2    1 
ATOM   1085 N  N2    . G   A 1 51 ? 2.800   -9.140  12.519  1.00 25.99  ? 51  G   A N2    1 
ATOM   1086 N  N3    . G   A 1 51 ? 4.277   -8.033  13.885  1.00 31.08  ? 51  G   A N3    1 
ATOM   1087 C  C4    . G   A 1 51 ? 5.572   -8.007  14.271  1.00 27.88  ? 51  G   A C4    1 
ATOM   1088 P  P     . C   A 1 52 ? 4.837   -7.972  20.259  1.00 49.83  ? 52  C   A P     1 
ATOM   1089 O  OP1   . C   A 1 52 ? 4.342   -7.699  21.631  1.00 64.35  ? 52  C   A OP1   1 
ATOM   1090 O  OP2   . C   A 1 52 ? 6.141   -8.659  20.081  1.00 62.21  ? 52  C   A OP2   1 
ATOM   1091 O  "O5'" . C   A 1 52 ? 3.732   -8.809  19.475  1.00 49.42  ? 52  C   A "O5'" 1 
ATOM   1092 C  "C5'" . C   A 1 52 ? 2.407   -8.317  19.338  1.00 35.94  ? 52  C   A "C5'" 1 
ATOM   1093 C  "C4'" . C   A 1 52 ? 1.606   -9.119  18.343  1.00 43.66  ? 52  C   A "C4'" 1 
ATOM   1094 O  "O4'" . C   A 1 52 ? 2.209   -9.038  17.024  1.00 38.29  ? 52  C   A "O4'" 1 
ATOM   1095 C  "C3'" . C   A 1 52 ? 1.503   -10.613 18.600  1.00 34.06  ? 52  C   A "C3'" 1 
ATOM   1096 O  "O3'" . C   A 1 52 ? 0.558   -10.939 19.607  1.00 39.07  ? 52  C   A "O3'" 1 
ATOM   1097 C  "C2'" . C   A 1 52 ? 1.144   -11.152 17.222  1.00 38.17  ? 52  C   A "C2'" 1 
ATOM   1098 O  "O2'" . C   A 1 52 ? -0.228  -10.930 16.935  1.00 38.57  ? 52  C   A "O2'" 1 
ATOM   1099 C  "C1'" . C   A 1 52 ? 1.978   -10.244 16.320  1.00 30.79  ? 52  C   A "C1'" 1 
ATOM   1100 N  N1    . C   A 1 52 ? 3.282   -10.865 15.989  1.00 29.27  ? 52  C   A N1    1 
ATOM   1101 C  C2    . C   A 1 52 ? 3.319   -11.826 14.977  1.00 33.27  ? 52  C   A C2    1 
ATOM   1102 O  O2    . C   A 1 52 ? 2.268   -12.117 14.386  1.00 34.53  ? 52  C   A O2    1 
ATOM   1103 N  N3    . C   A 1 52 ? 4.496   -12.412 14.658  1.00 30.22  ? 52  C   A N3    1 
ATOM   1104 C  C4    . C   A 1 52 ? 5.601   -12.074 15.317  1.00 26.00  ? 52  C   A C4    1 
ATOM   1105 N  N4    . C   A 1 52 ? 6.739   -12.676 14.964  1.00 35.53  ? 52  C   A N4    1 
ATOM   1106 C  C5    . C   A 1 52 ? 5.594   -11.102 16.359  1.00 28.21  ? 52  C   A C5    1 
ATOM   1107 C  C6    . C   A 1 52 ? 4.422   -10.530 16.662  1.00 30.00  ? 52  C   A C6    1 
ATOM   1108 P  P     . G   A 1 53 ? 0.770   -12.237 20.528  1.00 44.43  ? 53  G   A P     1 
ATOM   1109 O  OP1   . G   A 1 53 ? -0.271  -12.215 21.585  1.00 55.75  ? 53  G   A OP1   1 
ATOM   1110 O  OP2   . G   A 1 53 ? 2.203   -12.331 20.898  1.00 44.21  ? 53  G   A OP2   1 
ATOM   1111 O  "O5'" . G   A 1 53 ? 0.424   -13.447 19.558  1.00 48.59  ? 53  G   A "O5'" 1 
ATOM   1112 C  "C5'" . G   A 1 53 ? -0.883  -13.584 19.032  1.00 47.55  ? 53  G   A "C5'" 1 
ATOM   1113 C  "C4'" . G   A 1 53 ? -0.943  -14.613 17.935  1.00 45.01  ? 53  G   A "C4'" 1 
ATOM   1114 O  "O4'" . G   A 1 53 ? -0.095  -14.219 16.827  1.00 52.01  ? 53  G   A "O4'" 1 
ATOM   1115 C  "C3'" . G   A 1 53 ? -0.447  -16.005 18.279  1.00 44.92  ? 53  G   A "C3'" 1 
ATOM   1116 O  "O3'" . G   A 1 53 ? -1.374  -16.757 19.041  1.00 57.43  ? 53  G   A "O3'" 1 
ATOM   1117 C  "C2'" . G   A 1 53 ? -0.174  -16.587 16.901  1.00 48.22  ? 53  G   A "C2'" 1 
ATOM   1118 O  "O2'" . G   A 1 53 ? -1.393  -16.935 16.263  1.00 57.09  ? 53  G   A "O2'" 1 
ATOM   1119 C  "C1'" . G   A 1 53 ? 0.411   -15.373 16.185  1.00 39.05  ? 53  G   A "C1'" 1 
ATOM   1120 N  N9    . G   A 1 53 ? 1.887   -15.362 16.253  1.00 45.51  ? 53  G   A N9    1 
ATOM   1121 C  C8    . G   A 1 53 ? 2.689   -14.599 17.065  1.00 33.49  ? 53  G   A C8    1 
ATOM   1122 N  N7    . G   A 1 53 ? 3.966   -14.821 16.891  1.00 37.15  ? 53  G   A N7    1 
ATOM   1123 C  C5    . G   A 1 53 ? 4.013   -15.796 15.904  1.00 26.05  ? 53  G   A C5    1 
ATOM   1124 C  C6    . G   A 1 53 ? 5.123   -16.436 15.297  1.00 26.22  ? 53  G   A C6    1 
ATOM   1125 O  O6    . G   A 1 53 ? 6.327   -16.265 15.518  1.00 37.26  ? 53  G   A O6    1 
ATOM   1126 N  N1    . G   A 1 53 ? 4.720   -17.362 14.344  1.00 29.27  ? 53  G   A N1    1 
ATOM   1127 C  C2    . G   A 1 53 ? 3.418   -17.641 14.013  1.00 33.56  ? 53  G   A C2    1 
ATOM   1128 N  N2    . G   A 1 53 ? 3.233   -18.572 13.064  1.00 33.30  ? 53  G   A N2    1 
ATOM   1129 N  N3    . G   A 1 53 ? 2.376   -17.050 14.572  1.00 25.49  ? 53  G   A N3    1 
ATOM   1130 C  C4    . G   A 1 53 ? 2.741   -16.143 15.503  1.00 34.60  ? 53  G   A C4    1 
ATOM   1131 P  P     . G   A 1 54 ? -0.845  -17.874 20.066  1.00 59.43  ? 54  G   A P     1 
ATOM   1132 O  OP1   . G   A 1 54 ? -2.005  -18.388 20.832  1.00 67.33  ? 54  G   A OP1   1 
ATOM   1133 O  OP2   . G   A 1 54 ? 0.323   -17.313 20.788  1.00 54.40  ? 54  G   A OP2   1 
ATOM   1134 O  "O5'" . G   A 1 54 ? -0.318  -19.045 19.125  1.00 58.43  ? 54  G   A "O5'" 1 
ATOM   1135 C  "C5'" . G   A 1 54 ? -1.184  -19.679 18.196  1.00 55.60  ? 54  G   A "C5'" 1 
ATOM   1136 C  "C4'" . G   A 1 54 ? -0.437  -20.622 17.286  1.00 63.49  ? 54  G   A "C4'" 1 
ATOM   1137 O  "O4'" . G   A 1 54 ? 0.514   -19.892 16.468  1.00 60.07  ? 54  G   A "O4'" 1 
ATOM   1138 C  "C3'" . G   A 1 54 ? 0.412   -21.681 17.968  1.00 59.12  ? 54  G   A "C3'" 1 
ATOM   1139 O  "O3'" . G   A 1 54 ? -0.354  -22.777 18.435  1.00 71.26  ? 54  G   A "O3'" 1 
ATOM   1140 C  "C2'" . G   A 1 54 ? 1.404   -22.059 16.876  1.00 59.63  ? 54  G   A "C2'" 1 
ATOM   1141 O  "O2'" . G   A 1 54 ? 0.804   -22.944 15.942  1.00 61.80  ? 54  G   A "O2'" 1 
ATOM   1142 C  "C1'" . G   A 1 54 ? 1.631   -20.712 16.188  1.00 50.80  ? 54  G   A "C1'" 1 
ATOM   1143 N  N9    . G   A 1 54 ? 2.856   -20.039 16.664  1.00 37.91  ? 54  G   A N9    1 
ATOM   1144 C  C8    . G   A 1 54 ? 2.952   -19.031 17.594  1.00 34.21  ? 54  G   A C8    1 
ATOM   1145 N  N7    . G   A 1 54 ? 4.184   -18.647 17.798  1.00 41.16  ? 54  G   A N7    1 
ATOM   1146 C  C5    . G   A 1 54 ? 4.944   -19.446 16.951  1.00 30.46  ? 54  G   A C5    1 
ATOM   1147 C  C6    . G   A 1 54 ? 6.347   -19.483 16.739  1.00 34.97  ? 54  G   A C6    1 
ATOM   1148 O  O6    . G   A 1 54 ? 7.221   -18.790 17.274  1.00 38.25  ? 54  G   A O6    1 
ATOM   1149 N  N1    . G   A 1 54 ? 6.702   -20.444 15.798  1.00 30.10  ? 54  G   A N1    1 
ATOM   1150 C  C2    . G   A 1 54 ? 5.816   -21.266 15.142  1.00 38.20  ? 54  G   A C2    1 
ATOM   1151 N  N2    . G   A 1 54 ? 6.349   -22.132 14.266  1.00 31.24  ? 54  G   A N2    1 
ATOM   1152 N  N3    . G   A 1 54 ? 4.506   -21.240 15.333  1.00 38.37  ? 54  G   A N3    1 
ATOM   1153 C  C4    . G   A 1 54 ? 4.140   -20.313 16.246  1.00 26.22  ? 54  G   A C4    1 
HETATM 1154 MG MG    . MG  B 2 .  ? 0.419   9.485   1.615   1.00 33.15  ? 101 MG  A MG    1 
HETATM 1155 MG MG    . MG  C 2 .  ? -1.271  0.218   -7.156  1.00 62.01  ? 102 MG  A MG    1 
HETATM 1156 MG MG    . MG  D 2 .  ? 12.188  -10.673 12.999  1.00 77.07  ? 103 MG  A MG    1 
HETATM 1157 MG MG    . MG  E 2 .  ? 2.143   6.933   9.458   1.00 34.19  ? 104 MG  A MG    1 
HETATM 1158 MG MG    . MG  F 2 .  ? 3.681   -6.771  2.913   1.00 27.93  ? 105 MG  A MG    1 
HETATM 1159 O  O     . HOH G 3 .  ? -4.504  -2.022  -6.949  1.00 32.47  ? 201 HOH A O     1 
HETATM 1160 O  O     . HOH G 3 .  ? -4.024  -3.836  -5.172  1.00 30.93  ? 202 HOH A O     1 
HETATM 1161 O  O     . HOH G 3 .  ? -1.724  -3.835  -5.082  1.00 27.74  ? 203 HOH A O     1 
HETATM 1162 O  O     . HOH G 3 .  ? -3.563  -6.411  -4.432  1.00 33.06  ? 204 HOH A O     1 
HETATM 1163 O  O     . HOH G 3 .  ? 1.347   8.200   7.889   1.00 26.54  ? 205 HOH A O     1 
HETATM 1164 O  O     . HOH G 3 .  ? 1.510   8.599   10.930  1.00 30.75  ? 206 HOH A O     1 
HETATM 1165 O  O     . HOH G 3 .  ? 2.634   6.025   11.140  1.00 32.73  ? 207 HOH A O     1 
HETATM 1166 O  O     . HOH G 3 .  ? 3.787   8.041   9.218   1.00 44.04  ? 208 HOH A O     1 
HETATM 1167 O  O     . HOH G 3 .  ? 2.657   -8.425  2.677   1.00 32.37  ? 209 HOH A O     1 
HETATM 1168 O  O     . HOH G 3 .  ? 3.428   -6.031  1.024   1.00 31.45  ? 210 HOH A O     1 
HETATM 1169 O  O     . HOH G 3 .  ? 4.808   -4.924  3.324   1.00 22.96  ? 211 HOH A O     1 
HETATM 1170 O  O     . HOH G 3 .  ? 4.197   -7.517  4.671   1.00 30.92  ? 212 HOH A O     1 
HETATM 1171 O  O     . HOH G 3 .  ? 5.322   -7.649  2.071   1.00 28.46  ? 213 HOH A O     1 
HETATM 1172 O  O     . HOH G 3 .  ? 1.996   7.829   5.122   1.00 29.96  ? 214 HOH A O     1 
HETATM 1173 O  O     . HOH G 3 .  ? 9.750   -7.462  8.193   1.00 36.68  ? 215 HOH A O     1 
HETATM 1174 O  O     . HOH G 3 .  ? 1.224   11.345  5.257   1.00 30.60  ? 216 HOH A O     1 
HETATM 1175 O  O     . HOH G 3 .  ? 1.468   -16.972 -6.505  1.00 46.23  ? 217 HOH A O     1 
HETATM 1176 O  O     . HOH G 3 .  ? 4.920   -5.572  6.962   1.00 40.06  ? 218 HOH A O     1 
HETATM 1177 O  O     . HOH G 3 .  ? 7.562   -6.147  6.886   1.00 33.71  ? 219 HOH A O     1 
HETATM 1178 O  O     . HOH G 3 .  ? 2.214   13.119  1.507   1.00 45.11  ? 220 HOH A O     1 
HETATM 1179 O  O     . HOH G 3 .  ? 9.772   -8.141  5.567   1.00 39.33  ? 221 HOH A O     1 
HETATM 1180 O  O     . HOH G 3 .  ? 11.897  -8.350  11.393  1.00 45.72  ? 222 HOH A O     1 
HETATM 1181 O  O     . HOH G 3 .  ? -2.317  -1.565  -7.882  1.00 31.18  ? 223 HOH A O     1 
HETATM 1182 O  O     . HOH G 3 .  ? -0.012  -1.312  -5.825  1.00 36.51  ? 224 HOH A O     1 
HETATM 1183 O  O     . HOH G 3 .  ? -2.242  1.425   -8.387  1.00 48.67  ? 225 HOH A O     1 
HETATM 1184 O  O     . HOH G 3 .  ? -2.425  -0.128  -5.217  1.00 42.11  ? 226 HOH A O     1 
HETATM 1185 O  O     . HOH G 3 .  ? 0.386   1.590   -5.936  1.00 49.19  ? 227 HOH A O     1 
HETATM 1186 O  O     . HOH G 3 .  ? 0.185   -0.743  -8.343  1.00 48.71  ? 228 HOH A O     1 
HETATM 1187 O  O     . HOH G 3 .  ? 10.626  -9.341  14.081  1.00 46.13  ? 229 HOH A O     1 
HETATM 1188 O  O     . HOH G 3 .  ? 12.289  -11.346 10.863  1.00 65.30  ? 230 HOH A O     1 
HETATM 1189 O  O     . HOH G 3 .  ? 12.306  -9.141  8.677   1.00 44.74  ? 231 HOH A O     1 
HETATM 1190 O  O     . HOH G 3 .  ? 3.696   -8.087  -0.872  1.00 34.98  ? 232 HOH A O     1 
HETATM 1191 O  O     . HOH G 3 .  ? 3.010   5.300   4.494   1.00 34.40  ? 233 HOH A O     1 
HETATM 1192 O  O     . HOH G 3 .  ? 4.319   0.246   3.370   1.00 32.08  ? 234 HOH A O     1 
HETATM 1193 O  O     . HOH G 3 .  ? 3.347   -2.316  2.875   1.00 51.81  ? 235 HOH A O     1 
HETATM 1194 O  O     . HOH G 3 .  ? 2.452   -3.472  0.447   1.00 39.96  ? 236 HOH A O     1 
HETATM 1195 O  O     . HOH G 3 .  ? -3.574  -10.052 -2.710  1.00 46.11  ? 237 HOH A O     1 
HETATM 1196 O  O     . HOH G 3 .  ? 5.952   -2.481  14.612  1.00 48.83  ? 238 HOH A O     1 
HETATM 1197 O  O     . HOH G 3 .  ? 3.966   -3.259  6.145   1.00 48.73  ? 239 HOH A O     1 
HETATM 1198 O  O     . HOH G 3 .  ? -8.284  -3.349  5.645   1.00 45.90  ? 240 HOH A O     1 
HETATM 1199 O  O     . HOH G 3 .  ? 13.429  2.593   -0.103  1.00 51.22  ? 241 HOH A O     1 
HETATM 1200 O  O     . HOH G 3 .  ? -4.093  17.033  -5.891  1.00 48.48  ? 242 HOH A O     1 
HETATM 1201 O  O     . HOH G 3 .  ? 8.988   -1.422  18.749  1.00 46.10  ? 243 HOH A O     1 
HETATM 1202 O  O     . HOH G 3 .  ? 9.997   -10.303 11.555  1.00 44.33  ? 244 HOH A O     1 
HETATM 1203 O  O     . HOH G 3 .  ? -1.445  9.002   1.398   1.00 21.31  ? 245 HOH A O     1 
HETATM 1204 O  O     . HOH G 3 .  ? 2.323   9.912   1.911   1.00 28.09  ? 246 HOH A O     1 
HETATM 1205 O  O     . HOH G 3 .  ? 0.804   7.328   1.703   1.00 27.55  ? 247 HOH A O     1 
HETATM 1206 O  O     . HOH G 3 .  ? 0.761   9.378   -0.398  1.00 30.67  ? 248 HOH A O     1 
HETATM 1207 O  O     . HOH G 3 .  ? -0.022  11.448  1.672   1.00 39.04  ? 249 HOH A O     1 
HETATM 1208 O  O     . HOH G 3 .  ? 0.161   9.504   3.763   1.00 22.72  ? 250 HOH A O     1 
# 
